data_1SJ1
# 
_entry.id   1SJ1 
# 
_audit_conform.dict_name       mmcif_pdbx.dic 
_audit_conform.dict_version    5.399 
_audit_conform.dict_location   http://mmcif.pdb.org/dictionaries/ascii/mmcif_pdbx.dic 
# 
loop_
_database_2.database_id 
_database_2.database_code 
_database_2.pdbx_database_accession 
_database_2.pdbx_DOI 
PDB   1SJ1         pdb_00001sj1 10.2210/pdb1sj1/pdb 
RCSB  RCSB021746   ?            ?                   
WWPDB D_1000021746 ?            ?                   
# 
loop_
_pdbx_audit_revision_history.ordinal 
_pdbx_audit_revision_history.data_content_type 
_pdbx_audit_revision_history.major_revision 
_pdbx_audit_revision_history.minor_revision 
_pdbx_audit_revision_history.revision_date 
1 'Structure model' 1 0 2004-05-25 
2 'Structure model' 1 1 2008-04-29 
3 'Structure model' 1 2 2011-07-13 
4 'Structure model' 1 3 2024-11-20 
# 
_pdbx_audit_revision_details.ordinal             1 
_pdbx_audit_revision_details.revision_ordinal    1 
_pdbx_audit_revision_details.data_content_type   'Structure model' 
_pdbx_audit_revision_details.provider            repository 
_pdbx_audit_revision_details.type                'Initial release' 
_pdbx_audit_revision_details.description         ? 
_pdbx_audit_revision_details.details             ? 
# 
loop_
_pdbx_audit_revision_group.ordinal 
_pdbx_audit_revision_group.revision_ordinal 
_pdbx_audit_revision_group.data_content_type 
_pdbx_audit_revision_group.group 
1 2 'Structure model' 'Version format compliance' 
2 3 'Structure model' 'Version format compliance' 
3 4 'Structure model' 'Data collection'           
4 4 'Structure model' 'Database references'       
5 4 'Structure model' 'Derived calculations'      
6 4 'Structure model' 'Structure summary'         
# 
loop_
_pdbx_audit_revision_category.ordinal 
_pdbx_audit_revision_category.revision_ordinal 
_pdbx_audit_revision_category.data_content_type 
_pdbx_audit_revision_category.category 
1 4 'Structure model' chem_comp_atom            
2 4 'Structure model' chem_comp_bond            
3 4 'Structure model' database_2                
4 4 'Structure model' pdbx_entry_details        
5 4 'Structure model' pdbx_modification_feature 
6 4 'Structure model' struct_conn               
7 4 'Structure model' struct_site               
# 
loop_
_pdbx_audit_revision_item.ordinal 
_pdbx_audit_revision_item.revision_ordinal 
_pdbx_audit_revision_item.data_content_type 
_pdbx_audit_revision_item.item 
1  4 'Structure model' '_database_2.pdbx_DOI'                
2  4 'Structure model' '_database_2.pdbx_database_accession' 
3  4 'Structure model' '_struct_conn.pdbx_dist_value'        
4  4 'Structure model' '_struct_conn.ptnr1_auth_asym_id'     
5  4 'Structure model' '_struct_conn.ptnr1_auth_comp_id'     
6  4 'Structure model' '_struct_conn.ptnr1_auth_seq_id'      
7  4 'Structure model' '_struct_conn.ptnr1_label_asym_id'    
8  4 'Structure model' '_struct_conn.ptnr1_label_atom_id'    
9  4 'Structure model' '_struct_conn.ptnr1_label_comp_id'    
10 4 'Structure model' '_struct_conn.ptnr1_label_seq_id'     
11 4 'Structure model' '_struct_conn.ptnr2_auth_asym_id'     
12 4 'Structure model' '_struct_conn.ptnr2_auth_comp_id'     
13 4 'Structure model' '_struct_conn.ptnr2_auth_seq_id'      
14 4 'Structure model' '_struct_conn.ptnr2_label_asym_id'    
15 4 'Structure model' '_struct_conn.ptnr2_label_atom_id'    
16 4 'Structure model' '_struct_conn.ptnr2_label_comp_id'    
17 4 'Structure model' '_struct_site.pdbx_auth_asym_id'      
18 4 'Structure model' '_struct_site.pdbx_auth_comp_id'      
19 4 'Structure model' '_struct_site.pdbx_auth_seq_id'       
# 
_pdbx_database_status.status_code                     REL 
_pdbx_database_status.entry_id                        1SJ1 
_pdbx_database_status.recvd_initial_deposition_date   2004-03-02 
_pdbx_database_status.deposit_site                    RCSB 
_pdbx_database_status.process_site                    RCSB 
_pdbx_database_status.status_code_sf                  REL 
_pdbx_database_status.SG_entry                        . 
_pdbx_database_status.pdb_format_compatible           Y 
_pdbx_database_status.status_code_mr                  ? 
_pdbx_database_status.status_code_cs                  ? 
_pdbx_database_status.status_code_nmr_data            ? 
_pdbx_database_status.methods_development_category    ? 
# 
_pdbx_database_related.db_name        PDB 
_pdbx_database_related.db_id          1SIZ 
_pdbx_database_related.details        '2.25 A orthorhombic crystal form of the same protein' 
_pdbx_database_related.content_type   unspecified 
# 
loop_
_audit_author.name 
_audit_author.pdbx_ordinal 
'Nielsen, M.S.'     1 
'Harris, P.'        2 
'Ooi, B.L.'         3 
'Christensen, H.E.' 4 
# 
_citation.id                        primary 
_citation.title                     
'The 1.5 A Resolution Crystal Structure of [Fe3S4]-Ferredoxin from the Hyperthermophilic Archaeon Pyrococcus furiosus' 
_citation.journal_abbrev            Biochemistry 
_citation.journal_volume            43 
_citation.page_first                5188 
_citation.page_last                 5194 
_citation.year                      2004 
_citation.journal_id_ASTM           BICHAW 
_citation.country                   US 
_citation.journal_id_ISSN           0006-2960 
_citation.journal_id_CSD            0033 
_citation.book_publisher            ? 
_citation.pdbx_database_id_PubMed   15122884 
_citation.pdbx_database_id_DOI      10.1021/bi049942x 
# 
loop_
_citation_author.citation_id 
_citation_author.name 
_citation_author.ordinal 
_citation_author.identifier_ORCID 
primary 'Nielsen, M.S.'       1 ? 
primary 'Harris, P.'          2 ? 
primary 'Ooi, B.L.'           3 ? 
primary 'Christensen, H.E.M.' 4 ? 
# 
loop_
_entity.id 
_entity.type 
_entity.src_method 
_entity.pdbx_description 
_entity.formula_weight 
_entity.pdbx_number_of_molecules 
_entity.pdbx_ec 
_entity.pdbx_mutation 
_entity.pdbx_fragment 
_entity.details 
1 polymer     man Ferredoxin              7171.001 2   ? ? ? ? 
2 non-polymer syn 'COBALT HEXAMMINE(III)' 161.116  4   ? ? ? ? 
3 non-polymer syn 'FE3-S4 CLUSTER'        295.795  2   ? ? ? ? 
4 water       nat water                   18.015   146 ? ? ? ? 
# 
_entity_poly.entity_id                      1 
_entity_poly.type                           'polypeptide(L)' 
_entity_poly.nstd_linkage                   no 
_entity_poly.nstd_monomer                   no 
_entity_poly.pdbx_seq_one_letter_code       AWKVSVDQDTCIGDAICASLCPDVFEMNDEGKAQPKVEVIEDEELYNCAKEAMEACPVSAITIEEA 
_entity_poly.pdbx_seq_one_letter_code_can   AWKVSVDQDTCIGDAICASLCPDVFEMNDEGKAQPKVEVIEDEELYNCAKEAMEACPVSAITIEEA 
_entity_poly.pdbx_strand_id                 A,B 
_entity_poly.pdbx_target_identifier         ? 
# 
loop_
_pdbx_entity_nonpoly.entity_id 
_pdbx_entity_nonpoly.name 
_pdbx_entity_nonpoly.comp_id 
2 'COBALT HEXAMMINE(III)' NCO 
3 'FE3-S4 CLUSTER'        F3S 
4 water                   HOH 
# 
loop_
_entity_poly_seq.entity_id 
_entity_poly_seq.num 
_entity_poly_seq.mon_id 
_entity_poly_seq.hetero 
1 1  ALA n 
1 2  TRP n 
1 3  LYS n 
1 4  VAL n 
1 5  SER n 
1 6  VAL n 
1 7  ASP n 
1 8  GLN n 
1 9  ASP n 
1 10 THR n 
1 11 CYS n 
1 12 ILE n 
1 13 GLY n 
1 14 ASP n 
1 15 ALA n 
1 16 ILE n 
1 17 CYS n 
1 18 ALA n 
1 19 SER n 
1 20 LEU n 
1 21 CYS n 
1 22 PRO n 
1 23 ASP n 
1 24 VAL n 
1 25 PHE n 
1 26 GLU n 
1 27 MET n 
1 28 ASN n 
1 29 ASP n 
1 30 GLU n 
1 31 GLY n 
1 32 LYS n 
1 33 ALA n 
1 34 GLN n 
1 35 PRO n 
1 36 LYS n 
1 37 VAL n 
1 38 GLU n 
1 39 VAL n 
1 40 ILE n 
1 41 GLU n 
1 42 ASP n 
1 43 GLU n 
1 44 GLU n 
1 45 LEU n 
1 46 TYR n 
1 47 ASN n 
1 48 CYS n 
1 49 ALA n 
1 50 LYS n 
1 51 GLU n 
1 52 ALA n 
1 53 MET n 
1 54 GLU n 
1 55 ALA n 
1 56 CYS n 
1 57 PRO n 
1 58 VAL n 
1 59 SER n 
1 60 ALA n 
1 61 ILE n 
1 62 THR n 
1 63 ILE n 
1 64 GLU n 
1 65 GLU n 
1 66 ALA n 
# 
_entity_src_gen.entity_id                          1 
_entity_src_gen.pdbx_src_id                        1 
_entity_src_gen.pdbx_alt_source_flag               sample 
_entity_src_gen.pdbx_seq_type                      ? 
_entity_src_gen.pdbx_beg_seq_num                   ? 
_entity_src_gen.pdbx_end_seq_num                   ? 
_entity_src_gen.gene_src_common_name               ? 
_entity_src_gen.gene_src_genus                     Pyrococcus 
_entity_src_gen.pdbx_gene_src_gene                 'FDXA, PF1909' 
_entity_src_gen.gene_src_species                   ? 
_entity_src_gen.gene_src_strain                    ? 
_entity_src_gen.gene_src_tissue                    ? 
_entity_src_gen.gene_src_tissue_fraction           ? 
_entity_src_gen.gene_src_details                   ? 
_entity_src_gen.pdbx_gene_src_fragment             ? 
_entity_src_gen.pdbx_gene_src_scientific_name      'Pyrococcus furiosus' 
_entity_src_gen.pdbx_gene_src_ncbi_taxonomy_id     2261 
_entity_src_gen.pdbx_gene_src_variant              ? 
_entity_src_gen.pdbx_gene_src_cell_line            ? 
_entity_src_gen.pdbx_gene_src_atcc                 ? 
_entity_src_gen.pdbx_gene_src_organ                ? 
_entity_src_gen.pdbx_gene_src_organelle            ? 
_entity_src_gen.pdbx_gene_src_cell                 ? 
_entity_src_gen.pdbx_gene_src_cellular_location    ? 
_entity_src_gen.host_org_common_name               ? 
_entity_src_gen.pdbx_host_org_scientific_name      'Escherichia coli' 
_entity_src_gen.pdbx_host_org_ncbi_taxonomy_id     562 
_entity_src_gen.host_org_genus                     Escherichia 
_entity_src_gen.pdbx_host_org_gene                 ? 
_entity_src_gen.pdbx_host_org_organ                ? 
_entity_src_gen.host_org_species                   ? 
_entity_src_gen.pdbx_host_org_tissue               ? 
_entity_src_gen.pdbx_host_org_tissue_fraction      ? 
_entity_src_gen.pdbx_host_org_strain               ? 
_entity_src_gen.pdbx_host_org_variant              ? 
_entity_src_gen.pdbx_host_org_cell_line            ? 
_entity_src_gen.pdbx_host_org_atcc                 ? 
_entity_src_gen.pdbx_host_org_culture_collection   ? 
_entity_src_gen.pdbx_host_org_cell                 ? 
_entity_src_gen.pdbx_host_org_organelle            ? 
_entity_src_gen.pdbx_host_org_cellular_location    ? 
_entity_src_gen.pdbx_host_org_vector_type          plasmid 
_entity_src_gen.pdbx_host_org_vector               ? 
_entity_src_gen.host_org_details                   ? 
_entity_src_gen.expression_system_id               ? 
_entity_src_gen.plasmid_name                       pET3a 
_entity_src_gen.plasmid_details                    ? 
_entity_src_gen.pdbx_description                   ? 
# 
loop_
_chem_comp.id 
_chem_comp.type 
_chem_comp.mon_nstd_flag 
_chem_comp.name 
_chem_comp.pdbx_synonyms 
_chem_comp.formula 
_chem_comp.formula_weight 
ALA 'L-peptide linking' y ALANINE                 ? 'C3 H7 N O2'     89.093  
ASN 'L-peptide linking' y ASPARAGINE              ? 'C4 H8 N2 O3'    132.118 
ASP 'L-peptide linking' y 'ASPARTIC ACID'         ? 'C4 H7 N O4'     133.103 
CYS 'L-peptide linking' y CYSTEINE                ? 'C3 H7 N O2 S'   121.158 
F3S non-polymer         . 'FE3-S4 CLUSTER'        ? 'Fe3 S4'         295.795 
GLN 'L-peptide linking' y GLUTAMINE               ? 'C5 H10 N2 O3'   146.144 
GLU 'L-peptide linking' y 'GLUTAMIC ACID'         ? 'C5 H9 N O4'     147.129 
GLY 'peptide linking'   y GLYCINE                 ? 'C2 H5 N O2'     75.067  
HOH non-polymer         . WATER                   ? 'H2 O'           18.015  
ILE 'L-peptide linking' y ISOLEUCINE              ? 'C6 H13 N O2'    131.173 
LEU 'L-peptide linking' y LEUCINE                 ? 'C6 H13 N O2'    131.173 
LYS 'L-peptide linking' y LYSINE                  ? 'C6 H15 N2 O2 1' 147.195 
MET 'L-peptide linking' y METHIONINE              ? 'C5 H11 N O2 S'  149.211 
NCO non-polymer         . 'COBALT HEXAMMINE(III)' ? 'Co H18 N6 3'    161.116 
PHE 'L-peptide linking' y PHENYLALANINE           ? 'C9 H11 N O2'    165.189 
PRO 'L-peptide linking' y PROLINE                 ? 'C5 H9 N O2'     115.130 
SER 'L-peptide linking' y SERINE                  ? 'C3 H7 N O3'     105.093 
THR 'L-peptide linking' y THREONINE               ? 'C4 H9 N O3'     119.119 
TRP 'L-peptide linking' y TRYPTOPHAN              ? 'C11 H12 N2 O2'  204.225 
TYR 'L-peptide linking' y TYROSINE                ? 'C9 H11 N O3'    181.189 
VAL 'L-peptide linking' y VALINE                  ? 'C5 H11 N O2'    117.146 
# 
loop_
_pdbx_poly_seq_scheme.asym_id 
_pdbx_poly_seq_scheme.entity_id 
_pdbx_poly_seq_scheme.seq_id 
_pdbx_poly_seq_scheme.mon_id 
_pdbx_poly_seq_scheme.ndb_seq_num 
_pdbx_poly_seq_scheme.pdb_seq_num 
_pdbx_poly_seq_scheme.auth_seq_num 
_pdbx_poly_seq_scheme.pdb_mon_id 
_pdbx_poly_seq_scheme.auth_mon_id 
_pdbx_poly_seq_scheme.pdb_strand_id 
_pdbx_poly_seq_scheme.pdb_ins_code 
_pdbx_poly_seq_scheme.hetero 
A 1 1  ALA 1  1  1  ALA ALA A . n 
A 1 2  TRP 2  2  2  TRP TRP A . n 
A 1 3  LYS 3  3  3  LYS LYS A . n 
A 1 4  VAL 4  4  4  VAL VAL A . n 
A 1 5  SER 5  5  5  SER SER A . n 
A 1 6  VAL 6  6  6  VAL VAL A . n 
A 1 7  ASP 7  7  7  ASP ASP A . n 
A 1 8  GLN 8  8  8  GLN GLN A . n 
A 1 9  ASP 9  9  9  ASP ASP A . n 
A 1 10 THR 10 10 10 THR THR A . n 
A 1 11 CYS 11 11 11 CYS CYS A . n 
A 1 12 ILE 12 12 12 ILE ILE A . n 
A 1 13 GLY 13 13 13 GLY GLY A . n 
A 1 14 ASP 14 14 14 ASP ASP A . n 
A 1 15 ALA 15 15 15 ALA ALA A . n 
A 1 16 ILE 16 16 16 ILE ILE A . n 
A 1 17 CYS 17 17 17 CYS CYS A . n 
A 1 18 ALA 18 18 18 ALA ALA A . n 
A 1 19 SER 19 19 19 SER SER A . n 
A 1 20 LEU 20 20 20 LEU LEU A . n 
A 1 21 CYS 21 21 21 CYS CYS A . n 
A 1 22 PRO 22 22 22 PRO PRO A . n 
A 1 23 ASP 23 23 23 ASP ASP A . n 
A 1 24 VAL 24 24 24 VAL VAL A . n 
A 1 25 PHE 25 25 25 PHE PHE A . n 
A 1 26 GLU 26 26 26 GLU GLU A . n 
A 1 27 MET 27 27 27 MET MET A . n 
A 1 28 ASN 28 28 28 ASN ASN A . n 
A 1 29 ASP 29 29 29 ASP ASP A . n 
A 1 30 GLU 30 30 30 GLU GLU A . n 
A 1 31 GLY 31 31 31 GLY GLY A . n 
A 1 32 LYS 32 32 32 LYS LYS A . n 
A 1 33 ALA 33 33 33 ALA ALA A . n 
A 1 34 GLN 34 34 34 GLN GLN A . n 
A 1 35 PRO 35 35 35 PRO PRO A . n 
A 1 36 LYS 36 36 36 LYS LYS A . n 
A 1 37 VAL 37 37 37 VAL VAL A . n 
A 1 38 GLU 38 38 38 GLU GLU A . n 
A 1 39 VAL 39 39 39 VAL VAL A . n 
A 1 40 ILE 40 40 40 ILE ILE A . n 
A 1 41 GLU 41 41 41 GLU GLU A . n 
A 1 42 ASP 42 42 42 ASP ASP A . n 
A 1 43 GLU 43 43 43 GLU GLU A . n 
A 1 44 GLU 44 44 44 GLU GLU A . n 
A 1 45 LEU 45 45 45 LEU LEU A . n 
A 1 46 TYR 46 46 46 TYR TYR A . n 
A 1 47 ASN 47 47 47 ASN ASN A . n 
A 1 48 CYS 48 48 48 CYS CYS A . n 
A 1 49 ALA 49 49 49 ALA ALA A . n 
A 1 50 LYS 50 50 50 LYS LYS A . n 
A 1 51 GLU 51 51 51 GLU GLU A . n 
A 1 52 ALA 52 52 52 ALA ALA A . n 
A 1 53 MET 53 53 53 MET MET A . n 
A 1 54 GLU 54 54 54 GLU GLU A . n 
A 1 55 ALA 55 55 55 ALA ALA A . n 
A 1 56 CYS 56 56 56 CYS CYS A . n 
A 1 57 PRO 57 57 57 PRO PRO A . n 
A 1 58 VAL 58 58 58 VAL VAL A . n 
A 1 59 SER 59 59 59 SER SER A . n 
A 1 60 ALA 60 60 60 ALA ALA A . n 
A 1 61 ILE 61 61 61 ILE ILE A . n 
A 1 62 THR 62 62 62 THR THR A . n 
A 1 63 ILE 63 63 63 ILE ILE A . n 
A 1 64 GLU 64 64 64 GLU GLU A . n 
A 1 65 GLU 65 65 65 GLU GLU A . n 
A 1 66 ALA 66 66 66 ALA ALA A . n 
B 1 1  ALA 1  1  1  ALA ALA B . n 
B 1 2  TRP 2  2  2  TRP TRP B . n 
B 1 3  LYS 3  3  3  LYS LYS B . n 
B 1 4  VAL 4  4  4  VAL VAL B . n 
B 1 5  SER 5  5  5  SER SER B . n 
B 1 6  VAL 6  6  6  VAL VAL B . n 
B 1 7  ASP 7  7  7  ASP ASP B . n 
B 1 8  GLN 8  8  8  GLN GLN B . n 
B 1 9  ASP 9  9  9  ASP ASP B . n 
B 1 10 THR 10 10 10 THR THR B . n 
B 1 11 CYS 11 11 11 CYS CYS B . n 
B 1 12 ILE 12 12 12 ILE ILE B . n 
B 1 13 GLY 13 13 13 GLY GLY B . n 
B 1 14 ASP 14 14 14 ASP ASP B . n 
B 1 15 ALA 15 15 15 ALA ALA B . n 
B 1 16 ILE 16 16 16 ILE ILE B . n 
B 1 17 CYS 17 17 17 CYS CYS B . n 
B 1 18 ALA 18 18 18 ALA ALA B . n 
B 1 19 SER 19 19 19 SER SER B . n 
B 1 20 LEU 20 20 20 LEU LEU B . n 
B 1 21 CYS 21 21 21 CYS CYS B . n 
B 1 22 PRO 22 22 22 PRO PRO B . n 
B 1 23 ASP 23 23 23 ASP ASP B . n 
B 1 24 VAL 24 24 24 VAL VAL B . n 
B 1 25 PHE 25 25 25 PHE PHE B . n 
B 1 26 GLU 26 26 26 GLU GLU B . n 
B 1 27 MET 27 27 27 MET MET B . n 
B 1 28 ASN 28 28 28 ASN ASN B . n 
B 1 29 ASP 29 29 29 ASP ASP B . n 
B 1 30 GLU 30 30 30 GLU GLU B . n 
B 1 31 GLY 31 31 31 GLY GLY B . n 
B 1 32 LYS 32 32 32 LYS LYS B . n 
B 1 33 ALA 33 33 33 ALA ALA B . n 
B 1 34 GLN 34 34 34 GLN GLN B . n 
B 1 35 PRO 35 35 35 PRO PRO B . n 
B 1 36 LYS 36 36 36 LYS LYS B . n 
B 1 37 VAL 37 37 37 VAL VAL B . n 
B 1 38 GLU 38 38 38 GLU GLU B . n 
B 1 39 VAL 39 39 39 VAL VAL B . n 
B 1 40 ILE 40 40 40 ILE ILE B . n 
B 1 41 GLU 41 41 41 GLU GLU B . n 
B 1 42 ASP 42 42 42 ASP ASP B . n 
B 1 43 GLU 43 43 43 GLU GLU B . n 
B 1 44 GLU 44 44 44 GLU GLU B . n 
B 1 45 LEU 45 45 45 LEU LEU B . n 
B 1 46 TYR 46 46 46 TYR TYR B . n 
B 1 47 ASN 47 47 47 ASN ASN B . n 
B 1 48 CYS 48 48 48 CYS CYS B . n 
B 1 49 ALA 49 49 49 ALA ALA B . n 
B 1 50 LYS 50 50 50 LYS LYS B . n 
B 1 51 GLU 51 51 51 GLU GLU B . n 
B 1 52 ALA 52 52 52 ALA ALA B . n 
B 1 53 MET 53 53 53 MET MET B . n 
B 1 54 GLU 54 54 54 GLU GLU B . n 
B 1 55 ALA 55 55 55 ALA ALA B . n 
B 1 56 CYS 56 56 56 CYS CYS B . n 
B 1 57 PRO 57 57 57 PRO PRO B . n 
B 1 58 VAL 58 58 58 VAL VAL B . n 
B 1 59 SER 59 59 59 SER SER B . n 
B 1 60 ALA 60 60 60 ALA ALA B . n 
B 1 61 ILE 61 61 61 ILE ILE B . n 
B 1 62 THR 62 62 62 THR THR B . n 
B 1 63 ILE 63 63 63 ILE ILE B . n 
B 1 64 GLU 64 64 64 GLU GLU B . n 
B 1 65 GLU 65 65 65 GLU GLU B . n 
B 1 66 ALA 66 66 66 ALA ALA B . n 
# 
loop_
_pdbx_nonpoly_scheme.asym_id 
_pdbx_nonpoly_scheme.entity_id 
_pdbx_nonpoly_scheme.mon_id 
_pdbx_nonpoly_scheme.ndb_seq_num 
_pdbx_nonpoly_scheme.pdb_seq_num 
_pdbx_nonpoly_scheme.auth_seq_num 
_pdbx_nonpoly_scheme.pdb_mon_id 
_pdbx_nonpoly_scheme.auth_mon_id 
_pdbx_nonpoly_scheme.pdb_strand_id 
_pdbx_nonpoly_scheme.pdb_ins_code 
C 2 NCO 1  71  71  NCO NCO A . 
D 2 NCO 1  73  73  NCO NCO A . 
E 3 F3S 1  70  70  F3S F3S A . 
F 2 NCO 1  72  72  NCO NCO B . 
G 2 NCO 1  74  74  NCO NCO B . 
H 3 F3S 1  70  70  F3S F3S B . 
I 4 HOH 1  74  1   HOH HOH A . 
I 4 HOH 2  75  4   HOH HOH A . 
I 4 HOH 3  76  5   HOH HOH A . 
I 4 HOH 4  77  10  HOH HOH A . 
I 4 HOH 5  78  11  HOH HOH A . 
I 4 HOH 6  79  15  HOH HOH A . 
I 4 HOH 7  80  16  HOH HOH A . 
I 4 HOH 8  81  17  HOH HOH A . 
I 4 HOH 9  82  18  HOH HOH A . 
I 4 HOH 10 83  20  HOH HOH A . 
I 4 HOH 11 84  23  HOH HOH A . 
I 4 HOH 12 85  24  HOH HOH A . 
I 4 HOH 13 86  25  HOH HOH A . 
I 4 HOH 14 87  26  HOH HOH A . 
I 4 HOH 15 88  28  HOH HOH A . 
I 4 HOH 16 89  33  HOH HOH A . 
I 4 HOH 17 90  35  HOH HOH A . 
I 4 HOH 18 91  37  HOH HOH A . 
I 4 HOH 19 92  43  HOH HOH A . 
I 4 HOH 20 93  45  HOH HOH A . 
I 4 HOH 21 94  47  HOH HOH A . 
I 4 HOH 22 95  51  HOH HOH A . 
I 4 HOH 23 96  52  HOH HOH A . 
I 4 HOH 24 97  55  HOH HOH A . 
I 4 HOH 25 98  57  HOH HOH A . 
I 4 HOH 26 99  58  HOH HOH A . 
I 4 HOH 27 100 59  HOH HOH A . 
I 4 HOH 28 101 60  HOH HOH A . 
I 4 HOH 29 102 61  HOH HOH A . 
I 4 HOH 30 103 64  HOH HOH A . 
I 4 HOH 31 104 66  HOH HOH A . 
I 4 HOH 32 105 67  HOH HOH A . 
I 4 HOH 33 106 68  HOH HOH A . 
I 4 HOH 34 107 70  HOH HOH A . 
I 4 HOH 35 108 71  HOH HOH A . 
I 4 HOH 36 109 73  HOH HOH A . 
I 4 HOH 37 110 74  HOH HOH A . 
I 4 HOH 38 111 77  HOH HOH A . 
I 4 HOH 39 112 83  HOH HOH A . 
I 4 HOH 40 113 87  HOH HOH A . 
I 4 HOH 41 114 89  HOH HOH A . 
I 4 HOH 42 115 90  HOH HOH A . 
I 4 HOH 43 116 97  HOH HOH A . 
I 4 HOH 44 117 98  HOH HOH A . 
I 4 HOH 45 118 102 HOH HOH A . 
I 4 HOH 46 119 106 HOH HOH A . 
I 4 HOH 47 120 110 HOH HOH A . 
I 4 HOH 48 121 113 HOH HOH A . 
I 4 HOH 49 122 114 HOH HOH A . 
I 4 HOH 50 123 115 HOH HOH A . 
I 4 HOH 51 124 118 HOH HOH A . 
I 4 HOH 52 125 120 HOH HOH A . 
I 4 HOH 53 126 121 HOH HOH A . 
I 4 HOH 54 127 122 HOH HOH A . 
I 4 HOH 55 128 123 HOH HOH A . 
I 4 HOH 56 129 124 HOH HOH A . 
I 4 HOH 57 130 125 HOH HOH A . 
I 4 HOH 58 131 126 HOH HOH A . 
I 4 HOH 59 132 128 HOH HOH A . 
I 4 HOH 60 133 132 HOH HOH A . 
I 4 HOH 61 134 134 HOH HOH A . 
I 4 HOH 62 135 136 HOH HOH A . 
I 4 HOH 63 136 138 HOH HOH A . 
I 4 HOH 64 137 139 HOH HOH A . 
I 4 HOH 65 138 140 HOH HOH A . 
I 4 HOH 66 139 145 HOH HOH A . 
I 4 HOH 67 140 146 HOH HOH A . 
I 4 HOH 68 141 149 HOH HOH A . 
I 4 HOH 69 142 153 HOH HOH A . 
I 4 HOH 70 143 154 HOH HOH A . 
I 4 HOH 71 144 160 HOH HOH A . 
I 4 HOH 72 145 162 HOH HOH A . 
J 4 HOH 1  75  2   HOH HOH B . 
J 4 HOH 2  76  3   HOH HOH B . 
J 4 HOH 3  77  6   HOH HOH B . 
J 4 HOH 4  78  7   HOH HOH B . 
J 4 HOH 5  79  8   HOH HOH B . 
J 4 HOH 6  80  9   HOH HOH B . 
J 4 HOH 7  81  12  HOH HOH B . 
J 4 HOH 8  82  19  HOH HOH B . 
J 4 HOH 9  83  21  HOH HOH B . 
J 4 HOH 10 84  22  HOH HOH B . 
J 4 HOH 11 85  27  HOH HOH B . 
J 4 HOH 12 86  29  HOH HOH B . 
J 4 HOH 13 87  30  HOH HOH B . 
J 4 HOH 14 88  31  HOH HOH B . 
J 4 HOH 15 89  34  HOH HOH B . 
J 4 HOH 16 90  36  HOH HOH B . 
J 4 HOH 17 91  38  HOH HOH B . 
J 4 HOH 18 92  40  HOH HOH B . 
J 4 HOH 19 93  41  HOH HOH B . 
J 4 HOH 20 94  42  HOH HOH B . 
J 4 HOH 21 95  44  HOH HOH B . 
J 4 HOH 22 96  46  HOH HOH B . 
J 4 HOH 23 97  48  HOH HOH B . 
J 4 HOH 24 98  49  HOH HOH B . 
J 4 HOH 25 99  50  HOH HOH B . 
J 4 HOH 26 100 53  HOH HOH B . 
J 4 HOH 27 101 56  HOH HOH B . 
J 4 HOH 28 102 62  HOH HOH B . 
J 4 HOH 29 103 63  HOH HOH B . 
J 4 HOH 30 104 65  HOH HOH B . 
J 4 HOH 31 105 69  HOH HOH B . 
J 4 HOH 32 106 72  HOH HOH B . 
J 4 HOH 33 107 75  HOH HOH B . 
J 4 HOH 34 108 78  HOH HOH B . 
J 4 HOH 35 109 79  HOH HOH B . 
J 4 HOH 36 110 80  HOH HOH B . 
J 4 HOH 37 111 81  HOH HOH B . 
J 4 HOH 38 112 82  HOH HOH B . 
J 4 HOH 39 113 84  HOH HOH B . 
J 4 HOH 40 114 85  HOH HOH B . 
J 4 HOH 41 115 86  HOH HOH B . 
J 4 HOH 42 116 88  HOH HOH B . 
J 4 HOH 43 117 91  HOH HOH B . 
J 4 HOH 44 118 92  HOH HOH B . 
J 4 HOH 45 119 93  HOH HOH B . 
J 4 HOH 46 120 94  HOH HOH B . 
J 4 HOH 47 121 95  HOH HOH B . 
J 4 HOH 48 122 96  HOH HOH B . 
J 4 HOH 49 123 99  HOH HOH B . 
J 4 HOH 50 124 100 HOH HOH B . 
J 4 HOH 51 125 101 HOH HOH B . 
J 4 HOH 52 126 103 HOH HOH B . 
J 4 HOH 53 127 104 HOH HOH B . 
J 4 HOH 54 128 105 HOH HOH B . 
J 4 HOH 55 129 108 HOH HOH B . 
J 4 HOH 56 130 109 HOH HOH B . 
J 4 HOH 57 131 111 HOH HOH B . 
J 4 HOH 58 132 112 HOH HOH B . 
J 4 HOH 59 133 116 HOH HOH B . 
J 4 HOH 60 134 117 HOH HOH B . 
J 4 HOH 61 135 119 HOH HOH B . 
J 4 HOH 62 136 127 HOH HOH B . 
J 4 HOH 63 137 129 HOH HOH B . 
J 4 HOH 64 138 130 HOH HOH B . 
J 4 HOH 65 139 141 HOH HOH B . 
J 4 HOH 66 140 143 HOH HOH B . 
J 4 HOH 67 141 148 HOH HOH B . 
J 4 HOH 68 142 150 HOH HOH B . 
J 4 HOH 69 143 151 HOH HOH B . 
J 4 HOH 70 144 152 HOH HOH B . 
J 4 HOH 71 145 156 HOH HOH B . 
J 4 HOH 72 146 157 HOH HOH B . 
J 4 HOH 73 147 158 HOH HOH B . 
J 4 HOH 74 148 159 HOH HOH B . 
# 
loop_
_software.name 
_software.classification 
_software.version 
_software.citation_id 
_software.pdbx_ordinal 
REFMAC refinement       5.1.24    ? 1 
MOSFLM 'data reduction' .         ? 2 
CCP4   'data scaling'   '(SCALA)' ? 3 
MOLREP phasing          .         ? 4 
# 
_cell.entry_id           1SJ1 
_cell.length_a           31.230 
_cell.length_b           47.511 
_cell.length_c           52.029 
_cell.angle_alpha        90.00 
_cell.angle_beta         103.86 
_cell.angle_gamma        90.00 
_cell.Z_PDB              4 
_cell.pdbx_unique_axis   ? 
# 
_symmetry.entry_id                         1SJ1 
_symmetry.space_group_name_H-M             'P 1 21 1' 
_symmetry.pdbx_full_space_group_name_H-M   ? 
_symmetry.cell_setting                     ? 
_symmetry.Int_Tables_number                4 
# 
_exptl.entry_id          1SJ1 
_exptl.method            'X-RAY DIFFRACTION' 
_exptl.crystals_number   1 
# 
_exptl_crystal.id                    1 
_exptl_crystal.density_meas          ? 
_exptl_crystal.density_Matthews      2.61 
_exptl_crystal.density_percent_sol   52.91 
_exptl_crystal.description           ? 
# 
_exptl_crystal_grow.crystal_id      1 
_exptl_crystal_grow.method          'VAPOR DIFFUSION, HANGING DROP' 
_exptl_crystal_grow.temp            277 
_exptl_crystal_grow.temp_details    ? 
_exptl_crystal_grow.pH              8.0 
_exptl_crystal_grow.pdbx_details    
'PEG 400, hexammine cobalt(III)chloride, Tris/HCl, pH 8.0, VAPOR DIFFUSION, HANGING DROP, temperature 277K' 
_exptl_crystal_grow.pdbx_pH_range   . 
# 
_diffrn.id                     1 
_diffrn.ambient_temp           100 
_diffrn.ambient_temp_details   ? 
_diffrn.crystal_id             1 
# 
_diffrn_detector.diffrn_id              1 
_diffrn_detector.detector               CCD 
_diffrn_detector.type                   'ADSC QUANTUM 4' 
_diffrn_detector.pdbx_collection_date   2003-08-02 
_diffrn_detector.details                ? 
# 
_diffrn_radiation.diffrn_id                        1 
_diffrn_radiation.wavelength_id                    1 
_diffrn_radiation.pdbx_monochromatic_or_laue_m_l   M 
_diffrn_radiation.monochromator                    Silicium 
_diffrn_radiation.pdbx_diffrn_protocol             'SINGLE WAVELENGTH' 
_diffrn_radiation.pdbx_scattering_type             x-ray 
# 
_diffrn_radiation_wavelength.id           1 
_diffrn_radiation_wavelength.wavelength   0.9393 
_diffrn_radiation_wavelength.wt           1.0 
# 
_diffrn_source.diffrn_id                   1 
_diffrn_source.source                      SYNCHROTRON 
_diffrn_source.type                        'ESRF BEAMLINE ID14-4' 
_diffrn_source.pdbx_synchrotron_site       ESRF 
_diffrn_source.pdbx_synchrotron_beamline   ID14-4 
_diffrn_source.pdbx_wavelength             ? 
_diffrn_source.pdbx_wavelength_list        0.9393 
# 
_reflns.entry_id                     1SJ1 
_reflns.observed_criterion_sigma_I   0 
_reflns.observed_criterion_sigma_F   0 
_reflns.d_resolution_low             34.6 
_reflns.d_resolution_high            1.50 
_reflns.number_obs                   21276 
_reflns.number_all                   ? 
_reflns.percent_possible_obs         ? 
_reflns.pdbx_Rmerge_I_obs            0.1 
_reflns.pdbx_Rsym_value              ? 
_reflns.pdbx_netI_over_sigmaI        4.9 
_reflns.B_iso_Wilson_estimate        ? 
_reflns.pdbx_redundancy              3.6 
_reflns.R_free_details               ? 
_reflns.limit_h_max                  ? 
_reflns.limit_h_min                  ? 
_reflns.limit_k_max                  ? 
_reflns.limit_k_min                  ? 
_reflns.limit_l_max                  ? 
_reflns.limit_l_min                  ? 
_reflns.observed_criterion_F_max     ? 
_reflns.observed_criterion_F_min     ? 
_reflns.pdbx_diffrn_id               1 
_reflns.pdbx_ordinal                 1 
# 
_reflns_shell.d_res_high             1.50 
_reflns_shell.d_res_low              1.58 
_reflns_shell.percent_possible_all   88.4 
_reflns_shell.Rmerge_I_obs           0.31 
_reflns_shell.pdbx_Rsym_value        ? 
_reflns_shell.meanI_over_sigI_obs    ? 
_reflns_shell.pdbx_redundancy        3.7 
_reflns_shell.percent_possible_obs   ? 
_reflns_shell.number_unique_all      ? 
_reflns_shell.pdbx_diffrn_id         ? 
_reflns_shell.pdbx_ordinal           1 
# 
_refine.entry_id                                 1SJ1 
_refine.ls_number_reflns_obs                     20174 
_refine.ls_number_reflns_all                     ? 
_refine.pdbx_ls_sigma_I                          ? 
_refine.pdbx_ls_sigma_F                          ? 
_refine.pdbx_data_cutoff_high_absF               ? 
_refine.pdbx_data_cutoff_low_absF                ? 
_refine.pdbx_data_cutoff_high_rms_absF           ? 
_refine.ls_d_res_low                             50.64 
_refine.ls_d_res_high                            1.50 
_refine.ls_percent_reflns_obs                    89.35 
_refine.ls_R_factor_obs                          0.19532 
_refine.ls_R_factor_all                          ? 
_refine.ls_R_factor_R_work                       0.1938 
_refine.ls_R_factor_R_free                       0.22269 
_refine.ls_R_factor_R_free_error                 ? 
_refine.ls_R_factor_R_free_error_details         ? 
_refine.ls_percent_reflns_R_free                 5.1 
_refine.ls_number_reflns_R_free                  1087 
_refine.ls_number_parameters                     ? 
_refine.ls_number_restraints                     ? 
_refine.occupancy_min                            ? 
_refine.occupancy_max                            ? 
_refine.correlation_coeff_Fo_to_Fc               0.947 
_refine.correlation_coeff_Fo_to_Fc_free          0.930 
_refine.B_iso_mean                               12.634 
_refine.aniso_B[1][1]                            2.83 
_refine.aniso_B[2][2]                            -1.27 
_refine.aniso_B[3][3]                            -1.12 
_refine.aniso_B[1][2]                            0.00 
_refine.aniso_B[1][3]                            0.89 
_refine.aniso_B[2][3]                            0.00 
_refine.solvent_model_details                    'BABINET MODEL WITH MASK' 
_refine.solvent_model_param_ksol                 ? 
_refine.solvent_model_param_bsol                 ? 
_refine.pdbx_solvent_vdw_probe_radii             1.40 
_refine.pdbx_solvent_ion_probe_radii             0.80 
_refine.pdbx_solvent_shrinkage_radii             0.80 
_refine.pdbx_ls_cross_valid_method               THROUGHOUT 
_refine.details                                  'HYDROGENS HAVE BEEN ADDED IN THE RIDING POSITIONS' 
_refine.pdbx_starting_model                      ? 
_refine.pdbx_method_to_determine_struct          'MOLECULAR REPLACEMENT' 
_refine.pdbx_isotropic_thermal_model             ? 
_refine.pdbx_stereochemistry_target_values       'MAXIMUM LIKELIHOOD' 
_refine.pdbx_stereochem_target_val_spec_case     ? 
_refine.pdbx_R_Free_selection_details            RANDOM 
_refine.pdbx_overall_ESU_R                       0.091 
_refine.pdbx_overall_ESU_R_Free                  0.090 
_refine.overall_SU_ML                            0.068 
_refine.overall_SU_B                             1.872 
_refine.ls_redundancy_reflns_obs                 ? 
_refine.B_iso_min                                ? 
_refine.B_iso_max                                ? 
_refine.overall_SU_R_Cruickshank_DPI             ? 
_refine.overall_SU_R_free                        ? 
_refine.pdbx_refine_id                           'X-RAY DIFFRACTION' 
_refine.pdbx_diffrn_id                           1 
_refine.pdbx_TLS_residual_ADP_flag               ? 
_refine.pdbx_overall_phase_error                 ? 
_refine.pdbx_overall_SU_R_free_Cruickshank_DPI   ? 
_refine.pdbx_overall_SU_R_Blow_DPI               ? 
_refine.pdbx_overall_SU_R_free_Blow_DPI          ? 
# 
_refine_hist.pdbx_refine_id                   'X-RAY DIFFRACTION' 
_refine_hist.cycle_id                         LAST 
_refine_hist.pdbx_number_atoms_protein        1097 
_refine_hist.pdbx_number_atoms_nucleic_acid   0 
_refine_hist.pdbx_number_atoms_ligand         56 
_refine_hist.number_atoms_solvent             152 
_refine_hist.number_atoms_total               1305 
_refine_hist.d_res_high                       1.50 
_refine_hist.d_res_low                        50.64 
# 
loop_
_refine_ls_restr.type 
_refine_ls_restr.dev_ideal 
_refine_ls_restr.dev_ideal_target 
_refine_ls_restr.weight 
_refine_ls_restr.number 
_refine_ls_restr.pdbx_refine_id 
_refine_ls_restr.pdbx_restraint_function 
r_bond_refined_d         0.024 0.022 ? 1186 'X-RAY DIFFRACTION' ? 
r_bond_other_d           0.001 0.020 ? 962  'X-RAY DIFFRACTION' ? 
r_angle_refined_deg      5.017 2.104 ? 1675 'X-RAY DIFFRACTION' ? 
r_angle_other_deg        0.864 3.000 ? 2290 'X-RAY DIFFRACTION' ? 
r_dihedral_angle_1_deg   5.717 5.000 ? 159  'X-RAY DIFFRACTION' ? 
r_dihedral_angle_2_deg   ?     ?     ? ?    'X-RAY DIFFRACTION' ? 
r_dihedral_angle_3_deg   ?     ?     ? ?    'X-RAY DIFFRACTION' ? 
r_dihedral_angle_4_deg   ?     ?     ? ?    'X-RAY DIFFRACTION' ? 
r_chiral_restr           0.107 0.200 ? 179  'X-RAY DIFFRACTION' ? 
r_gen_planes_refined     0.007 0.020 ? 1351 'X-RAY DIFFRACTION' ? 
r_gen_planes_other       0.003 0.020 ? 179  'X-RAY DIFFRACTION' ? 
r_nbd_refined            0.217 0.300 ? 299  'X-RAY DIFFRACTION' ? 
r_nbd_other              0.270 0.300 ? 1222 'X-RAY DIFFRACTION' ? 
r_nbtor_refined          ?     ?     ? ?    'X-RAY DIFFRACTION' ? 
r_nbtor_other            0.098 0.500 ? 625  'X-RAY DIFFRACTION' ? 
r_xyhbond_nbd_refined    0.314 0.500 ? 161  'X-RAY DIFFRACTION' ? 
r_xyhbond_nbd_other      ?     ?     ? ?    'X-RAY DIFFRACTION' ? 
r_metal_ion_refined      ?     ?     ? ?    'X-RAY DIFFRACTION' ? 
r_metal_ion_other        ?     ?     ? ?    'X-RAY DIFFRACTION' ? 
r_symmetry_vdw_refined   0.210 0.300 ? 4    'X-RAY DIFFRACTION' ? 
r_symmetry_vdw_other     0.334 0.300 ? 21   'X-RAY DIFFRACTION' ? 
r_symmetry_hbond_refined 0.409 0.500 ? 34   'X-RAY DIFFRACTION' ? 
r_symmetry_hbond_other   ?     ?     ? ?    'X-RAY DIFFRACTION' ? 
r_mcbond_it              1.623 2.000 ? 751  'X-RAY DIFFRACTION' ? 
r_mcbond_other           ?     ?     ? ?    'X-RAY DIFFRACTION' ? 
r_mcangle_it             2.471 3.000 ? 1235 'X-RAY DIFFRACTION' ? 
r_scbond_it              2.344 2.000 ? 431  'X-RAY DIFFRACTION' ? 
r_scangle_it             3.234 3.000 ? 425  'X-RAY DIFFRACTION' ? 
r_rigid_bond_restr       ?     ?     ? ?    'X-RAY DIFFRACTION' ? 
r_sphericity_free        ?     ?     ? ?    'X-RAY DIFFRACTION' ? 
r_sphericity_bonded      ?     ?     ? ?    'X-RAY DIFFRACTION' ? 
# 
_refine_ls_shell.pdbx_total_number_of_bins_used   20 
_refine_ls_shell.d_res_high                       1.500 
_refine_ls_shell.d_res_low                        1.539 
_refine_ls_shell.number_reflns_R_work             1438 
_refine_ls_shell.R_factor_R_work                  0.292 
_refine_ls_shell.percent_reflns_obs               ? 
_refine_ls_shell.R_factor_R_free                  0.309 
_refine_ls_shell.R_factor_R_free_error            ? 
_refine_ls_shell.percent_reflns_R_free            ? 
_refine_ls_shell.number_reflns_R_free             85 
_refine_ls_shell.redundancy_reflns_obs            ? 
_refine_ls_shell.number_reflns_all                ? 
_refine_ls_shell.number_reflns_obs                ? 
_refine_ls_shell.pdbx_refine_id                   'X-RAY DIFFRACTION' 
_refine_ls_shell.R_factor_all                     ? 
# 
_struct.entry_id                  1SJ1 
_struct.title                     
'The 1.5 A Resolution Crystal Structure of [Fe3S4]-Ferredoxin from the hyperthermophilic Archaeon Pyrococcus furiosus' 
_struct.pdbx_model_details        ? 
_struct.pdbx_CASP_flag            ? 
_struct.pdbx_model_type_details   ? 
# 
_struct_keywords.entry_id        1SJ1 
_struct_keywords.pdbx_keywords   'ELECTRON TRANSPORT' 
_struct_keywords.text            'thermostability, iron-sulfur cluster, hexammine cobalt(III), ELECTRON TRANSPORT' 
# 
loop_
_struct_asym.id 
_struct_asym.pdbx_blank_PDB_chainid_flag 
_struct_asym.pdbx_modified 
_struct_asym.entity_id 
_struct_asym.details 
A N N 1 ? 
B N N 1 ? 
C N N 2 ? 
D N N 2 ? 
E N N 3 ? 
F N N 2 ? 
G N N 2 ? 
H N N 3 ? 
I N N 4 ? 
J N N 4 ? 
# 
_struct_ref.id                         1 
_struct_ref.db_name                    UNP 
_struct_ref.db_code                    FER_PYRFU 
_struct_ref.pdbx_db_accession          P29603 
_struct_ref.entity_id                  1 
_struct_ref.pdbx_seq_one_letter_code   AWKVSVDQDTCIGDAICASLCPDVFEMNDEGKAQPKVEVIEDEELYNCAKEAMEACPVSAITIEEA 
_struct_ref.pdbx_align_begin           1 
_struct_ref.pdbx_db_isoform            ? 
# 
loop_
_struct_ref_seq.align_id 
_struct_ref_seq.ref_id 
_struct_ref_seq.pdbx_PDB_id_code 
_struct_ref_seq.pdbx_strand_id 
_struct_ref_seq.seq_align_beg 
_struct_ref_seq.pdbx_seq_align_beg_ins_code 
_struct_ref_seq.seq_align_end 
_struct_ref_seq.pdbx_seq_align_end_ins_code 
_struct_ref_seq.pdbx_db_accession 
_struct_ref_seq.db_align_beg 
_struct_ref_seq.pdbx_db_align_beg_ins_code 
_struct_ref_seq.db_align_end 
_struct_ref_seq.pdbx_db_align_end_ins_code 
_struct_ref_seq.pdbx_auth_seq_align_beg 
_struct_ref_seq.pdbx_auth_seq_align_end 
1 1 1SJ1 A 1 ? 66 ? P29603 1 ? 66 ? 1 66 
2 1 1SJ1 B 1 ? 66 ? P29603 1 ? 66 ? 1 66 
# 
_pdbx_struct_assembly.id                   1 
_pdbx_struct_assembly.details              author_defined_assembly 
_pdbx_struct_assembly.method_details       ? 
_pdbx_struct_assembly.oligomeric_details   dimeric 
_pdbx_struct_assembly.oligomeric_count     2 
# 
_pdbx_struct_assembly_gen.assembly_id       1 
_pdbx_struct_assembly_gen.oper_expression   1 
_pdbx_struct_assembly_gen.asym_id_list      A,B,C,D,E,F,G,H,I,J 
# 
_pdbx_struct_oper_list.id                   1 
_pdbx_struct_oper_list.type                 'identity operation' 
_pdbx_struct_oper_list.name                 1_555 
_pdbx_struct_oper_list.symmetry_operation   x,y,z 
_pdbx_struct_oper_list.matrix[1][1]         1.0000000000 
_pdbx_struct_oper_list.matrix[1][2]         0.0000000000 
_pdbx_struct_oper_list.matrix[1][3]         0.0000000000 
_pdbx_struct_oper_list.vector[1]            0.0000000000 
_pdbx_struct_oper_list.matrix[2][1]         0.0000000000 
_pdbx_struct_oper_list.matrix[2][2]         1.0000000000 
_pdbx_struct_oper_list.matrix[2][3]         0.0000000000 
_pdbx_struct_oper_list.vector[2]            0.0000000000 
_pdbx_struct_oper_list.matrix[3][1]         0.0000000000 
_pdbx_struct_oper_list.matrix[3][2]         0.0000000000 
_pdbx_struct_oper_list.matrix[3][3]         1.0000000000 
_pdbx_struct_oper_list.vector[3]            0.0000000000 
# 
_struct_biol.id                    1 
_struct_biol.pdbx_parent_biol_id   ? 
_struct_biol.details               ? 
# 
loop_
_struct_conf.conf_type_id 
_struct_conf.id 
_struct_conf.pdbx_PDB_helix_id 
_struct_conf.beg_label_comp_id 
_struct_conf.beg_label_asym_id 
_struct_conf.beg_label_seq_id 
_struct_conf.pdbx_beg_PDB_ins_code 
_struct_conf.end_label_comp_id 
_struct_conf.end_label_asym_id 
_struct_conf.end_label_seq_id 
_struct_conf.pdbx_end_PDB_ins_code 
_struct_conf.beg_auth_comp_id 
_struct_conf.beg_auth_asym_id 
_struct_conf.beg_auth_seq_id 
_struct_conf.end_auth_comp_id 
_struct_conf.end_auth_asym_id 
_struct_conf.end_auth_seq_id 
_struct_conf.pdbx_PDB_helix_class 
_struct_conf.details 
_struct_conf.pdbx_PDB_helix_length 
HELX_P HELX_P1 1 ALA A 15 ? CYS A 21 ? ALA A 15 CYS A 21 1 ? 7  
HELX_P HELX_P2 2 ASP A 42 ? CYS A 56 ? ASP A 42 CYS A 56 1 ? 15 
HELX_P HELX_P3 3 ALA B 15 ? CYS B 21 ? ALA B 15 CYS B 21 1 ? 7  
HELX_P HELX_P4 4 ASP B 42 ? CYS B 56 ? ASP B 42 CYS B 56 1 ? 15 
# 
_struct_conf_type.id          HELX_P 
_struct_conf_type.criteria    ? 
_struct_conf_type.reference   ? 
# 
loop_
_struct_conn.id 
_struct_conn.conn_type_id 
_struct_conn.pdbx_leaving_atom_flag 
_struct_conn.pdbx_PDB_id 
_struct_conn.ptnr1_label_asym_id 
_struct_conn.ptnr1_label_comp_id 
_struct_conn.ptnr1_label_seq_id 
_struct_conn.ptnr1_label_atom_id 
_struct_conn.pdbx_ptnr1_label_alt_id 
_struct_conn.pdbx_ptnr1_PDB_ins_code 
_struct_conn.pdbx_ptnr1_standard_comp_id 
_struct_conn.ptnr1_symmetry 
_struct_conn.ptnr2_label_asym_id 
_struct_conn.ptnr2_label_comp_id 
_struct_conn.ptnr2_label_seq_id 
_struct_conn.ptnr2_label_atom_id 
_struct_conn.pdbx_ptnr2_label_alt_id 
_struct_conn.pdbx_ptnr2_PDB_ins_code 
_struct_conn.ptnr1_auth_asym_id 
_struct_conn.ptnr1_auth_comp_id 
_struct_conn.ptnr1_auth_seq_id 
_struct_conn.ptnr2_auth_asym_id 
_struct_conn.ptnr2_auth_comp_id 
_struct_conn.ptnr2_auth_seq_id 
_struct_conn.ptnr2_symmetry 
_struct_conn.pdbx_ptnr3_label_atom_id 
_struct_conn.pdbx_ptnr3_label_seq_id 
_struct_conn.pdbx_ptnr3_label_comp_id 
_struct_conn.pdbx_ptnr3_label_asym_id 
_struct_conn.pdbx_ptnr3_label_alt_id 
_struct_conn.pdbx_ptnr3_PDB_ins_code 
_struct_conn.details 
_struct_conn.pdbx_dist_value 
_struct_conn.pdbx_value_order 
_struct_conn.pdbx_role 
disulf1 disulf ? ? A CYS 21 SG  A ? ? 1_555 A CYS 48 SG  A ? A CYS 21 A CYS 48  1_555 ? ? ? ? ? ? ? 2.044 ? ? 
disulf2 disulf ? ? A CYS 21 SG  B ? ? 1_555 A CYS 48 SG  B ? A CYS 21 A CYS 48  1_555 ? ? ? ? ? ? ? 2.025 ? ? 
disulf3 disulf ? ? B CYS 21 SG  A ? ? 1_555 B CYS 48 SG  A ? B CYS 21 B CYS 48  1_555 ? ? ? ? ? ? ? 2.045 ? ? 
disulf4 disulf ? ? B CYS 21 SG  B ? ? 1_555 B CYS 48 SG  B ? B CYS 21 B CYS 48  1_555 ? ? ? ? ? ? ? 2.027 ? ? 
metalc1 metalc ? ? A CYS 11 SG  ? ? ? 1_555 E F3S .  FE1 ? ? A CYS 11 A F3S 70  1_555 ? ? ? ? ? ? ? 2.279 ? ? 
metalc2 metalc ? ? A CYS 17 SG  ? ? ? 1_555 E F3S .  FE3 ? ? A CYS 17 A F3S 70  1_555 ? ? ? ? ? ? ? 2.323 ? ? 
metalc3 metalc ? ? A CYS 56 SG  ? ? ? 1_555 E F3S .  FE4 ? ? A CYS 56 A F3S 70  1_555 ? ? ? ? ? ? ? 2.226 ? ? 
metalc4 metalc ? ? E F3S .  FE4 ? ? ? 1_555 I HOH .  O   ? ? A F3S 70 A HOH 145 1_555 ? ? ? ? ? ? ? 2.590 ? ? 
metalc5 metalc ? ? B CYS 11 SG  ? ? ? 1_555 H F3S .  FE1 ? ? B CYS 11 B F3S 70  1_555 ? ? ? ? ? ? ? 2.270 ? ? 
metalc6 metalc ? ? B CYS 17 SG  ? ? ? 1_555 H F3S .  FE3 ? ? B CYS 17 B F3S 70  1_555 ? ? ? ? ? ? ? 2.323 ? ? 
metalc7 metalc ? ? B CYS 56 SG  ? ? ? 1_555 H F3S .  FE4 ? ? B CYS 56 B F3S 70  1_555 ? ? ? ? ? ? ? 2.276 ? ? 
metalc8 metalc ? ? H F3S .  FE4 ? ? ? 1_555 J HOH .  O   ? ? B F3S 70 B HOH 77  1_555 ? ? ? ? ? ? ? 2.539 ? ? 
# 
loop_
_struct_conn_type.id 
_struct_conn_type.criteria 
_struct_conn_type.reference 
disulf ? ? 
metalc ? ? 
# 
loop_
_pdbx_struct_conn_angle.id 
_pdbx_struct_conn_angle.ptnr1_label_atom_id 
_pdbx_struct_conn_angle.ptnr1_label_alt_id 
_pdbx_struct_conn_angle.ptnr1_label_asym_id 
_pdbx_struct_conn_angle.ptnr1_label_comp_id 
_pdbx_struct_conn_angle.ptnr1_label_seq_id 
_pdbx_struct_conn_angle.ptnr1_auth_atom_id 
_pdbx_struct_conn_angle.ptnr1_auth_asym_id 
_pdbx_struct_conn_angle.ptnr1_auth_comp_id 
_pdbx_struct_conn_angle.ptnr1_auth_seq_id 
_pdbx_struct_conn_angle.ptnr1_PDB_ins_code 
_pdbx_struct_conn_angle.ptnr1_symmetry 
_pdbx_struct_conn_angle.ptnr2_label_atom_id 
_pdbx_struct_conn_angle.ptnr2_label_alt_id 
_pdbx_struct_conn_angle.ptnr2_label_asym_id 
_pdbx_struct_conn_angle.ptnr2_label_comp_id 
_pdbx_struct_conn_angle.ptnr2_label_seq_id 
_pdbx_struct_conn_angle.ptnr2_auth_atom_id 
_pdbx_struct_conn_angle.ptnr2_auth_asym_id 
_pdbx_struct_conn_angle.ptnr2_auth_comp_id 
_pdbx_struct_conn_angle.ptnr2_auth_seq_id 
_pdbx_struct_conn_angle.ptnr2_PDB_ins_code 
_pdbx_struct_conn_angle.ptnr2_symmetry 
_pdbx_struct_conn_angle.ptnr3_label_atom_id 
_pdbx_struct_conn_angle.ptnr3_label_alt_id 
_pdbx_struct_conn_angle.ptnr3_label_asym_id 
_pdbx_struct_conn_angle.ptnr3_label_comp_id 
_pdbx_struct_conn_angle.ptnr3_label_seq_id 
_pdbx_struct_conn_angle.ptnr3_auth_atom_id 
_pdbx_struct_conn_angle.ptnr3_auth_asym_id 
_pdbx_struct_conn_angle.ptnr3_auth_comp_id 
_pdbx_struct_conn_angle.ptnr3_auth_seq_id 
_pdbx_struct_conn_angle.ptnr3_PDB_ins_code 
_pdbx_struct_conn_angle.ptnr3_symmetry 
_pdbx_struct_conn_angle.value 
_pdbx_struct_conn_angle.value_esd 
1  SG ? A CYS 11 ? A CYS 11 ? 1_555 FE1 ? E F3S . ? A F3S 70 ? 1_555 S1 ? E F3S . ? A F3S 70  ? 1_555 104.7 ? 
2  SG ? A CYS 11 ? A CYS 11 ? 1_555 FE1 ? E F3S . ? A F3S 70 ? 1_555 S2 ? E F3S . ? A F3S 70  ? 1_555 112.9 ? 
3  S1 ? E F3S .  ? A F3S 70 ? 1_555 FE1 ? E F3S . ? A F3S 70 ? 1_555 S2 ? E F3S . ? A F3S 70  ? 1_555 111.2 ? 
4  SG ? A CYS 11 ? A CYS 11 ? 1_555 FE1 ? E F3S . ? A F3S 70 ? 1_555 S3 ? E F3S . ? A F3S 70  ? 1_555 115.3 ? 
5  S1 ? E F3S .  ? A F3S 70 ? 1_555 FE1 ? E F3S . ? A F3S 70 ? 1_555 S3 ? E F3S . ? A F3S 70  ? 1_555 105.3 ? 
6  S2 ? E F3S .  ? A F3S 70 ? 1_555 FE1 ? E F3S . ? A F3S 70 ? 1_555 S3 ? E F3S . ? A F3S 70  ? 1_555 107.3 ? 
7  SG ? A CYS 17 ? A CYS 17 ? 1_555 FE3 ? E F3S . ? A F3S 70 ? 1_555 S1 ? E F3S . ? A F3S 70  ? 1_555 109.9 ? 
8  SG ? A CYS 17 ? A CYS 17 ? 1_555 FE3 ? E F3S . ? A F3S 70 ? 1_555 S3 ? E F3S . ? A F3S 70  ? 1_555 116.6 ? 
9  S1 ? E F3S .  ? A F3S 70 ? 1_555 FE3 ? E F3S . ? A F3S 70 ? 1_555 S3 ? E F3S . ? A F3S 70  ? 1_555 103.4 ? 
10 SG ? A CYS 17 ? A CYS 17 ? 1_555 FE3 ? E F3S . ? A F3S 70 ? 1_555 S4 ? E F3S . ? A F3S 70  ? 1_555 111.3 ? 
11 S1 ? E F3S .  ? A F3S 70 ? 1_555 FE3 ? E F3S . ? A F3S 70 ? 1_555 S4 ? E F3S . ? A F3S 70  ? 1_555 112.0 ? 
12 S3 ? E F3S .  ? A F3S 70 ? 1_555 FE3 ? E F3S . ? A F3S 70 ? 1_555 S4 ? E F3S . ? A F3S 70  ? 1_555 103.3 ? 
13 SG ? A CYS 56 ? A CYS 56 ? 1_555 FE4 ? E F3S . ? A F3S 70 ? 1_555 S2 ? E F3S . ? A F3S 70  ? 1_555 109.8 ? 
14 SG ? A CYS 56 ? A CYS 56 ? 1_555 FE4 ? E F3S . ? A F3S 70 ? 1_555 S3 ? E F3S . ? A F3S 70  ? 1_555 112.1 ? 
15 S2 ? E F3S .  ? A F3S 70 ? 1_555 FE4 ? E F3S . ? A F3S 70 ? 1_555 S3 ? E F3S . ? A F3S 70  ? 1_555 105.0 ? 
16 SG ? A CYS 56 ? A CYS 56 ? 1_555 FE4 ? E F3S . ? A F3S 70 ? 1_555 S4 ? E F3S . ? A F3S 70  ? 1_555 117.6 ? 
17 S2 ? E F3S .  ? A F3S 70 ? 1_555 FE4 ? E F3S . ? A F3S 70 ? 1_555 S4 ? E F3S . ? A F3S 70  ? 1_555 109.8 ? 
18 S3 ? E F3S .  ? A F3S 70 ? 1_555 FE4 ? E F3S . ? A F3S 70 ? 1_555 S4 ? E F3S . ? A F3S 70  ? 1_555 101.5 ? 
19 SG ? A CYS 56 ? A CYS 56 ? 1_555 FE4 ? E F3S . ? A F3S 70 ? 1_555 O  ? I HOH . ? A HOH 145 ? 1_555 122.6 ? 
20 S2 ? E F3S .  ? A F3S 70 ? 1_555 FE4 ? E F3S . ? A F3S 70 ? 1_555 O  ? I HOH . ? A HOH 145 ? 1_555 81.9  ? 
21 S3 ? E F3S .  ? A F3S 70 ? 1_555 FE4 ? E F3S . ? A F3S 70 ? 1_555 O  ? I HOH . ? A HOH 145 ? 1_555 118.5 ? 
22 S4 ? E F3S .  ? A F3S 70 ? 1_555 FE4 ? E F3S . ? A F3S 70 ? 1_555 O  ? I HOH . ? A HOH 145 ? 1_555 29.3  ? 
23 SG ? B CYS 11 ? B CYS 11 ? 1_555 FE1 ? H F3S . ? B F3S 70 ? 1_555 S1 ? H F3S . ? B F3S 70  ? 1_555 104.2 ? 
24 SG ? B CYS 11 ? B CYS 11 ? 1_555 FE1 ? H F3S . ? B F3S 70 ? 1_555 S2 ? H F3S . ? B F3S 70  ? 1_555 114.0 ? 
25 S1 ? H F3S .  ? B F3S 70 ? 1_555 FE1 ? H F3S . ? B F3S 70 ? 1_555 S2 ? H F3S . ? B F3S 70  ? 1_555 109.6 ? 
26 SG ? B CYS 11 ? B CYS 11 ? 1_555 FE1 ? H F3S . ? B F3S 70 ? 1_555 S3 ? H F3S . ? B F3S 70  ? 1_555 115.9 ? 
27 S1 ? H F3S .  ? B F3S 70 ? 1_555 FE1 ? H F3S . ? B F3S 70 ? 1_555 S3 ? H F3S . ? B F3S 70  ? 1_555 106.7 ? 
28 S2 ? H F3S .  ? B F3S 70 ? 1_555 FE1 ? H F3S . ? B F3S 70 ? 1_555 S3 ? H F3S . ? B F3S 70  ? 1_555 106.1 ? 
29 SG ? B CYS 17 ? B CYS 17 ? 1_555 FE3 ? H F3S . ? B F3S 70 ? 1_555 S1 ? H F3S . ? B F3S 70  ? 1_555 107.9 ? 
30 SG ? B CYS 17 ? B CYS 17 ? 1_555 FE3 ? H F3S . ? B F3S 70 ? 1_555 S3 ? H F3S . ? B F3S 70  ? 1_555 116.1 ? 
31 S1 ? H F3S .  ? B F3S 70 ? 1_555 FE3 ? H F3S . ? B F3S 70 ? 1_555 S3 ? H F3S . ? B F3S 70  ? 1_555 103.5 ? 
32 SG ? B CYS 17 ? B CYS 17 ? 1_555 FE3 ? H F3S . ? B F3S 70 ? 1_555 S4 ? H F3S . ? B F3S 70  ? 1_555 113.0 ? 
33 S1 ? H F3S .  ? B F3S 70 ? 1_555 FE3 ? H F3S . ? B F3S 70 ? 1_555 S4 ? H F3S . ? B F3S 70  ? 1_555 111.7 ? 
34 S3 ? H F3S .  ? B F3S 70 ? 1_555 FE3 ? H F3S . ? B F3S 70 ? 1_555 S4 ? H F3S . ? B F3S 70  ? 1_555 104.4 ? 
35 SG ? B CYS 56 ? B CYS 56 ? 1_555 FE4 ? H F3S . ? B F3S 70 ? 1_555 S2 ? H F3S . ? B F3S 70  ? 1_555 111.0 ? 
36 SG ? B CYS 56 ? B CYS 56 ? 1_555 FE4 ? H F3S . ? B F3S 70 ? 1_555 S3 ? H F3S . ? B F3S 70  ? 1_555 111.6 ? 
37 S2 ? H F3S .  ? B F3S 70 ? 1_555 FE4 ? H F3S . ? B F3S 70 ? 1_555 S3 ? H F3S . ? B F3S 70  ? 1_555 107.4 ? 
38 SG ? B CYS 56 ? B CYS 56 ? 1_555 FE4 ? H F3S . ? B F3S 70 ? 1_555 S4 ? H F3S . ? B F3S 70  ? 1_555 115.6 ? 
39 S2 ? H F3S .  ? B F3S 70 ? 1_555 FE4 ? H F3S . ? B F3S 70 ? 1_555 S4 ? H F3S . ? B F3S 70  ? 1_555 107.6 ? 
40 S3 ? H F3S .  ? B F3S 70 ? 1_555 FE4 ? H F3S . ? B F3S 70 ? 1_555 S4 ? H F3S . ? B F3S 70  ? 1_555 103.1 ? 
41 SG ? B CYS 56 ? B CYS 56 ? 1_555 FE4 ? H F3S . ? B F3S 70 ? 1_555 O  ? J HOH . ? B HOH 77  ? 1_555 140.3 ? 
42 S2 ? H F3S .  ? B F3S 70 ? 1_555 FE4 ? H F3S . ? B F3S 70 ? 1_555 O  ? J HOH . ? B HOH 77  ? 1_555 59.6  ? 
43 S3 ? H F3S .  ? B F3S 70 ? 1_555 FE4 ? H F3S . ? B F3S 70 ? 1_555 O  ? J HOH . ? B HOH 77  ? 1_555 107.9 ? 
44 S4 ? H F3S .  ? B F3S 70 ? 1_555 FE4 ? H F3S . ? B F3S 70 ? 1_555 O  ? J HOH . ? B HOH 77  ? 1_555 48.9  ? 
# 
loop_
_pdbx_modification_feature.ordinal 
_pdbx_modification_feature.label_comp_id 
_pdbx_modification_feature.label_asym_id 
_pdbx_modification_feature.label_seq_id 
_pdbx_modification_feature.label_alt_id 
_pdbx_modification_feature.modified_residue_label_comp_id 
_pdbx_modification_feature.modified_residue_label_asym_id 
_pdbx_modification_feature.modified_residue_label_seq_id 
_pdbx_modification_feature.modified_residue_label_alt_id 
_pdbx_modification_feature.auth_comp_id 
_pdbx_modification_feature.auth_asym_id 
_pdbx_modification_feature.auth_seq_id 
_pdbx_modification_feature.PDB_ins_code 
_pdbx_modification_feature.symmetry 
_pdbx_modification_feature.modified_residue_auth_comp_id 
_pdbx_modification_feature.modified_residue_auth_asym_id 
_pdbx_modification_feature.modified_residue_auth_seq_id 
_pdbx_modification_feature.modified_residue_PDB_ins_code 
_pdbx_modification_feature.modified_residue_symmetry 
_pdbx_modification_feature.comp_id_linking_atom 
_pdbx_modification_feature.modified_residue_id_linking_atom 
_pdbx_modification_feature.modified_residue_id 
_pdbx_modification_feature.ref_pcm_id 
_pdbx_modification_feature.ref_comp_id 
_pdbx_modification_feature.type 
_pdbx_modification_feature.category 
1 CYS A 21 A CYS A 48 A CYS A 21 ? 1_555 CYS A 48 ? 1_555 SG SG . . . None 'Disulfide bridge' 
2 CYS A 21 B CYS A 48 B CYS A 21 ? 1_555 CYS A 48 ? 1_555 SG SG . . . None 'Disulfide bridge' 
3 CYS B 21 A CYS B 48 A CYS B 21 ? 1_555 CYS B 48 ? 1_555 SG SG . . . None 'Disulfide bridge' 
4 CYS B 21 B CYS B 48 B CYS B 21 ? 1_555 CYS B 48 ? 1_555 SG SG . . . None 'Disulfide bridge' 
# 
loop_
_struct_sheet.id 
_struct_sheet.type 
_struct_sheet.number_strands 
_struct_sheet.details 
A ? 4 ? 
B ? 2 ? 
C ? 2 ? 
# 
loop_
_struct_sheet_order.sheet_id 
_struct_sheet_order.range_id_1 
_struct_sheet_order.range_id_2 
_struct_sheet_order.offset 
_struct_sheet_order.sense 
A 1 2 ? anti-parallel 
A 2 3 ? anti-parallel 
A 3 4 ? anti-parallel 
B 1 2 ? anti-parallel 
C 1 2 ? anti-parallel 
# 
loop_
_struct_sheet_range.sheet_id 
_struct_sheet_range.id 
_struct_sheet_range.beg_label_comp_id 
_struct_sheet_range.beg_label_asym_id 
_struct_sheet_range.beg_label_seq_id 
_struct_sheet_range.pdbx_beg_PDB_ins_code 
_struct_sheet_range.end_label_comp_id 
_struct_sheet_range.end_label_asym_id 
_struct_sheet_range.end_label_seq_id 
_struct_sheet_range.pdbx_end_PDB_ins_code 
_struct_sheet_range.beg_auth_comp_id 
_struct_sheet_range.beg_auth_asym_id 
_struct_sheet_range.beg_auth_seq_id 
_struct_sheet_range.end_auth_comp_id 
_struct_sheet_range.end_auth_asym_id 
_struct_sheet_range.end_auth_seq_id 
A 1 TRP A 2  ? VAL A 6  ? TRP A 2  VAL A 6  
A 2 ILE A 61 ? GLU A 65 ? ILE A 61 GLU A 65 
A 3 ILE B 61 ? GLU B 65 ? ILE B 61 GLU B 65 
A 4 TRP B 2  ? VAL B 6  ? TRP B 2  VAL B 6  
B 1 PHE A 25 ? MET A 27 ? PHE A 25 MET A 27 
B 2 ALA A 33 ? PRO A 35 ? ALA A 33 PRO A 35 
C 1 PHE B 25 ? MET B 27 ? PHE B 25 MET B 27 
C 2 ALA B 33 ? PRO B 35 ? ALA B 33 PRO B 35 
# 
loop_
_pdbx_struct_sheet_hbond.sheet_id 
_pdbx_struct_sheet_hbond.range_id_1 
_pdbx_struct_sheet_hbond.range_id_2 
_pdbx_struct_sheet_hbond.range_1_label_atom_id 
_pdbx_struct_sheet_hbond.range_1_label_comp_id 
_pdbx_struct_sheet_hbond.range_1_label_asym_id 
_pdbx_struct_sheet_hbond.range_1_label_seq_id 
_pdbx_struct_sheet_hbond.range_1_PDB_ins_code 
_pdbx_struct_sheet_hbond.range_1_auth_atom_id 
_pdbx_struct_sheet_hbond.range_1_auth_comp_id 
_pdbx_struct_sheet_hbond.range_1_auth_asym_id 
_pdbx_struct_sheet_hbond.range_1_auth_seq_id 
_pdbx_struct_sheet_hbond.range_2_label_atom_id 
_pdbx_struct_sheet_hbond.range_2_label_comp_id 
_pdbx_struct_sheet_hbond.range_2_label_asym_id 
_pdbx_struct_sheet_hbond.range_2_label_seq_id 
_pdbx_struct_sheet_hbond.range_2_PDB_ins_code 
_pdbx_struct_sheet_hbond.range_2_auth_atom_id 
_pdbx_struct_sheet_hbond.range_2_auth_comp_id 
_pdbx_struct_sheet_hbond.range_2_auth_asym_id 
_pdbx_struct_sheet_hbond.range_2_auth_seq_id 
A 1 2 N LYS A 3  ? N LYS A 3  O GLU A 64 ? O GLU A 64 
A 2 3 N GLU A 65 ? N GLU A 65 O ILE B 63 ? O ILE B 63 
A 3 4 O GLU B 64 ? O GLU B 64 N LYS B 3  ? N LYS B 3  
B 1 2 N GLU A 26 ? N GLU A 26 O GLN A 34 ? O GLN A 34 
C 1 2 N GLU B 26 ? N GLU B 26 O GLN B 34 ? O GLN B 34 
# 
loop_
_struct_site.id 
_struct_site.pdbx_evidence_code 
_struct_site.pdbx_auth_asym_id 
_struct_site.pdbx_auth_comp_id 
_struct_site.pdbx_auth_seq_id 
_struct_site.pdbx_auth_ins_code 
_struct_site.pdbx_num_residues 
_struct_site.details 
AC1 Software A NCO 71 ? 6  'BINDING SITE FOR RESIDUE NCO A 71' 
AC2 Software B NCO 72 ? 5  'BINDING SITE FOR RESIDUE NCO B 72' 
AC3 Software A NCO 73 ? 2  'BINDING SITE FOR RESIDUE NCO A 73' 
AC4 Software B NCO 74 ? 1  'BINDING SITE FOR RESIDUE NCO B 74' 
AC5 Software A F3S 70 ? 12 'BINDING SITE FOR RESIDUE F3S A 70' 
AC6 Software B F3S 70 ? 12 'BINDING SITE FOR RESIDUE F3S B 70' 
# 
loop_
_struct_site_gen.id 
_struct_site_gen.site_id 
_struct_site_gen.pdbx_num_res 
_struct_site_gen.label_comp_id 
_struct_site_gen.label_asym_id 
_struct_site_gen.label_seq_id 
_struct_site_gen.pdbx_auth_ins_code 
_struct_site_gen.auth_comp_id 
_struct_site_gen.auth_asym_id 
_struct_site_gen.auth_seq_id 
_struct_site_gen.label_atom_id 
_struct_site_gen.label_alt_id 
_struct_site_gen.symmetry 
_struct_site_gen.details 
1  AC1 6  MET A 53 ? MET A 53  . ? 1_555 ? 
2  AC1 6  GLU A 54 ? GLU A 54  . ? 1_555 ? 
3  AC1 6  CYS A 56 ? CYS A 56  . ? 1_555 ? 
4  AC1 6  PRO A 57 ? PRO A 57  . ? 1_555 ? 
5  AC1 6  SER A 59 ? SER A 59  . ? 1_555 ? 
6  AC1 6  HOH J .  ? HOH B 84  . ? 1_555 ? 
7  AC2 5  MET B 53 ? MET B 53  . ? 1_555 ? 
8  AC2 5  GLU B 54 ? GLU B 54  . ? 1_555 ? 
9  AC2 5  CYS B 56 ? CYS B 56  . ? 1_555 ? 
10 AC2 5  SER B 59 ? SER B 59  . ? 1_555 ? 
11 AC2 5  HOH J .  ? HOH B 94  . ? 1_555 ? 
12 AC3 2  GLU A 41 ? GLU A 41  . ? 1_555 ? 
13 AC3 2  HOH I .  ? HOH A 95  . ? 1_555 ? 
14 AC4 1  GLU B 41 ? GLU B 41  . ? 1_555 ? 
15 AC5 12 CYS A 11 ? CYS A 11  . ? 1_555 ? 
16 AC5 12 ILE A 12 ? ILE A 12  . ? 1_555 ? 
17 AC5 12 GLY A 13 ? GLY A 13  . ? 1_555 ? 
18 AC5 12 ASP A 14 ? ASP A 14  . ? 1_555 ? 
19 AC5 12 ALA A 15 ? ALA A 15  . ? 1_555 ? 
20 AC5 12 ILE A 16 ? ILE A 16  . ? 1_555 ? 
21 AC5 12 CYS A 17 ? CYS A 17  . ? 1_555 ? 
22 AC5 12 ALA A 33 ? ALA A 33  . ? 1_555 ? 
23 AC5 12 CYS A 56 ? CYS A 56  . ? 1_555 ? 
24 AC5 12 VAL A 58 ? VAL A 58  . ? 1_555 ? 
25 AC5 12 ILE A 61 ? ILE A 61  . ? 1_555 ? 
26 AC5 12 HOH I .  ? HOH A 145 . ? 1_555 ? 
27 AC6 12 CYS B 11 ? CYS B 11  . ? 1_555 ? 
28 AC6 12 ILE B 12 ? ILE B 12  . ? 1_555 ? 
29 AC6 12 GLY B 13 ? GLY B 13  . ? 1_555 ? 
30 AC6 12 ASP B 14 ? ASP B 14  . ? 1_555 ? 
31 AC6 12 ALA B 15 ? ALA B 15  . ? 1_555 ? 
32 AC6 12 ILE B 16 ? ILE B 16  . ? 1_555 ? 
33 AC6 12 CYS B 17 ? CYS B 17  . ? 1_555 ? 
34 AC6 12 ALA B 33 ? ALA B 33  . ? 1_555 ? 
35 AC6 12 CYS B 56 ? CYS B 56  . ? 1_555 ? 
36 AC6 12 VAL B 58 ? VAL B 58  . ? 1_555 ? 
37 AC6 12 ILE B 61 ? ILE B 61  . ? 1_555 ? 
38 AC6 12 HOH J .  ? HOH B 77  . ? 1_555 ? 
# 
_pdbx_entry_details.entry_id                   1SJ1 
_pdbx_entry_details.compound_details           ? 
_pdbx_entry_details.source_details             ? 
_pdbx_entry_details.nonpolymer_details         ? 
_pdbx_entry_details.sequence_details           ? 
_pdbx_entry_details.has_ligand_of_interest     ? 
_pdbx_entry_details.has_protein_modification   Y 
# 
loop_
_pdbx_validate_close_contact.id 
_pdbx_validate_close_contact.PDB_model_num 
_pdbx_validate_close_contact.auth_atom_id_1 
_pdbx_validate_close_contact.auth_asym_id_1 
_pdbx_validate_close_contact.auth_comp_id_1 
_pdbx_validate_close_contact.auth_seq_id_1 
_pdbx_validate_close_contact.PDB_ins_code_1 
_pdbx_validate_close_contact.label_alt_id_1 
_pdbx_validate_close_contact.auth_atom_id_2 
_pdbx_validate_close_contact.auth_asym_id_2 
_pdbx_validate_close_contact.auth_comp_id_2 
_pdbx_validate_close_contact.auth_seq_id_2 
_pdbx_validate_close_contact.PDB_ins_code_2 
_pdbx_validate_close_contact.label_alt_id_2 
_pdbx_validate_close_contact.dist 
1 1 S4 A F3S 70 ? ? O A HOH 145 ? ? 1.27 
2 1 S4 B F3S 70 ? ? O B HOH 77  ? ? 2.02 
3 1 NZ B LYS 3  ? ? O B HOH 122 ? ? 2.04 
4 1 NZ A LYS 3  ? ? O A HOH 117 ? ? 2.05 
5 1 O  A HOH 79 ? ? O A HOH 132 ? ? 2.19 
# 
loop_
_pdbx_validate_symm_contact.id 
_pdbx_validate_symm_contact.PDB_model_num 
_pdbx_validate_symm_contact.auth_atom_id_1 
_pdbx_validate_symm_contact.auth_asym_id_1 
_pdbx_validate_symm_contact.auth_comp_id_1 
_pdbx_validate_symm_contact.auth_seq_id_1 
_pdbx_validate_symm_contact.PDB_ins_code_1 
_pdbx_validate_symm_contact.label_alt_id_1 
_pdbx_validate_symm_contact.site_symmetry_1 
_pdbx_validate_symm_contact.auth_atom_id_2 
_pdbx_validate_symm_contact.auth_asym_id_2 
_pdbx_validate_symm_contact.auth_comp_id_2 
_pdbx_validate_symm_contact.auth_seq_id_2 
_pdbx_validate_symm_contact.PDB_ins_code_2 
_pdbx_validate_symm_contact.label_alt_id_2 
_pdbx_validate_symm_contact.site_symmetry_2 
_pdbx_validate_symm_contact.dist 
1 1 NZ B LYS 36  ? ? 1_555 O A HOH 88  ? ? 2_656 1.73 
2 1 O  A HOH 134 ? ? 1_555 O B HOH 81  ? ? 2_646 1.90 
3 1 NZ B LYS 36  ? ? 1_555 O A HOH 134 ? ? 2_656 2.14 
# 
loop_
_pdbx_validate_rmsd_angle.id 
_pdbx_validate_rmsd_angle.PDB_model_num 
_pdbx_validate_rmsd_angle.auth_atom_id_1 
_pdbx_validate_rmsd_angle.auth_asym_id_1 
_pdbx_validate_rmsd_angle.auth_comp_id_1 
_pdbx_validate_rmsd_angle.auth_seq_id_1 
_pdbx_validate_rmsd_angle.PDB_ins_code_1 
_pdbx_validate_rmsd_angle.label_alt_id_1 
_pdbx_validate_rmsd_angle.auth_atom_id_2 
_pdbx_validate_rmsd_angle.auth_asym_id_2 
_pdbx_validate_rmsd_angle.auth_comp_id_2 
_pdbx_validate_rmsd_angle.auth_seq_id_2 
_pdbx_validate_rmsd_angle.PDB_ins_code_2 
_pdbx_validate_rmsd_angle.label_alt_id_2 
_pdbx_validate_rmsd_angle.auth_atom_id_3 
_pdbx_validate_rmsd_angle.auth_asym_id_3 
_pdbx_validate_rmsd_angle.auth_comp_id_3 
_pdbx_validate_rmsd_angle.auth_seq_id_3 
_pdbx_validate_rmsd_angle.PDB_ins_code_3 
_pdbx_validate_rmsd_angle.label_alt_id_3 
_pdbx_validate_rmsd_angle.angle_value 
_pdbx_validate_rmsd_angle.angle_target_value 
_pdbx_validate_rmsd_angle.angle_deviation 
_pdbx_validate_rmsd_angle.angle_standard_deviation 
_pdbx_validate_rmsd_angle.linker_flag 
1 1 CA A CYS 48 ? A CB A CYS 48 ? A SG A CYS 48 ? A 123.78 114.20 9.58  1.10 N 
2 1 CA B CYS 48 ? A CB B CYS 48 ? A SG B CYS 48 ? A 124.65 114.20 10.45 1.10 N 
# 
_pdbx_validate_torsion.id              1 
_pdbx_validate_torsion.PDB_model_num   1 
_pdbx_validate_torsion.auth_comp_id    ALA 
_pdbx_validate_torsion.auth_asym_id    B 
_pdbx_validate_torsion.auth_seq_id     15 
_pdbx_validate_torsion.PDB_ins_code    ? 
_pdbx_validate_torsion.label_alt_id    ? 
_pdbx_validate_torsion.phi             80.15 
_pdbx_validate_torsion.psi             9.05 
# 
loop_
_chem_comp_atom.comp_id 
_chem_comp_atom.atom_id 
_chem_comp_atom.type_symbol 
_chem_comp_atom.pdbx_aromatic_flag 
_chem_comp_atom.pdbx_stereo_config 
_chem_comp_atom.pdbx_ordinal 
ALA N    N  N N 1   
ALA CA   C  N S 2   
ALA C    C  N N 3   
ALA O    O  N N 4   
ALA CB   C  N N 5   
ALA OXT  O  N N 6   
ALA H    H  N N 7   
ALA H2   H  N N 8   
ALA HA   H  N N 9   
ALA HB1  H  N N 10  
ALA HB2  H  N N 11  
ALA HB3  H  N N 12  
ALA HXT  H  N N 13  
ASN N    N  N N 14  
ASN CA   C  N S 15  
ASN C    C  N N 16  
ASN O    O  N N 17  
ASN CB   C  N N 18  
ASN CG   C  N N 19  
ASN OD1  O  N N 20  
ASN ND2  N  N N 21  
ASN OXT  O  N N 22  
ASN H    H  N N 23  
ASN H2   H  N N 24  
ASN HA   H  N N 25  
ASN HB2  H  N N 26  
ASN HB3  H  N N 27  
ASN HD21 H  N N 28  
ASN HD22 H  N N 29  
ASN HXT  H  N N 30  
ASP N    N  N N 31  
ASP CA   C  N S 32  
ASP C    C  N N 33  
ASP O    O  N N 34  
ASP CB   C  N N 35  
ASP CG   C  N N 36  
ASP OD1  O  N N 37  
ASP OD2  O  N N 38  
ASP OXT  O  N N 39  
ASP H    H  N N 40  
ASP H2   H  N N 41  
ASP HA   H  N N 42  
ASP HB2  H  N N 43  
ASP HB3  H  N N 44  
ASP HD2  H  N N 45  
ASP HXT  H  N N 46  
CYS N    N  N N 47  
CYS CA   C  N R 48  
CYS C    C  N N 49  
CYS O    O  N N 50  
CYS CB   C  N N 51  
CYS SG   S  N N 52  
CYS OXT  O  N N 53  
CYS H    H  N N 54  
CYS H2   H  N N 55  
CYS HA   H  N N 56  
CYS HB2  H  N N 57  
CYS HB3  H  N N 58  
CYS HG   H  N N 59  
CYS HXT  H  N N 60  
F3S FE1  FE N N 61  
F3S FE3  FE N N 62  
F3S FE4  FE N N 63  
F3S S1   S  N N 64  
F3S S2   S  N N 65  
F3S S3   S  N N 66  
F3S S4   S  N N 67  
GLN N    N  N N 68  
GLN CA   C  N S 69  
GLN C    C  N N 70  
GLN O    O  N N 71  
GLN CB   C  N N 72  
GLN CG   C  N N 73  
GLN CD   C  N N 74  
GLN OE1  O  N N 75  
GLN NE2  N  N N 76  
GLN OXT  O  N N 77  
GLN H    H  N N 78  
GLN H2   H  N N 79  
GLN HA   H  N N 80  
GLN HB2  H  N N 81  
GLN HB3  H  N N 82  
GLN HG2  H  N N 83  
GLN HG3  H  N N 84  
GLN HE21 H  N N 85  
GLN HE22 H  N N 86  
GLN HXT  H  N N 87  
GLU N    N  N N 88  
GLU CA   C  N S 89  
GLU C    C  N N 90  
GLU O    O  N N 91  
GLU CB   C  N N 92  
GLU CG   C  N N 93  
GLU CD   C  N N 94  
GLU OE1  O  N N 95  
GLU OE2  O  N N 96  
GLU OXT  O  N N 97  
GLU H    H  N N 98  
GLU H2   H  N N 99  
GLU HA   H  N N 100 
GLU HB2  H  N N 101 
GLU HB3  H  N N 102 
GLU HG2  H  N N 103 
GLU HG3  H  N N 104 
GLU HE2  H  N N 105 
GLU HXT  H  N N 106 
GLY N    N  N N 107 
GLY CA   C  N N 108 
GLY C    C  N N 109 
GLY O    O  N N 110 
GLY OXT  O  N N 111 
GLY H    H  N N 112 
GLY H2   H  N N 113 
GLY HA2  H  N N 114 
GLY HA3  H  N N 115 
GLY HXT  H  N N 116 
HOH O    O  N N 117 
HOH H1   H  N N 118 
HOH H2   H  N N 119 
ILE N    N  N N 120 
ILE CA   C  N S 121 
ILE C    C  N N 122 
ILE O    O  N N 123 
ILE CB   C  N S 124 
ILE CG1  C  N N 125 
ILE CG2  C  N N 126 
ILE CD1  C  N N 127 
ILE OXT  O  N N 128 
ILE H    H  N N 129 
ILE H2   H  N N 130 
ILE HA   H  N N 131 
ILE HB   H  N N 132 
ILE HG12 H  N N 133 
ILE HG13 H  N N 134 
ILE HG21 H  N N 135 
ILE HG22 H  N N 136 
ILE HG23 H  N N 137 
ILE HD11 H  N N 138 
ILE HD12 H  N N 139 
ILE HD13 H  N N 140 
ILE HXT  H  N N 141 
LEU N    N  N N 142 
LEU CA   C  N S 143 
LEU C    C  N N 144 
LEU O    O  N N 145 
LEU CB   C  N N 146 
LEU CG   C  N N 147 
LEU CD1  C  N N 148 
LEU CD2  C  N N 149 
LEU OXT  O  N N 150 
LEU H    H  N N 151 
LEU H2   H  N N 152 
LEU HA   H  N N 153 
LEU HB2  H  N N 154 
LEU HB3  H  N N 155 
LEU HG   H  N N 156 
LEU HD11 H  N N 157 
LEU HD12 H  N N 158 
LEU HD13 H  N N 159 
LEU HD21 H  N N 160 
LEU HD22 H  N N 161 
LEU HD23 H  N N 162 
LEU HXT  H  N N 163 
LYS N    N  N N 164 
LYS CA   C  N S 165 
LYS C    C  N N 166 
LYS O    O  N N 167 
LYS CB   C  N N 168 
LYS CG   C  N N 169 
LYS CD   C  N N 170 
LYS CE   C  N N 171 
LYS NZ   N  N N 172 
LYS OXT  O  N N 173 
LYS H    H  N N 174 
LYS H2   H  N N 175 
LYS HA   H  N N 176 
LYS HB2  H  N N 177 
LYS HB3  H  N N 178 
LYS HG2  H  N N 179 
LYS HG3  H  N N 180 
LYS HD2  H  N N 181 
LYS HD3  H  N N 182 
LYS HE2  H  N N 183 
LYS HE3  H  N N 184 
LYS HZ1  H  N N 185 
LYS HZ2  H  N N 186 
LYS HZ3  H  N N 187 
LYS HXT  H  N N 188 
MET N    N  N N 189 
MET CA   C  N S 190 
MET C    C  N N 191 
MET O    O  N N 192 
MET CB   C  N N 193 
MET CG   C  N N 194 
MET SD   S  N N 195 
MET CE   C  N N 196 
MET OXT  O  N N 197 
MET H    H  N N 198 
MET H2   H  N N 199 
MET HA   H  N N 200 
MET HB2  H  N N 201 
MET HB3  H  N N 202 
MET HG2  H  N N 203 
MET HG3  H  N N 204 
MET HE1  H  N N 205 
MET HE2  H  N N 206 
MET HE3  H  N N 207 
MET HXT  H  N N 208 
NCO CO   CO N N 209 
NCO N1   N  N N 210 
NCO N2   N  N N 211 
NCO N3   N  N N 212 
NCO N4   N  N N 213 
NCO N5   N  N N 214 
NCO N6   N  N N 215 
NCO HN11 H  N N 216 
NCO HN12 H  N N 217 
NCO HN13 H  N N 218 
NCO HN21 H  N N 219 
NCO HN22 H  N N 220 
NCO HN23 H  N N 221 
NCO HN31 H  N N 222 
NCO HN32 H  N N 223 
NCO HN33 H  N N 224 
NCO HN41 H  N N 225 
NCO HN42 H  N N 226 
NCO HN43 H  N N 227 
NCO HN51 H  N N 228 
NCO HN52 H  N N 229 
NCO HN53 H  N N 230 
NCO HN61 H  N N 231 
NCO HN62 H  N N 232 
NCO HN63 H  N N 233 
PHE N    N  N N 234 
PHE CA   C  N S 235 
PHE C    C  N N 236 
PHE O    O  N N 237 
PHE CB   C  N N 238 
PHE CG   C  Y N 239 
PHE CD1  C  Y N 240 
PHE CD2  C  Y N 241 
PHE CE1  C  Y N 242 
PHE CE2  C  Y N 243 
PHE CZ   C  Y N 244 
PHE OXT  O  N N 245 
PHE H    H  N N 246 
PHE H2   H  N N 247 
PHE HA   H  N N 248 
PHE HB2  H  N N 249 
PHE HB3  H  N N 250 
PHE HD1  H  N N 251 
PHE HD2  H  N N 252 
PHE HE1  H  N N 253 
PHE HE2  H  N N 254 
PHE HZ   H  N N 255 
PHE HXT  H  N N 256 
PRO N    N  N N 257 
PRO CA   C  N S 258 
PRO C    C  N N 259 
PRO O    O  N N 260 
PRO CB   C  N N 261 
PRO CG   C  N N 262 
PRO CD   C  N N 263 
PRO OXT  O  N N 264 
PRO H    H  N N 265 
PRO HA   H  N N 266 
PRO HB2  H  N N 267 
PRO HB3  H  N N 268 
PRO HG2  H  N N 269 
PRO HG3  H  N N 270 
PRO HD2  H  N N 271 
PRO HD3  H  N N 272 
PRO HXT  H  N N 273 
SER N    N  N N 274 
SER CA   C  N S 275 
SER C    C  N N 276 
SER O    O  N N 277 
SER CB   C  N N 278 
SER OG   O  N N 279 
SER OXT  O  N N 280 
SER H    H  N N 281 
SER H2   H  N N 282 
SER HA   H  N N 283 
SER HB2  H  N N 284 
SER HB3  H  N N 285 
SER HG   H  N N 286 
SER HXT  H  N N 287 
THR N    N  N N 288 
THR CA   C  N S 289 
THR C    C  N N 290 
THR O    O  N N 291 
THR CB   C  N R 292 
THR OG1  O  N N 293 
THR CG2  C  N N 294 
THR OXT  O  N N 295 
THR H    H  N N 296 
THR H2   H  N N 297 
THR HA   H  N N 298 
THR HB   H  N N 299 
THR HG1  H  N N 300 
THR HG21 H  N N 301 
THR HG22 H  N N 302 
THR HG23 H  N N 303 
THR HXT  H  N N 304 
TRP N    N  N N 305 
TRP CA   C  N S 306 
TRP C    C  N N 307 
TRP O    O  N N 308 
TRP CB   C  N N 309 
TRP CG   C  Y N 310 
TRP CD1  C  Y N 311 
TRP CD2  C  Y N 312 
TRP NE1  N  Y N 313 
TRP CE2  C  Y N 314 
TRP CE3  C  Y N 315 
TRP CZ2  C  Y N 316 
TRP CZ3  C  Y N 317 
TRP CH2  C  Y N 318 
TRP OXT  O  N N 319 
TRP H    H  N N 320 
TRP H2   H  N N 321 
TRP HA   H  N N 322 
TRP HB2  H  N N 323 
TRP HB3  H  N N 324 
TRP HD1  H  N N 325 
TRP HE1  H  N N 326 
TRP HE3  H  N N 327 
TRP HZ2  H  N N 328 
TRP HZ3  H  N N 329 
TRP HH2  H  N N 330 
TRP HXT  H  N N 331 
TYR N    N  N N 332 
TYR CA   C  N S 333 
TYR C    C  N N 334 
TYR O    O  N N 335 
TYR CB   C  N N 336 
TYR CG   C  Y N 337 
TYR CD1  C  Y N 338 
TYR CD2  C  Y N 339 
TYR CE1  C  Y N 340 
TYR CE2  C  Y N 341 
TYR CZ   C  Y N 342 
TYR OH   O  N N 343 
TYR OXT  O  N N 344 
TYR H    H  N N 345 
TYR H2   H  N N 346 
TYR HA   H  N N 347 
TYR HB2  H  N N 348 
TYR HB3  H  N N 349 
TYR HD1  H  N N 350 
TYR HD2  H  N N 351 
TYR HE1  H  N N 352 
TYR HE2  H  N N 353 
TYR HH   H  N N 354 
TYR HXT  H  N N 355 
VAL N    N  N N 356 
VAL CA   C  N S 357 
VAL C    C  N N 358 
VAL O    O  N N 359 
VAL CB   C  N N 360 
VAL CG1  C  N N 361 
VAL CG2  C  N N 362 
VAL OXT  O  N N 363 
VAL H    H  N N 364 
VAL H2   H  N N 365 
VAL HA   H  N N 366 
VAL HB   H  N N 367 
VAL HG11 H  N N 368 
VAL HG12 H  N N 369 
VAL HG13 H  N N 370 
VAL HG21 H  N N 371 
VAL HG22 H  N N 372 
VAL HG23 H  N N 373 
VAL HXT  H  N N 374 
# 
loop_
_chem_comp_bond.comp_id 
_chem_comp_bond.atom_id_1 
_chem_comp_bond.atom_id_2 
_chem_comp_bond.value_order 
_chem_comp_bond.pdbx_aromatic_flag 
_chem_comp_bond.pdbx_stereo_config 
_chem_comp_bond.pdbx_ordinal 
ALA N   CA   sing N N 1   
ALA N   H    sing N N 2   
ALA N   H2   sing N N 3   
ALA CA  C    sing N N 4   
ALA CA  CB   sing N N 5   
ALA CA  HA   sing N N 6   
ALA C   O    doub N N 7   
ALA C   OXT  sing N N 8   
ALA CB  HB1  sing N N 9   
ALA CB  HB2  sing N N 10  
ALA CB  HB3  sing N N 11  
ALA OXT HXT  sing N N 12  
ASN N   CA   sing N N 13  
ASN N   H    sing N N 14  
ASN N   H2   sing N N 15  
ASN CA  C    sing N N 16  
ASN CA  CB   sing N N 17  
ASN CA  HA   sing N N 18  
ASN C   O    doub N N 19  
ASN C   OXT  sing N N 20  
ASN CB  CG   sing N N 21  
ASN CB  HB2  sing N N 22  
ASN CB  HB3  sing N N 23  
ASN CG  OD1  doub N N 24  
ASN CG  ND2  sing N N 25  
ASN ND2 HD21 sing N N 26  
ASN ND2 HD22 sing N N 27  
ASN OXT HXT  sing N N 28  
ASP N   CA   sing N N 29  
ASP N   H    sing N N 30  
ASP N   H2   sing N N 31  
ASP CA  C    sing N N 32  
ASP CA  CB   sing N N 33  
ASP CA  HA   sing N N 34  
ASP C   O    doub N N 35  
ASP C   OXT  sing N N 36  
ASP CB  CG   sing N N 37  
ASP CB  HB2  sing N N 38  
ASP CB  HB3  sing N N 39  
ASP CG  OD1  doub N N 40  
ASP CG  OD2  sing N N 41  
ASP OD2 HD2  sing N N 42  
ASP OXT HXT  sing N N 43  
CYS N   CA   sing N N 44  
CYS N   H    sing N N 45  
CYS N   H2   sing N N 46  
CYS CA  C    sing N N 47  
CYS CA  CB   sing N N 48  
CYS CA  HA   sing N N 49  
CYS C   O    doub N N 50  
CYS C   OXT  sing N N 51  
CYS CB  SG   sing N N 52  
CYS CB  HB2  sing N N 53  
CYS CB  HB3  sing N N 54  
CYS SG  HG   sing N N 55  
CYS OXT HXT  sing N N 56  
F3S FE1 S1   sing N N 57  
F3S FE1 S2   sing N N 58  
F3S FE1 S3   sing N N 59  
F3S FE3 S1   sing N N 60  
F3S FE3 S3   sing N N 61  
F3S FE3 S4   sing N N 62  
F3S FE4 S2   sing N N 63  
F3S FE4 S3   sing N N 64  
F3S FE4 S4   sing N N 65  
GLN N   CA   sing N N 66  
GLN N   H    sing N N 67  
GLN N   H2   sing N N 68  
GLN CA  C    sing N N 69  
GLN CA  CB   sing N N 70  
GLN CA  HA   sing N N 71  
GLN C   O    doub N N 72  
GLN C   OXT  sing N N 73  
GLN CB  CG   sing N N 74  
GLN CB  HB2  sing N N 75  
GLN CB  HB3  sing N N 76  
GLN CG  CD   sing N N 77  
GLN CG  HG2  sing N N 78  
GLN CG  HG3  sing N N 79  
GLN CD  OE1  doub N N 80  
GLN CD  NE2  sing N N 81  
GLN NE2 HE21 sing N N 82  
GLN NE2 HE22 sing N N 83  
GLN OXT HXT  sing N N 84  
GLU N   CA   sing N N 85  
GLU N   H    sing N N 86  
GLU N   H2   sing N N 87  
GLU CA  C    sing N N 88  
GLU CA  CB   sing N N 89  
GLU CA  HA   sing N N 90  
GLU C   O    doub N N 91  
GLU C   OXT  sing N N 92  
GLU CB  CG   sing N N 93  
GLU CB  HB2  sing N N 94  
GLU CB  HB3  sing N N 95  
GLU CG  CD   sing N N 96  
GLU CG  HG2  sing N N 97  
GLU CG  HG3  sing N N 98  
GLU CD  OE1  doub N N 99  
GLU CD  OE2  sing N N 100 
GLU OE2 HE2  sing N N 101 
GLU OXT HXT  sing N N 102 
GLY N   CA   sing N N 103 
GLY N   H    sing N N 104 
GLY N   H2   sing N N 105 
GLY CA  C    sing N N 106 
GLY CA  HA2  sing N N 107 
GLY CA  HA3  sing N N 108 
GLY C   O    doub N N 109 
GLY C   OXT  sing N N 110 
GLY OXT HXT  sing N N 111 
HOH O   H1   sing N N 112 
HOH O   H2   sing N N 113 
ILE N   CA   sing N N 114 
ILE N   H    sing N N 115 
ILE N   H2   sing N N 116 
ILE CA  C    sing N N 117 
ILE CA  CB   sing N N 118 
ILE CA  HA   sing N N 119 
ILE C   O    doub N N 120 
ILE C   OXT  sing N N 121 
ILE CB  CG1  sing N N 122 
ILE CB  CG2  sing N N 123 
ILE CB  HB   sing N N 124 
ILE CG1 CD1  sing N N 125 
ILE CG1 HG12 sing N N 126 
ILE CG1 HG13 sing N N 127 
ILE CG2 HG21 sing N N 128 
ILE CG2 HG22 sing N N 129 
ILE CG2 HG23 sing N N 130 
ILE CD1 HD11 sing N N 131 
ILE CD1 HD12 sing N N 132 
ILE CD1 HD13 sing N N 133 
ILE OXT HXT  sing N N 134 
LEU N   CA   sing N N 135 
LEU N   H    sing N N 136 
LEU N   H2   sing N N 137 
LEU CA  C    sing N N 138 
LEU CA  CB   sing N N 139 
LEU CA  HA   sing N N 140 
LEU C   O    doub N N 141 
LEU C   OXT  sing N N 142 
LEU CB  CG   sing N N 143 
LEU CB  HB2  sing N N 144 
LEU CB  HB3  sing N N 145 
LEU CG  CD1  sing N N 146 
LEU CG  CD2  sing N N 147 
LEU CG  HG   sing N N 148 
LEU CD1 HD11 sing N N 149 
LEU CD1 HD12 sing N N 150 
LEU CD1 HD13 sing N N 151 
LEU CD2 HD21 sing N N 152 
LEU CD2 HD22 sing N N 153 
LEU CD2 HD23 sing N N 154 
LEU OXT HXT  sing N N 155 
LYS N   CA   sing N N 156 
LYS N   H    sing N N 157 
LYS N   H2   sing N N 158 
LYS CA  C    sing N N 159 
LYS CA  CB   sing N N 160 
LYS CA  HA   sing N N 161 
LYS C   O    doub N N 162 
LYS C   OXT  sing N N 163 
LYS CB  CG   sing N N 164 
LYS CB  HB2  sing N N 165 
LYS CB  HB3  sing N N 166 
LYS CG  CD   sing N N 167 
LYS CG  HG2  sing N N 168 
LYS CG  HG3  sing N N 169 
LYS CD  CE   sing N N 170 
LYS CD  HD2  sing N N 171 
LYS CD  HD3  sing N N 172 
LYS CE  NZ   sing N N 173 
LYS CE  HE2  sing N N 174 
LYS CE  HE3  sing N N 175 
LYS NZ  HZ1  sing N N 176 
LYS NZ  HZ2  sing N N 177 
LYS NZ  HZ3  sing N N 178 
LYS OXT HXT  sing N N 179 
MET N   CA   sing N N 180 
MET N   H    sing N N 181 
MET N   H2   sing N N 182 
MET CA  C    sing N N 183 
MET CA  CB   sing N N 184 
MET CA  HA   sing N N 185 
MET C   O    doub N N 186 
MET C   OXT  sing N N 187 
MET CB  CG   sing N N 188 
MET CB  HB2  sing N N 189 
MET CB  HB3  sing N N 190 
MET CG  SD   sing N N 191 
MET CG  HG2  sing N N 192 
MET CG  HG3  sing N N 193 
MET SD  CE   sing N N 194 
MET CE  HE1  sing N N 195 
MET CE  HE2  sing N N 196 
MET CE  HE3  sing N N 197 
MET OXT HXT  sing N N 198 
NCO CO  N1   sing N N 199 
NCO CO  N2   sing N N 200 
NCO CO  N3   sing N N 201 
NCO CO  N4   sing N N 202 
NCO CO  N5   sing N N 203 
NCO CO  N6   sing N N 204 
NCO N1  HN11 sing N N 205 
NCO N1  HN12 sing N N 206 
NCO N1  HN13 sing N N 207 
NCO N2  HN21 sing N N 208 
NCO N2  HN22 sing N N 209 
NCO N2  HN23 sing N N 210 
NCO N3  HN31 sing N N 211 
NCO N3  HN32 sing N N 212 
NCO N3  HN33 sing N N 213 
NCO N4  HN41 sing N N 214 
NCO N4  HN42 sing N N 215 
NCO N4  HN43 sing N N 216 
NCO N5  HN51 sing N N 217 
NCO N5  HN52 sing N N 218 
NCO N5  HN53 sing N N 219 
NCO N6  HN61 sing N N 220 
NCO N6  HN62 sing N N 221 
NCO N6  HN63 sing N N 222 
PHE N   CA   sing N N 223 
PHE N   H    sing N N 224 
PHE N   H2   sing N N 225 
PHE CA  C    sing N N 226 
PHE CA  CB   sing N N 227 
PHE CA  HA   sing N N 228 
PHE C   O    doub N N 229 
PHE C   OXT  sing N N 230 
PHE CB  CG   sing N N 231 
PHE CB  HB2  sing N N 232 
PHE CB  HB3  sing N N 233 
PHE CG  CD1  doub Y N 234 
PHE CG  CD2  sing Y N 235 
PHE CD1 CE1  sing Y N 236 
PHE CD1 HD1  sing N N 237 
PHE CD2 CE2  doub Y N 238 
PHE CD2 HD2  sing N N 239 
PHE CE1 CZ   doub Y N 240 
PHE CE1 HE1  sing N N 241 
PHE CE2 CZ   sing Y N 242 
PHE CE2 HE2  sing N N 243 
PHE CZ  HZ   sing N N 244 
PHE OXT HXT  sing N N 245 
PRO N   CA   sing N N 246 
PRO N   CD   sing N N 247 
PRO N   H    sing N N 248 
PRO CA  C    sing N N 249 
PRO CA  CB   sing N N 250 
PRO CA  HA   sing N N 251 
PRO C   O    doub N N 252 
PRO C   OXT  sing N N 253 
PRO CB  CG   sing N N 254 
PRO CB  HB2  sing N N 255 
PRO CB  HB3  sing N N 256 
PRO CG  CD   sing N N 257 
PRO CG  HG2  sing N N 258 
PRO CG  HG3  sing N N 259 
PRO CD  HD2  sing N N 260 
PRO CD  HD3  sing N N 261 
PRO OXT HXT  sing N N 262 
SER N   CA   sing N N 263 
SER N   H    sing N N 264 
SER N   H2   sing N N 265 
SER CA  C    sing N N 266 
SER CA  CB   sing N N 267 
SER CA  HA   sing N N 268 
SER C   O    doub N N 269 
SER C   OXT  sing N N 270 
SER CB  OG   sing N N 271 
SER CB  HB2  sing N N 272 
SER CB  HB3  sing N N 273 
SER OG  HG   sing N N 274 
SER OXT HXT  sing N N 275 
THR N   CA   sing N N 276 
THR N   H    sing N N 277 
THR N   H2   sing N N 278 
THR CA  C    sing N N 279 
THR CA  CB   sing N N 280 
THR CA  HA   sing N N 281 
THR C   O    doub N N 282 
THR C   OXT  sing N N 283 
THR CB  OG1  sing N N 284 
THR CB  CG2  sing N N 285 
THR CB  HB   sing N N 286 
THR OG1 HG1  sing N N 287 
THR CG2 HG21 sing N N 288 
THR CG2 HG22 sing N N 289 
THR CG2 HG23 sing N N 290 
THR OXT HXT  sing N N 291 
TRP N   CA   sing N N 292 
TRP N   H    sing N N 293 
TRP N   H2   sing N N 294 
TRP CA  C    sing N N 295 
TRP CA  CB   sing N N 296 
TRP CA  HA   sing N N 297 
TRP C   O    doub N N 298 
TRP C   OXT  sing N N 299 
TRP CB  CG   sing N N 300 
TRP CB  HB2  sing N N 301 
TRP CB  HB3  sing N N 302 
TRP CG  CD1  doub Y N 303 
TRP CG  CD2  sing Y N 304 
TRP CD1 NE1  sing Y N 305 
TRP CD1 HD1  sing N N 306 
TRP CD2 CE2  doub Y N 307 
TRP CD2 CE3  sing Y N 308 
TRP NE1 CE2  sing Y N 309 
TRP NE1 HE1  sing N N 310 
TRP CE2 CZ2  sing Y N 311 
TRP CE3 CZ3  doub Y N 312 
TRP CE3 HE3  sing N N 313 
TRP CZ2 CH2  doub Y N 314 
TRP CZ2 HZ2  sing N N 315 
TRP CZ3 CH2  sing Y N 316 
TRP CZ3 HZ3  sing N N 317 
TRP CH2 HH2  sing N N 318 
TRP OXT HXT  sing N N 319 
TYR N   CA   sing N N 320 
TYR N   H    sing N N 321 
TYR N   H2   sing N N 322 
TYR CA  C    sing N N 323 
TYR CA  CB   sing N N 324 
TYR CA  HA   sing N N 325 
TYR C   O    doub N N 326 
TYR C   OXT  sing N N 327 
TYR CB  CG   sing N N 328 
TYR CB  HB2  sing N N 329 
TYR CB  HB3  sing N N 330 
TYR CG  CD1  doub Y N 331 
TYR CG  CD2  sing Y N 332 
TYR CD1 CE1  sing Y N 333 
TYR CD1 HD1  sing N N 334 
TYR CD2 CE2  doub Y N 335 
TYR CD2 HD2  sing N N 336 
TYR CE1 CZ   doub Y N 337 
TYR CE1 HE1  sing N N 338 
TYR CE2 CZ   sing Y N 339 
TYR CE2 HE2  sing N N 340 
TYR CZ  OH   sing N N 341 
TYR OH  HH   sing N N 342 
TYR OXT HXT  sing N N 343 
VAL N   CA   sing N N 344 
VAL N   H    sing N N 345 
VAL N   H2   sing N N 346 
VAL CA  C    sing N N 347 
VAL CA  CB   sing N N 348 
VAL CA  HA   sing N N 349 
VAL C   O    doub N N 350 
VAL C   OXT  sing N N 351 
VAL CB  CG1  sing N N 352 
VAL CB  CG2  sing N N 353 
VAL CB  HB   sing N N 354 
VAL CG1 HG11 sing N N 355 
VAL CG1 HG12 sing N N 356 
VAL CG1 HG13 sing N N 357 
VAL CG2 HG21 sing N N 358 
VAL CG2 HG22 sing N N 359 
VAL CG2 HG23 sing N N 360 
VAL OXT HXT  sing N N 361 
# 
_atom_sites.entry_id                    1SJ1 
_atom_sites.fract_transf_matrix[1][1]   0.03242749 
_atom_sites.fract_transf_matrix[1][2]   0.00305836 
_atom_sites.fract_transf_matrix[1][3]   -0.00517791 
_atom_sites.fract_transf_matrix[2][1]   -0.00325764 
_atom_sites.fract_transf_matrix[2][2]   -0.00064814 
_atom_sites.fract_transf_matrix[2][3]   -0.02078427 
_atom_sites.fract_transf_matrix[3][1]   0.00281009 
_atom_sites.fract_transf_matrix[3][2]   0.01956735 
_atom_sites.fract_transf_matrix[3][3]   -0.00105064 
_atom_sites.fract_transf_vector[1]      0.465028 
_atom_sites.fract_transf_vector[2]      0.269894 
_atom_sites.fract_transf_vector[3]      0.244094 
# 
loop_
_atom_type.symbol 
C  
CO 
FE 
N  
O  
S  
# 
loop_
_atom_site.group_PDB 
_atom_site.id 
_atom_site.type_symbol 
_atom_site.label_atom_id 
_atom_site.label_alt_id 
_atom_site.label_comp_id 
_atom_site.label_asym_id 
_atom_site.label_entity_id 
_atom_site.label_seq_id 
_atom_site.pdbx_PDB_ins_code 
_atom_site.Cartn_x 
_atom_site.Cartn_y 
_atom_site.Cartn_z 
_atom_site.occupancy 
_atom_site.B_iso_or_equiv 
_atom_site.pdbx_formal_charge 
_atom_site.auth_seq_id 
_atom_site.auth_comp_id 
_atom_site.auth_asym_id 
_atom_site.auth_atom_id 
_atom_site.pdbx_PDB_model_num 
ATOM   1    N  N   . ALA A 1 1  ? -3.320  -9.485  -0.138  1.00 15.94 ? 1   ALA A N   1 
ATOM   2    C  CA  . ALA A 1 1  ? -2.631  -9.427  1.221   1.00 16.61 ? 1   ALA A CA  1 
ATOM   3    C  C   . ALA A 1 1  ? -2.032  -8.042  1.385   1.00 13.26 ? 1   ALA A C   1 
ATOM   4    O  O   . ALA A 1 1  ? -1.786  -7.333  0.411   1.00 13.56 ? 1   ALA A O   1 
ATOM   5    C  CB  . ALA A 1 1  ? -1.534  -10.481 1.329   1.00 17.37 ? 1   ALA A CB  1 
ATOM   6    N  N   . TRP A 1 2  ? -1.787  -7.678  2.632   1.00 11.28 ? 2   TRP A N   1 
ATOM   7    C  CA  . TRP A 1 2  ? -1.255  -6.371  2.992   1.00 13.29 ? 2   TRP A CA  1 
ATOM   8    C  C   . TRP A 1 2  ? 0.076   -6.532  3.705   1.00 13.25 ? 2   TRP A C   1 
ATOM   9    O  O   . TRP A 1 2  ? 0.289   -7.541  4.453   1.00 13.03 ? 2   TRP A O   1 
ATOM   10   C  CB  . TRP A 1 2  ? -2.202  -5.676  3.976   1.00 12.10 ? 2   TRP A CB  1 
ATOM   11   C  CG  . TRP A 1 2  ? -3.510  -5.302  3.425   1.00 13.34 ? 2   TRP A CG  1 
ATOM   12   C  CD1 . TRP A 1 2  ? -3.829  -4.191  2.692   1.00 12.84 ? 2   TRP A CD1 1 
ATOM   13   C  CD2 . TRP A 1 2  ? -4.705  -6.045  3.585   1.00 13.54 ? 2   TRP A CD2 1 
ATOM   14   N  NE1 . TRP A 1 2  ? -5.161  -4.216  2.361   1.00 15.00 ? 2   TRP A NE1 1 
ATOM   15   C  CE2 . TRP A 1 2  ? -5.724  -5.345  2.894   1.00 12.59 ? 2   TRP A CE2 1 
ATOM   16   C  CE3 . TRP A 1 2  ? -5.018  -7.241  4.227   1.00 14.29 ? 2   TRP A CE3 1 
ATOM   17   C  CZ2 . TRP A 1 2  ? -7.038  -5.791  2.866   1.00 15.18 ? 2   TRP A CZ2 1 
ATOM   18   C  CZ3 . TRP A 1 2  ? -6.324  -7.685  4.188   1.00 15.40 ? 2   TRP A CZ3 1 
ATOM   19   C  CH2 . TRP A 1 2  ? -7.301  -6.966  3.510   1.00 16.04 ? 2   TRP A CH2 1 
ATOM   20   N  N   . LYS A 1 3  ? 0.955   -5.515  3.544   1.00 12.82 ? 3   LYS A N   1 
ATOM   21   C  CA  . LYS A 1 3  ? 2.228   -5.413  4.211   1.00 13.46 ? 3   LYS A CA  1 
ATOM   22   C  C   . LYS A 1 3  ? 2.365   -4.043  4.848   1.00 9.97  ? 3   LYS A C   1 
ATOM   23   O  O   . LYS A 1 3  ? 2.155   -3.039  4.192   1.00 10.24 ? 3   LYS A O   1 
ATOM   24   C  CB  . LYS A 1 3  ? 3.362   -5.684  3.234   1.00 16.61 ? 3   LYS A CB  1 
ATOM   25   C  CG  . LYS A 1 3  ? 3.571   -7.181  2.851   1.00 20.29 ? 3   LYS A CG  1 
ATOM   26   C  CD  . LYS A 1 3  ? 2.327   -7.842  2.343   1.00 22.61 ? 3   LYS A CD  1 
ATOM   27   C  CE  . LYS A 1 3  ? 2.416   -8.368  0.926   1.00 23.46 ? 3   LYS A CE  1 
ATOM   28   N  NZ  . LYS A 1 3  ? 1.427   -7.658  0.062   1.00 22.13 ? 3   LYS A NZ  1 
ATOM   29   N  N   A VAL A 1 4  ? 2.576   -4.017  6.166   0.50 7.48  ? 4   VAL A N   1 
ATOM   30   N  N   B VAL A 1 4  ? 2.865   -4.040  6.067   0.50 10.69 ? 4   VAL A N   1 
ATOM   31   C  CA  A VAL A 1 4  ? 2.850   -2.783  6.929   0.50 6.19  ? 4   VAL A CA  1 
ATOM   32   C  CA  B VAL A 1 4  ? 2.824   -2.905  6.971   0.50 8.86  ? 4   VAL A CA  1 
ATOM   33   C  C   A VAL A 1 4  ? 4.303   -2.291  6.842   0.50 6.15  ? 4   VAL A C   1 
ATOM   34   C  C   B VAL A 1 4  ? 4.282   -2.321  7.106   0.50 8.82  ? 4   VAL A C   1 
ATOM   35   O  O   A VAL A 1 4  ? 5.286   -3.053  6.753   0.50 10.33 ? 4   VAL A O   1 
ATOM   36   O  O   B VAL A 1 4  ? 5.247   -3.075  7.349   0.50 7.76  ? 4   VAL A O   1 
ATOM   37   C  CB  A VAL A 1 4  ? 2.511   -2.960  8.426   0.50 4.56  ? 4   VAL A CB  1 
ATOM   38   C  CB  B VAL A 1 4  ? 2.112   -3.452  8.263   0.50 9.35  ? 4   VAL A CB  1 
ATOM   39   C  CG1 A VAL A 1 4  ? 2.738   -1.714  9.203   0.50 2.81  ? 4   VAL A CG1 1 
ATOM   40   C  CG1 B VAL A 1 4  ? 1.931   -4.983  8.092   0.50 6.32  ? 4   VAL A CG1 1 
ATOM   41   C  CG2 A VAL A 1 4  ? 1.055   -3.363  8.516   0.50 3.57  ? 4   VAL A CG2 1 
ATOM   42   C  CG2 B VAL A 1 4  ? 2.801   -3.142  9.526   0.50 8.04  ? 4   VAL A CG2 1 
ATOM   43   N  N   . SER A 1 5  ? 4.434   -0.986  7.001   1.00 8.48  ? 5   SER A N   1 
ATOM   44   C  CA  . SER A 1 5  ? 5.783   -0.403  7.064   1.00 9.59  ? 5   SER A CA  1 
ATOM   45   C  C   . SER A 1 5  ? 5.804   0.714   8.094   1.00 11.81 ? 5   SER A C   1 
ATOM   46   O  O   . SER A 1 5  ? 4.836   1.485   8.161   1.00 13.34 ? 5   SER A O   1 
ATOM   47   C  CB  . SER A 1 5  ? 6.285   0.097   5.700   1.00 13.01 ? 5   SER A CB  1 
ATOM   48   O  OG  . SER A 1 5  ? 6.587   -0.945  4.773   1.00 13.22 ? 5   SER A OG  1 
ATOM   49   N  N   . VAL A 1 6  ? 6.887   0.826   8.883   1.00 9.32  ? 6   VAL A N   1 
ATOM   50   C  CA  . VAL A 1 6  ? 7.048   1.959   9.804   1.00 8.88  ? 6   VAL A CA  1 
ATOM   51   C  C   . VAL A 1 6  ? 8.355   2.654   9.415   1.00 9.23  ? 6   VAL A C   1 
ATOM   52   O  O   . VAL A 1 6  ? 9.403   2.030   9.394   1.00 12.56 ? 6   VAL A O   1 
ATOM   53   C  CB  . VAL A 1 6  ? 7.090   1.514   11.316  1.00 8.54  ? 6   VAL A CB  1 
ATOM   54   C  CG1 . VAL A 1 6  ? 7.296   2.645   12.199  1.00 8.71  ? 6   VAL A CG1 1 
ATOM   55   C  CG2 . VAL A 1 6  ? 5.773   0.805   11.659  1.00 8.04  ? 6   VAL A CG2 1 
ATOM   56   N  N   . ASP A 1 7  ? 8.265   3.923   9.040   1.00 9.48  ? 7   ASP A N   1 
ATOM   57   C  CA  . ASP A 1 7  ? 9.434   4.696   8.653   1.00 11.56 ? 7   ASP A CA  1 
ATOM   58   C  C   . ASP A 1 7  ? 10.207  4.997   9.909   1.00 11.78 ? 7   ASP A C   1 
ATOM   59   O  O   . ASP A 1 7  ? 9.745   5.761   10.759  1.00 12.39 ? 7   ASP A O   1 
ATOM   60   C  CB  . ASP A 1 7  ? 8.932   5.959   7.974   1.00 13.22 ? 7   ASP A CB  1 
ATOM   61   C  CG  . ASP A 1 7  ? 10.036  6.825   7.413   1.00 16.52 ? 7   ASP A CG  1 
ATOM   62   O  OD1 . ASP A 1 7  ? 11.052  7.098   8.070   1.00 17.03 ? 7   ASP A OD1 1 
ATOM   63   O  OD2 . ASP A 1 7  ? 9.907   7.324   6.289   1.00 22.23 ? 7   ASP A OD2 1 
ATOM   64   N  N   . GLN A 1 8  ? 11.395  4.391   10.041  1.00 11.69 ? 8   GLN A N   1 
ATOM   65   C  CA  . GLN A 1 8  ? 12.215  4.535   11.223  1.00 14.35 ? 8   GLN A CA  1 
ATOM   66   C  C   . GLN A 1 8  ? 12.697  5.941   11.443  1.00 16.51 ? 8   GLN A C   1 
ATOM   67   O  O   . GLN A 1 8  ? 12.843  6.374   12.587  1.00 19.67 ? 8   GLN A O   1 
ATOM   68   C  CB  . GLN A 1 8  ? 13.395  3.579   11.135  1.00 12.02 ? 8   GLN A CB  1 
ATOM   69   C  CG  . GLN A 1 8  ? 12.929  2.141   10.978  1.00 13.03 ? 8   GLN A CG  1 
ATOM   70   C  CD  . GLN A 1 8  ? 12.134  1.662   12.189  1.00 11.14 ? 8   GLN A CD  1 
ATOM   71   O  OE1 . GLN A 1 8  ? 12.709  1.508   13.282  1.00 15.01 ? 8   GLN A OE1 1 
ATOM   72   N  NE2 . GLN A 1 8  ? 10.775  1.466   12.017  1.00 11.32 ? 8   GLN A NE2 1 
ATOM   73   N  N   . ASP A 1 9  ? 12.921  6.681   10.368  1.00 17.46 ? 9   ASP A N   1 
ATOM   74   C  CA  . ASP A 1 9  ? 13.336  8.078   10.500  1.00 20.16 ? 9   ASP A CA  1 
ATOM   75   C  C   . ASP A 1 9  ? 12.209  9.020   11.039  1.00 17.57 ? 9   ASP A C   1 
ATOM   76   O  O   . ASP A 1 9  ? 12.518  10.006  11.699  1.00 20.71 ? 9   ASP A O   1 
ATOM   77   C  CB  . ASP A 1 9  ? 13.868  8.599   9.157   1.00 23.82 ? 9   ASP A CB  1 
ATOM   78   C  CG  . ASP A 1 9  ? 15.078  7.843   8.669   1.00 26.69 ? 9   ASP A CG  1 
ATOM   79   O  OD1 . ASP A 1 9  ? 15.999  7.552   9.476   1.00 30.21 ? 9   ASP A OD1 1 
ATOM   80   O  OD2 . ASP A 1 9  ? 15.212  7.520   7.473   1.00 30.36 ? 9   ASP A OD2 1 
ATOM   81   N  N   A THR A 1 10 ? 10.942  8.660   10.775  0.50 14.48 ? 10  THR A N   1 
ATOM   82   N  N   B THR A 1 10 ? 10.927  8.712   10.812  0.50 16.36 ? 10  THR A N   1 
ATOM   83   C  CA  A THR A 1 10 ? 9.773   9.458   11.146  0.50 11.93 ? 10  THR A CA  1 
ATOM   84   C  CA  B THR A 1 10 ? 9.888   9.612   11.323  0.50 15.18 ? 10  THR A CA  1 
ATOM   85   C  C   A THR A 1 10 ? 9.255   9.120   12.565  0.50 11.74 ? 10  THR A C   1 
ATOM   86   C  C   B THR A 1 10 ? 9.187   9.132   12.602  0.50 13.65 ? 10  THR A C   1 
ATOM   87   O  O   A THR A 1 10 ? 8.951   9.998   13.381  0.50 11.49 ? 10  THR A O   1 
ATOM   88   O  O   B THR A 1 10 ? 8.661   9.943   13.371  0.50 13.68 ? 10  THR A O   1 
ATOM   89   C  CB  A THR A 1 10 ? 8.658   9.150   10.116  0.50 11.43 ? 10  THR A CB  1 
ATOM   90   C  CB  B THR A 1 10 ? 8.862   9.914   10.252  0.50 16.63 ? 10  THR A CB  1 
ATOM   91   O  OG1 A THR A 1 10 ? 9.105   9.520   8.792   0.50 10.70 ? 10  THR A OG1 1 
ATOM   92   O  OG1 B THR A 1 10 ? 8.484   8.706   9.577   0.50 18.91 ? 10  THR A OG1 1 
ATOM   93   C  CG2 A THR A 1 10 ? 7.370   9.963   10.365  0.50 10.88 ? 10  THR A CG2 1 
ATOM   94   C  CG2 B THR A 1 10 ? 9.471   10.793  9.194   0.50 16.89 ? 10  THR A CG2 1 
ATOM   95   N  N   . CYS A 1 11 ? 9.204   7.838   12.865  1.00 12.09 ? 11  CYS A N   1 
ATOM   96   C  CA  . CYS A 1 11 ? 8.571   7.346   14.110  1.00 11.39 ? 11  CYS A CA  1 
ATOM   97   C  C   . CYS A 1 11 ? 9.271   7.981   15.310  1.00 12.86 ? 11  CYS A C   1 
ATOM   98   O  O   . CYS A 1 11 ? 10.470  8.089   15.313  1.00 11.20 ? 11  CYS A O   1 
ATOM   99   C  CB  . CYS A 1 11 ? 8.748   5.865   14.162  1.00 10.74 ? 11  CYS A CB  1 
ATOM   100  S  SG  . CYS A 1 11 ? 8.278   5.001   15.660  1.00 11.78 ? 11  CYS A SG  1 
ATOM   101  N  N   . ILE A 1 12 ? 8.547   8.435   16.298  1.00 9.17  ? 12  ILE A N   1 
ATOM   102  C  CA  . ILE A 1 12 ? 9.077   9.009   17.534  1.00 9.81  ? 12  ILE A CA  1 
ATOM   103  C  C   . ILE A 1 12 ? 8.804   8.115   18.748  1.00 10.29 ? 12  ILE A C   1 
ATOM   104  O  O   . ILE A 1 12 ? 9.027   8.521   19.893  1.00 12.66 ? 12  ILE A O   1 
ATOM   105  C  CB  . ILE A 1 12 ? 8.500   10.402  17.783  1.00 9.52  ? 12  ILE A CB  1 
ATOM   106  C  CG1 . ILE A 1 12 ? 6.985   10.367  17.987  1.00 8.42  ? 12  ILE A CG1 1 
ATOM   107  C  CG2 . ILE A 1 12 ? 8.808   11.321  16.635  1.00 11.31 ? 12  ILE A CG2 1 
ATOM   108  C  CD1 . ILE A 1 12 ? 6.405   11.718  18.361  1.00 10.38 ? 12  ILE A CD1 1 
ATOM   109  N  N   . GLY A 1 13 ? 8.326   6.899   18.497  1.00 7.98  ? 13  GLY A N   1 
ATOM   110  C  CA  . GLY A 1 13 ? 8.006   5.926   19.548  1.00 10.14 ? 13  GLY A CA  1 
ATOM   111  C  C   . GLY A 1 13 ? 6.891   6.358   20.466  1.00 9.27  ? 13  GLY A C   1 
ATOM   112  O  O   . GLY A 1 13 ? 6.928   6.089   21.688  1.00 10.38 ? 13  GLY A O   1 
ATOM   113  N  N   . ASP A 1 14 ? 5.852   6.953   19.873  1.00 13.79 ? 14  ASP A N   1 
ATOM   114  C  CA  . ASP A 1 14 ? 4.621   7.287   20.575  1.00 14.49 ? 14  ASP A CA  1 
ATOM   115  C  C   . ASP A 1 14 ? 3.945   6.049   21.144  1.00 12.73 ? 14  ASP A C   1 
ATOM   116  O  O   . ASP A 1 14 ? 3.420   6.077   22.268  1.00 14.39 ? 14  ASP A O   1 
ATOM   117  C  CB  . ASP A 1 14 ? 3.646   8.000   19.630  1.00 14.79 ? 14  ASP A CB  1 
ATOM   118  C  CG  . ASP A 1 14 ? 2.448   8.514   20.366  1.00 16.59 ? 14  ASP A CG  1 
ATOM   119  O  OD1 . ASP A 1 14 ? 1.379   7.891   20.295  1.00 17.35 ? 14  ASP A OD1 1 
ATOM   120  O  OD2 . ASP A 1 14 ? 2.512   9.539   21.108  1.00 16.78 ? 14  ASP A OD2 1 
ATOM   121  N  N   . ALA A 1 15 ? 3.960   4.980   20.320  1.00 12.06 ? 15  ALA A N   1 
ATOM   122  C  CA  . ALA A 1 15 ? 3.550   3.628   20.697  1.00 11.95 ? 15  ALA A CA  1 
ATOM   123  C  C   . ALA A 1 15 ? 2.036   3.368   20.731  1.00 12.45 ? 15  ALA A C   1 
ATOM   124  O  O   . ALA A 1 15 ? 1.591   2.312   21.177  1.00 11.04 ? 15  ALA A O   1 
ATOM   125  C  CB  . ALA A 1 15 ? 4.182   3.230   21.995  1.00 12.83 ? 15  ALA A CB  1 
ATOM   126  N  N   . ILE A 1 16 ? 1.256   4.310   20.266  1.00 10.58 ? 16  ILE A N   1 
ATOM   127  C  CA  . ILE A 1 16 ? -0.178  4.090   20.255  1.00 10.21 ? 16  ILE A CA  1 
ATOM   128  C  C   . ILE A 1 16 ? -0.483  2.963   19.271  1.00 9.69  ? 16  ILE A C   1 
ATOM   129  O  O   . ILE A 1 16 ? -1.518  2.291   19.408  1.00 13.04 ? 16  ILE A O   1 
ATOM   130  C  CB  . ILE A 1 16 ? -0.993  5.381   19.909  1.00 13.90 ? 16  ILE A CB  1 
ATOM   131  C  CG1 . ILE A 1 16 ? -2.481  5.154   20.158  1.00 16.75 ? 16  ILE A CG1 1 
ATOM   132  C  CG2 . ILE A 1 16 ? -0.797  5.806   18.498  1.00 14.96 ? 16  ILE A CG2 1 
ATOM   133  C  CD1 . ILE A 1 16 ? -2.838  4.798   21.566  1.00 19.47 ? 16  ILE A CD1 1 
ATOM   134  N  N   . CYS A 1 17 ? 0.401   2.759   18.295  1.00 9.66  ? 17  CYS A N   1 
ATOM   135  C  CA  . CYS A 1 17 ? 0.155   1.652   17.350  1.00 10.86 ? 17  CYS A CA  1 
ATOM   136  C  C   . CYS A 1 17 ? 0.229   0.296   18.014  1.00 9.51  ? 17  CYS A C   1 
ATOM   137  O  O   . CYS A 1 17 ? -0.565  -0.614  17.741  1.00 14.13 ? 17  CYS A O   1 
ATOM   138  C  CB  . CYS A 1 17 ? 1.213   1.684   16.251  1.00 7.25  ? 17  CYS A CB  1 
ATOM   139  S  SG  . CYS A 1 17 ? 2.955   1.660   16.671  1.00 9.66  ? 17  CYS A SG  1 
ATOM   140  N  N   . ALA A 1 18 ? 1.238   0.152   18.866  1.00 10.90 ? 18  ALA A N   1 
ATOM   141  C  CA  . ALA A 1 18 ? 1.466   -1.057  19.633  1.00 12.06 ? 18  ALA A CA  1 
ATOM   142  C  C   . ALA A 1 18 ? 0.338   -1.277  20.663  1.00 13.13 ? 18  ALA A C   1 
ATOM   143  O  O   . ALA A 1 18 ? -0.022  -2.431  20.966  1.00 14.05 ? 18  ALA A O   1 
ATOM   144  C  CB  . ALA A 1 18 ? 2.853   -0.977  20.306  1.00 13.46 ? 18  ALA A CB  1 
ATOM   145  N  N   A SER A 1 19 ? -0.207  -0.171  21.190  0.50 13.65 ? 19  SER A N   1 
ATOM   146  N  N   B SER A 1 19 ? -0.210  -0.188  21.192  0.50 12.92 ? 19  SER A N   1 
ATOM   147  C  CA  A SER A 1 19 ? -1.389  -0.175  22.080  0.50 13.40 ? 19  SER A CA  1 
ATOM   148  C  CA  B SER A 1 19 ? -1.336  -0.278  22.118  0.50 12.02 ? 19  SER A CA  1 
ATOM   149  C  C   A SER A 1 19 ? -2.619  -0.697  21.363  0.50 15.03 ? 19  SER A C   1 
ATOM   150  C  C   B SER A 1 19 ? -2.618  -0.696  21.378  0.50 14.41 ? 19  SER A C   1 
ATOM   151  O  O   . SER A 1 19 ? -3.300  -1.622  21.826  1.00 16.65 ? 19  SER A O   1 
ATOM   152  C  CB  A SER A 1 19 ? -1.693  1.247   22.590  0.50 12.20 ? 19  SER A CB  1 
ATOM   153  C  CB  B SER A 1 19 ? -1.469  1.029   22.927  0.50 9.88  ? 19  SER A CB  1 
ATOM   154  O  OG  A SER A 1 19 ? -2.971  1.313   23.223  0.50 13.52 ? 19  SER A OG  1 
ATOM   155  O  OG  B SER A 1 19 ? -0.276  1.234   23.730  0.50 8.21  ? 19  SER A OG  1 
ATOM   156  N  N   . LEU A 1 20 ? -2.887  -0.111  20.205  1.00 13.82 ? 20  LEU A N   1 
ATOM   157  C  CA  . LEU A 1 20 ? -4.086  -0.469  19.416  1.00 16.37 ? 20  LEU A CA  1 
ATOM   158  C  C   . LEU A 1 20 ? -3.997  -1.871  18.778  1.00 16.91 ? 20  LEU A C   1 
ATOM   159  O  O   . LEU A 1 20 ? -5.038  -2.552  18.613  1.00 19.44 ? 20  LEU A O   1 
ATOM   160  C  CB  . LEU A 1 20 ? -4.282  0.552   18.290  1.00 17.90 ? 20  LEU A CB  1 
ATOM   161  C  CG  . LEU A 1 20 ? -4.814  1.927   18.724  1.00 18.08 ? 20  LEU A CG  1 
ATOM   162  C  CD1 . LEU A 1 20 ? -4.772  2.977   17.606  1.00 19.03 ? 20  LEU A CD1 1 
ATOM   163  C  CD2 . LEU A 1 20 ? -6.264  1.819   19.203  1.00 19.47 ? 20  LEU A CD2 1 
ATOM   164  N  N   A CYS A 1 21 ? -2.785  -2.287  18.419  0.60 15.83 ? 21  CYS A N   1 
ATOM   165  N  N   B CYS A 1 21 ? -2.779  -2.279  18.415  0.40 16.27 ? 21  CYS A N   1 
ATOM   166  C  CA  A CYS A 1 21 ? -2.578  -3.476  17.591  0.60 15.40 ? 21  CYS A CA  1 
ATOM   167  C  CA  B CYS A 1 21 ? -2.548  -3.502  17.641  0.40 15.91 ? 21  CYS A CA  1 
ATOM   168  C  C   A CYS A 1 21 ? -1.287  -4.190  17.967  0.60 15.33 ? 21  CYS A C   1 
ATOM   169  C  C   B CYS A 1 21 ? -1.260  -4.176  17.994  0.40 15.84 ? 21  CYS A C   1 
ATOM   170  O  O   A CYS A 1 21 ? -0.371  -4.203  17.156  0.60 14.15 ? 21  CYS A O   1 
ATOM   171  O  O   B CYS A 1 21 ? -0.333  -4.167  17.194  0.40 14.96 ? 21  CYS A O   1 
ATOM   172  C  CB  A CYS A 1 21 ? -2.544  -3.041  16.098  0.60 15.29 ? 21  CYS A CB  1 
ATOM   173  C  CB  B CYS A 1 21 ? -2.479  -3.171  16.156  0.40 15.94 ? 21  CYS A CB  1 
ATOM   174  S  SG  A CYS A 1 21 ? -3.048  -4.237  14.825  0.60 15.56 ? 21  CYS A SG  1 
ATOM   175  S  SG  B CYS A 1 21 ? -3.806  -2.098  15.694  0.40 16.62 ? 21  CYS A SG  1 
ATOM   176  N  N   . PRO A 1 22 ? -1.182  -4.756  19.182  1.00 15.82 ? 22  PRO A N   1 
ATOM   177  C  CA  . PRO A 1 22 ? 0.055   -5.407  19.627  1.00 16.40 ? 22  PRO A CA  1 
ATOM   178  C  C   . PRO A 1 22 ? 0.420   -6.688  18.878  1.00 17.17 ? 22  PRO A C   1 
ATOM   179  O  O   . PRO A 1 22 ? 1.579   -7.130  18.943  1.00 18.95 ? 22  PRO A O   1 
ATOM   180  C  CB  . PRO A 1 22 ? -0.202  -5.691  21.114  1.00 16.90 ? 22  PRO A CB  1 
ATOM   181  C  CG  . PRO A 1 22 ? -1.662  -5.758  21.230  1.00 16.86 ? 22  PRO A CG  1 
ATOM   182  C  CD  . PRO A 1 22 ? -2.238  -4.809  20.211  1.00 17.96 ? 22  PRO A CD  1 
ATOM   183  N  N   . ASP A 1 23 ? -0.533  -7.272  18.137  1.00 17.19 ? 23  ASP A N   1 
ATOM   184  C  CA  . ASP A 1 23 ? -0.210  -8.419  17.309  1.00 18.02 ? 23  ASP A CA  1 
ATOM   185  C  C   . ASP A 1 23 ? 0.500   -8.000  16.011  1.00 17.37 ? 23  ASP A C   1 
ATOM   186  O  O   . ASP A 1 23 ? 1.087   -8.849  15.331  1.00 16.73 ? 23  ASP A O   1 
ATOM   187  C  CB  . ASP A 1 23 ? -1.460  -9.251  16.991  1.00 20.36 ? 23  ASP A CB  1 
ATOM   188  C  CG  . ASP A 1 23 ? -1.968  -10.052 18.184  1.00 22.17 ? 23  ASP A CG  1 
ATOM   189  O  OD1 . ASP A 1 23 ? -1.220  -10.297 19.132  1.00 23.09 ? 23  ASP A OD1 1 
ATOM   190  O  OD2 . ASP A 1 23 ? -3.133  -10.483 18.257  1.00 26.29 ? 23  ASP A OD2 1 
ATOM   191  N  N   . VAL A 1 24 ? 0.413   -6.717  15.659  1.00 14.69 ? 24  VAL A N   1 
ATOM   192  C  CA  . VAL A 1 24 ? 0.990   -6.230  14.416  1.00 14.40 ? 24  VAL A CA  1 
ATOM   193  C  C   . VAL A 1 24 ? 2.198   -5.397  14.689  1.00 13.13 ? 24  VAL A C   1 
ATOM   194  O  O   . VAL A 1 24 ? 3.190   -5.487  13.957  1.00 13.29 ? 24  VAL A O   1 
ATOM   195  C  CB  . VAL A 1 24 ? -0.017  -5.430  13.572  1.00 14.50 ? 24  VAL A CB  1 
ATOM   196  C  CG1 . VAL A 1 24 ? 0.627   -4.729  12.406  1.00 15.09 ? 24  VAL A CG1 1 
ATOM   197  C  CG2 . VAL A 1 24 ? -1.100  -6.373  13.051  1.00 14.51 ? 24  VAL A CG2 1 
ATOM   198  N  N   . PHE A 1 25 ? 2.209   -4.598  15.756  1.00 12.83 ? 25  PHE A N   1 
ATOM   199  C  CA  . PHE A 1 25 ? 3.391   -3.759  16.008  1.00 12.04 ? 25  PHE A CA  1 
ATOM   200  C  C   . PHE A 1 25 ? 4.163   -4.058  17.330  1.00 11.09 ? 25  PHE A C   1 
ATOM   201  O  O   . PHE A 1 25 ? 3.553   -4.215  18.357  1.00 14.85 ? 25  PHE A O   1 
ATOM   202  C  CB  . PHE A 1 25 ? 3.028   -2.270  16.085  1.00 12.95 ? 25  PHE A CB  1 
ATOM   203  C  CG  . PHE A 1 25 ? 2.292   -1.756  14.871  1.00 13.60 ? 25  PHE A CG  1 
ATOM   204  C  CD1 . PHE A 1 25 ? 2.942   -1.117  13.848  1.00 12.94 ? 25  PHE A CD1 1 
ATOM   205  C  CD2 . PHE A 1 25 ? 0.924   -1.962  14.772  1.00 11.23 ? 25  PHE A CD2 1 
ATOM   206  C  CE1 . PHE A 1 25 ? 2.266   -0.661  12.707  1.00 11.61 ? 25  PHE A CE1 1 
ATOM   207  C  CE2 . PHE A 1 25 ? 0.220   -1.507  13.631  1.00 13.11 ? 25  PHE A CE2 1 
ATOM   208  C  CZ  . PHE A 1 25 ? 0.878   -0.832  12.620  1.00 12.89 ? 25  PHE A CZ  1 
ATOM   209  N  N   . GLU A 1 26 ? 5.502   -4.090  17.241  1.00 11.26 ? 26  GLU A N   1 
ATOM   210  C  CA  . GLU A 1 26 ? 6.354   -4.210  18.429  1.00 12.39 ? 26  GLU A CA  1 
ATOM   211  C  C   . GLU A 1 26 ? 7.382   -3.062  18.458  1.00 11.13 ? 26  GLU A C   1 
ATOM   212  O  O   . GLU A 1 26 ? 7.640   -2.396  17.436  1.00 11.52 ? 26  GLU A O   1 
ATOM   213  C  CB  . GLU A 1 26 ? 7.155   -5.523  18.359  1.00 12.82 ? 26  GLU A CB  1 
ATOM   214  C  CG  . GLU A 1 26 ? 8.065   -5.657  17.165  1.00 13.21 ? 26  GLU A CG  1 
ATOM   215  C  CD  . GLU A 1 26 ? 8.905   -6.915  17.191  1.00 15.88 ? 26  GLU A CD  1 
ATOM   216  O  OE1 . GLU A 1 26 ? 9.832   -6.997  16.352  1.00 20.45 ? 26  GLU A OE1 1 
ATOM   217  O  OE2 . GLU A 1 26 ? 8.616   -7.807  18.042  1.00 17.41 ? 26  GLU A OE2 1 
ATOM   218  N  N   . MET A 1 27 ? 7.940   -2.806  19.633  1.00 12.41 ? 27  MET A N   1 
ATOM   219  C  CA  . MET A 1 27 ? 8.968   -1.797  19.784  1.00 14.06 ? 27  MET A CA  1 
ATOM   220  C  C   . MET A 1 27 ? 10.313  -2.463  19.575  1.00 14.98 ? 27  MET A C   1 
ATOM   221  O  O   . MET A 1 27 ? 10.489  -3.655  19.879  1.00 16.65 ? 27  MET A O   1 
ATOM   222  C  CB  . MET A 1 27 ? 8.882   -1.132  21.169  1.00 13.78 ? 27  MET A CB  1 
ATOM   223  C  CG  . MET A 1 27 ? 7.464   -0.527  21.467  1.00 13.33 ? 27  MET A CG  1 
ATOM   224  S  SD  . MET A 1 27 ? 6.776   0.577   20.181  1.00 15.54 ? 27  MET A SD  1 
ATOM   225  C  CE  . MET A 1 27 ? 8.054   1.736   20.224  1.00 15.28 ? 27  MET A CE  1 
ATOM   226  N  N   . ASN A 1 28 ? 11.256  -1.715  19.036  1.00 14.96 ? 28  ASN A N   1 
ATOM   227  C  CA  . ASN A 1 28 ? 12.574  -2.270  18.724  1.00 14.97 ? 28  ASN A CA  1 
ATOM   228  C  C   . ASN A 1 28 ? 13.637  -1.589  19.602  1.00 15.90 ? 28  ASN A C   1 
ATOM   229  O  O   . ASN A 1 28 ? 13.307  -0.799  20.483  1.00 14.61 ? 28  ASN A O   1 
ATOM   230  C  CB  . ASN A 1 28 ? 12.838  -2.197  17.230  1.00 15.20 ? 28  ASN A CB  1 
ATOM   231  C  CG  . ASN A 1 28 ? 12.972  -0.763  16.711  1.00 14.92 ? 28  ASN A CG  1 
ATOM   232  O  OD1 . ASN A 1 28 ? 13.342  0.166   17.439  1.00 15.14 ? 28  ASN A OD1 1 
ATOM   233  N  ND2 . ASN A 1 28 ? 12.681  -0.597  15.422  1.00 13.45 ? 28  ASN A ND2 1 
ATOM   234  N  N   . ASP A 1 29 ? 14.927  -1.907  19.398  1.00 16.63 ? 29  ASP A N   1 
ATOM   235  C  CA  . ASP A 1 29 ? 15.968  -1.473  20.306  1.00 20.14 ? 29  ASP A CA  1 
ATOM   236  C  C   . ASP A 1 29 ? 16.316  -0.004  20.187  1.00 19.26 ? 29  ASP A C   1 
ATOM   237  O  O   . ASP A 1 29 ? 17.052  0.502   21.019  1.00 23.22 ? 29  ASP A O   1 
ATOM   238  C  CB  . ASP A 1 29 ? 17.238  -2.269  20.031  1.00 22.09 ? 29  ASP A CB  1 
ATOM   239  C  CG  . ASP A 1 29 ? 17.173  -3.678  20.532  1.00 25.88 ? 29  ASP A CG  1 
ATOM   240  O  OD1 . ASP A 1 29 ? 16.358  -3.979  21.451  1.00 28.55 ? 29  ASP A OD1 1 
ATOM   241  O  OD2 . ASP A 1 29 ? 17.932  -4.563  20.072  1.00 29.23 ? 29  ASP A OD2 1 
ATOM   242  N  N   . GLU A 1 30 ? 15.860  0.659   19.125  1.00 20.09 ? 30  GLU A N   1 
ATOM   243  C  CA  . GLU A 1 30 ? 15.988  2.106   18.969  1.00 22.36 ? 30  GLU A CA  1 
ATOM   244  C  C   . GLU A 1 30 ? 14.768  2.886   19.495  1.00 22.13 ? 30  GLU A C   1 
ATOM   245  O  O   . GLU A 1 30 ? 14.694  4.106   19.360  1.00 24.13 ? 30  GLU A O   1 
ATOM   246  C  CB  . GLU A 1 30 ? 16.203  2.453   17.495  1.00 24.35 ? 30  GLU A CB  1 
ATOM   247  C  CG  . GLU A 1 30 ? 17.426  1.813   16.886  1.00 27.03 ? 30  GLU A CG  1 
ATOM   248  C  CD  . GLU A 1 30 ? 17.251  0.340   16.604  1.00 28.71 ? 30  GLU A CD  1 
ATOM   249  O  OE1 . GLU A 1 30 ? 16.364  -0.044  15.805  1.00 30.99 ? 30  GLU A OE1 1 
ATOM   250  O  OE2 . GLU A 1 30 ? 18.039  -0.454  17.162  1.00 30.54 ? 30  GLU A OE2 1 
ATOM   251  N  N   . GLY A 1 31 ? 13.821  2.196   20.094  1.00 20.29 ? 31  GLY A N   1 
ATOM   252  C  CA  . GLY A 1 31 ? 12.629  2.827   20.627  1.00 18.66 ? 31  GLY A CA  1 
ATOM   253  C  C   . GLY A 1 31 ? 11.552  3.192   19.602  1.00 17.65 ? 31  GLY A C   1 
ATOM   254  O  O   . GLY A 1 31 ? 10.711  4.082   19.858  1.00 16.66 ? 31  GLY A O   1 
ATOM   255  N  N   . LYS A 1 32 ? 11.521  2.439   18.506  1.00 13.73 ? 32  LYS A N   1 
ATOM   256  C  CA  . LYS A 1 32 ? 10.671  2.727   17.359  1.00 14.74 ? 32  LYS A CA  1 
ATOM   257  C  C   . LYS A 1 32 ? 9.807   1.528   17.117  1.00 13.64 ? 32  LYS A C   1 
ATOM   258  O  O   . LYS A 1 32 ? 10.144  0.430   17.591  1.00 13.39 ? 32  LYS A O   1 
ATOM   259  C  CB  . LYS A 1 32 ? 11.510  3.073   16.116  1.00 16.05 ? 32  LYS A CB  1 
ATOM   260  C  CG  . LYS A 1 32 ? 12.247  4.400   16.289  1.00 18.96 ? 32  LYS A CG  1 
ATOM   261  C  CD  . LYS A 1 32 ? 13.115  4.655   15.153  1.00 20.58 ? 32  LYS A CD  1 
ATOM   262  C  CE  . LYS A 1 32 ? 14.046  5.865   15.424  1.00 22.70 ? 32  LYS A CE  1 
ATOM   263  N  NZ  . LYS A 1 32 ? 13.299  7.079   15.815  1.00 23.05 ? 32  LYS A NZ  1 
ATOM   264  N  N   . ALA A 1 33 ? 8.663   1.719   16.456  1.00 11.14 ? 33  ALA A N   1 
ATOM   265  C  CA  . ALA A 1 33 ? 7.845   0.575   16.101  1.00 9.55  ? 33  ALA A CA  1 
ATOM   266  C  C   . ALA A 1 33 ? 8.300   -0.117  14.846  1.00 10.22 ? 33  ALA A C   1 
ATOM   267  O  O   . ALA A 1 33 ? 8.880   0.493   13.954  1.00 13.15 ? 33  ALA A O   1 
ATOM   268  C  CB  . ALA A 1 33 ? 6.342   0.933   15.963  1.00 8.60  ? 33  ALA A CB  1 
ATOM   269  N  N   . GLN A 1 34 ? 7.983   -1.401  14.785  1.00 10.24 ? 34  GLN A N   1 
ATOM   270  C  CA  . GLN A 1 34 ? 8.173   -2.139  13.573  1.00 11.27 ? 34  GLN A CA  1 
ATOM   271  C  C   . GLN A 1 34 ? 7.193   -3.261  13.492  1.00 11.89 ? 34  GLN A C   1 
ATOM   272  O  O   . GLN A 1 34 ? 6.660   -3.721  14.482  1.00 11.77 ? 34  GLN A O   1 
ATOM   273  C  CB  . GLN A 1 34 ? 9.625   -2.630  13.466  1.00 12.37 ? 34  GLN A CB  1 
ATOM   274  C  CG  . GLN A 1 34 ? 10.026  -3.672  14.506  1.00 12.88 ? 34  GLN A CG  1 
ATOM   275  C  CD  . GLN A 1 34 ? 11.535  -4.011  14.492  1.00 14.75 ? 34  GLN A CD  1 
ATOM   276  O  OE1 . GLN A 1 34 ? 12.336  -3.234  14.043  1.00 18.17 ? 34  GLN A OE1 1 
ATOM   277  N  NE2 . GLN A 1 34 ? 11.877  -5.186  15.016  1.00 17.56 ? 34  GLN A NE2 1 
ATOM   278  N  N   . PRO A 1 35 ? 6.949   -3.727  12.288  1.00 13.16 ? 35  PRO A N   1 
ATOM   279  C  CA  . PRO A 1 35 ? 5.942   -4.775  12.125  1.00 11.75 ? 35  PRO A CA  1 
ATOM   280  C  C   . PRO A 1 35 ? 6.384   -6.140  12.725  1.00 12.56 ? 35  PRO A C   1 
ATOM   281  O  O   . PRO A 1 35 ? 7.599   -6.457  12.520  1.00 16.76 ? 35  PRO A O   1 
ATOM   282  C  CB  . PRO A 1 35 ? 5.811   -4.876  10.602  1.00 14.00 ? 35  PRO A CB  1 
ATOM   283  C  CG  . PRO A 1 35 ? 6.410   -3.594  10.094  1.00 15.14 ? 35  PRO A CG  1 
ATOM   284  C  CD  . PRO A 1 35 ? 7.508   -3.268  11.020  1.00 15.38 ? 35  PRO A CD  1 
ATOM   285  N  N   . LYS A 1 36 ? 5.497   -6.860  13.435  1.00 14.04 ? 36  LYS A N   1 
ATOM   286  C  CA  . LYS A 1 36 ? 5.851   -8.162  14.011  1.00 13.72 ? 36  LYS A CA  1 
ATOM   287  C  C   . LYS A 1 36 ? 5.649   -9.229  12.969  1.00 11.98 ? 36  LYS A C   1 
ATOM   288  O  O   . LYS A 1 36 ? 6.082   -10.362 13.161  1.00 13.60 ? 36  LYS A O   1 
ATOM   289  C  CB  . LYS A 1 36 ? 5.027   -8.620  15.261  1.00 12.81 ? 36  LYS A CB  1 
ATOM   290  C  CG  . LYS A 1 36 ? 4.658   -7.645  16.291  1.00 17.66 ? 36  LYS A CG  1 
ATOM   291  C  CD  . LYS A 1 36 ? 4.232   -8.380  17.577  1.00 16.30 ? 36  LYS A CD  1 
ATOM   292  C  CE  . LYS A 1 36 ? 4.184   -9.912  17.391  1.00 16.67 ? 36  LYS A CE  1 
ATOM   293  N  NZ  . LYS A 1 36 ? 5.420   -10.771 16.884  1.00 16.02 ? 36  LYS A NZ  1 
ATOM   294  N  N   . VAL A 1 37 ? 4.936   -8.902  11.904  1.00 11.13 ? 37  VAL A N   1 
ATOM   295  C  CA  . VAL A 1 37 ? 4.509   -9.886  10.885  1.00 9.59  ? 37  VAL A CA  1 
ATOM   296  C  C   . VAL A 1 37 ? 4.848   -9.254  9.550   1.00 12.08 ? 37  VAL A C   1 
ATOM   297  O  O   . VAL A 1 37 ? 4.770   -8.035  9.421   1.00 12.81 ? 37  VAL A O   1 
ATOM   298  C  CB  . VAL A 1 37 ? 2.976   -10.270 10.999  1.00 9.76  ? 37  VAL A CB  1 
ATOM   299  C  CG1 . VAL A 1 37 ? 2.761   -11.062 12.283  1.00 10.58 ? 37  VAL A CG1 1 
ATOM   300  C  CG2 . VAL A 1 37 ? 2.160   -9.026  10.931  1.00 10.88 ? 37  VAL A CG2 1 
ATOM   301  N  N   . GLU A 1 38 ? 5.227   -10.064 8.571   1.00 11.37 ? 38  GLU A N   1 
ATOM   302  C  CA  . GLU A 1 38 ? 5.616   -9.552  7.258   1.00 13.73 ? 38  GLU A CA  1 
ATOM   303  C  C   . GLU A 1 38 ? 4.485   -9.481  6.244   1.00 13.47 ? 38  GLU A C   1 
ATOM   304  O  O   . GLU A 1 38 ? 4.668   -8.942  5.160   1.00 14.12 ? 38  GLU A O   1 
ATOM   305  C  CB  . GLU A 1 38 ? 6.774   -10.402 6.673   1.00 16.21 ? 38  GLU A CB  1 
ATOM   306  C  CG  . GLU A 1 38 ? 8.087   -10.220 7.413   1.00 17.78 ? 38  GLU A CG  1 
ATOM   307  C  CD  . GLU A 1 38 ? 8.087   -10.918 8.757   1.00 21.18 ? 38  GLU A CD  1 
ATOM   308  O  OE1 . GLU A 1 38 ? 8.469   -10.280 9.761   1.00 23.65 ? 38  GLU A OE1 1 
ATOM   309  O  OE2 . GLU A 1 38 ? 7.694   -12.097 8.821   1.00 20.46 ? 38  GLU A OE2 1 
ATOM   310  N  N   . VAL A 1 39 ? 3.345   -10.005 6.618   1.00 11.53 ? 39  VAL A N   1 
ATOM   311  C  CA  . VAL A 1 39 ? 2.128   -10.125 5.760   1.00 13.23 ? 39  VAL A CA  1 
ATOM   312  C  C   . VAL A 1 39 ? 0.878   -10.222 6.670   1.00 13.80 ? 39  VAL A C   1 
ATOM   313  O  O   . VAL A 1 39 ? 0.919   -10.859 7.728   1.00 14.00 ? 39  VAL A O   1 
ATOM   314  C  CB  . VAL A 1 39 ? 2.119   -11.375 4.797   1.00 13.53 ? 39  VAL A CB  1 
ATOM   315  C  CG1 . VAL A 1 39 ? 0.919   -11.306 3.758   1.00 15.83 ? 39  VAL A CG1 1 
ATOM   316  C  CG2 . VAL A 1 39 ? 3.498   -11.533 4.051   1.00 15.62 ? 39  VAL A CG2 1 
ATOM   317  N  N   A ILE A 1 40 ? -0.213  -9.603  6.227   0.60 12.08 ? 40  ILE A N   1 
ATOM   318  N  N   B ILE A 1 40 ? -0.224  -9.591  6.255   0.40 11.93 ? 40  ILE A N   1 
ATOM   319  C  CA  A ILE A 1 40 ? -1.514  -9.733  6.876   0.60 12.19 ? 40  ILE A CA  1 
ATOM   320  C  CA  B ILE A 1 40 ? -1.523  -9.711  6.939   0.40 11.49 ? 40  ILE A CA  1 
ATOM   321  C  C   A ILE A 1 40 ? -2.519  -10.196 5.845   0.60 13.00 ? 40  ILE A C   1 
ATOM   322  C  C   B ILE A 1 40 ? -2.575  -10.135 5.931   0.40 12.50 ? 40  ILE A C   1 
ATOM   323  O  O   A ILE A 1 40 ? -2.656  -9.593  4.774   0.60 12.14 ? 40  ILE A O   1 
ATOM   324  O  O   B ILE A 1 40 ? -2.820  -9.412  4.969   0.40 11.05 ? 40  ILE A O   1 
ATOM   325  C  CB  A ILE A 1 40 ? -1.966  -8.381  7.458   0.60 11.30 ? 40  ILE A CB  1 
ATOM   326  C  CB  B ILE A 1 40 ? -1.973  -8.349  7.552   0.40 9.94  ? 40  ILE A CB  1 
ATOM   327  C  CG1 A ILE A 1 40 ? -1.168  -8.025  8.710   0.60 10.21 ? 40  ILE A CG1 1 
ATOM   328  C  CG1 B ILE A 1 40 ? -0.836  -7.683  8.332   0.40 8.39  ? 40  ILE A CG1 1 
ATOM   329  C  CG2 A ILE A 1 40 ? -3.435  -8.399  7.773   0.60 10.01 ? 40  ILE A CG2 1 
ATOM   330  C  CG2 B ILE A 1 40 ? -3.221  -8.509  8.397   0.40 9.77  ? 40  ILE A CG2 1 
ATOM   331  C  CD1 A ILE A 1 40 ? -1.421  -6.638  9.153   0.60 10.99 ? 40  ILE A CD1 1 
ATOM   332  C  CD1 B ILE A 1 40 ? -0.091  -6.626  7.413   0.40 4.36  ? 40  ILE A CD1 1 
ATOM   333  N  N   . GLU A 1 41 ? -3.217  -11.283 6.159   1.00 13.43 ? 41  GLU A N   1 
ATOM   334  C  CA  . GLU A 1 41 ? -4.454  -11.633 5.445   1.00 16.12 ? 41  GLU A CA  1 
ATOM   335  C  C   . GLU A 1 41 ? -5.700  -11.584 6.349   1.00 18.70 ? 41  GLU A C   1 
ATOM   336  O  O   . GLU A 1 41 ? -6.829  -11.491 5.845   1.00 19.96 ? 41  GLU A O   1 
ATOM   337  C  CB  . GLU A 1 41 ? -4.336  -12.987 4.751   1.00 16.23 ? 41  GLU A CB  1 
ATOM   338  C  CG  . GLU A 1 41 ? -3.154  -13.058 3.831   1.00 18.72 ? 41  GLU A CG  1 
ATOM   339  C  CD  . GLU A 1 41 ? -3.247  -14.183 2.839   1.00 22.29 ? 41  GLU A CD  1 
ATOM   340  O  OE1 . GLU A 1 41 ? -4.041  -15.137 3.033   1.00 23.56 ? 41  GLU A OE1 1 
ATOM   341  O  OE2 . GLU A 1 41 ? -2.532  -14.069 1.859   1.00 24.12 ? 41  GLU A OE2 1 
ATOM   342  N  N   . ASP A 1 42 ? -5.504  -11.588 7.664   1.00 19.53 ? 42  ASP A N   1 
ATOM   343  C  CA  . ASP A 1 42 ? -6.618  -11.547 8.601   1.00 21.55 ? 42  ASP A CA  1 
ATOM   344  C  C   . ASP A 1 42 ? -7.284  -10.159 8.612   1.00 21.42 ? 42  ASP A C   1 
ATOM   345  O  O   . ASP A 1 42 ? -6.613  -9.148  8.869   1.00 17.86 ? 42  ASP A O   1 
ATOM   346  C  CB  . ASP A 1 42 ? -6.126  -11.893 9.995   1.00 22.10 ? 42  ASP A CB  1 
ATOM   347  C  CG  . ASP A 1 42 ? -7.237  -11.918 10.994  1.00 24.98 ? 42  ASP A CG  1 
ATOM   348  O  OD1 . ASP A 1 42 ? -8.401  -11.765 10.557  1.00 27.96 ? 42  ASP A OD1 1 
ATOM   349  O  OD2 . ASP A 1 42 ? -7.024  -12.080 12.201  1.00 27.98 ? 42  ASP A OD2 1 
ATOM   350  N  N   . GLU A 1 43 ? -8.590  -10.105 8.342   1.00 23.56 ? 43  GLU A N   1 
ATOM   351  C  CA  . GLU A 1 43 ? -9.296  -8.812  8.268   1.00 24.62 ? 43  GLU A CA  1 
ATOM   352  C  C   . GLU A 1 43 ? -9.276  -8.024  9.585   1.00 22.71 ? 43  GLU A C   1 
ATOM   353  O  O   . GLU A 1 43 ? -9.185  -6.807  9.555   1.00 22.08 ? 43  GLU A O   1 
ATOM   354  C  CB  . GLU A 1 43 ? -10.746 -8.959  7.753   1.00 27.62 ? 43  GLU A CB  1 
ATOM   355  C  CG  . GLU A 1 43 ? -11.436 -7.598  7.552   1.00 30.01 ? 43  GLU A CG  1 
ATOM   356  C  CD  . GLU A 1 43 ? -12.846 -7.654  6.981   1.00 32.11 ? 43  GLU A CD  1 
ATOM   357  O  OE1 . GLU A 1 43 ? -13.799 -7.347  7.748   1.00 34.02 ? 43  GLU A OE1 1 
ATOM   358  O  OE2 . GLU A 1 43 ? -13.009 -7.964  5.768   1.00 34.49 ? 43  GLU A OE2 1 
ATOM   359  N  N   . GLU A 1 44 ? -9.417  -8.703  10.719  1.00 23.78 ? 44  GLU A N   1 
ATOM   360  C  CA  . GLU A 1 44 ? -9.294  -8.091  12.052  1.00 24.19 ? 44  GLU A CA  1 
ATOM   361  C  C   . GLU A 1 44 ? -7.932  -7.379  12.258  1.00 21.84 ? 44  GLU A C   1 
ATOM   362  O  O   . GLU A 1 44 ? -7.854  -6.231  12.765  1.00 20.52 ? 44  GLU A O   1 
ATOM   363  C  CB  . GLU A 1 44 ? -9.435  -9.180  13.105  1.00 26.84 ? 44  GLU A CB  1 
ATOM   364  C  CG  . GLU A 1 44 ? -10.613 -9.031  14.046  1.00 29.14 ? 44  GLU A CG  1 
ATOM   365  C  CD  . GLU A 1 44 ? -10.494 -9.978  15.214  1.00 31.14 ? 44  GLU A CD  1 
ATOM   366  O  OE1 . GLU A 1 44 ? -10.342 -11.193 14.947  1.00 32.91 ? 44  GLU A OE1 1 
ATOM   367  O  OE2 . GLU A 1 44 ? -10.502 -9.523  16.393  1.00 34.15 ? 44  GLU A OE2 1 
ATOM   368  N  N   . LEU A 1 45 ? -6.855  -8.082  11.916  1.00 19.32 ? 45  LEU A N   1 
ATOM   369  C  CA  . LEU A 1 45 ? -5.523  -7.508  11.987  1.00 18.11 ? 45  LEU A CA  1 
ATOM   370  C  C   . LEU A 1 45 ? -5.354  -6.350  10.977  1.00 16.32 ? 45  LEU A C   1 
ATOM   371  O  O   . LEU A 1 45 ? -4.741  -5.322  11.277  1.00 16.38 ? 45  LEU A O   1 
ATOM   372  C  CB  . LEU A 1 45 ? -4.454  -8.571  11.741  1.00 19.10 ? 45  LEU A CB  1 
ATOM   373  C  CG  . LEU A 1 45 ? -4.217  -9.571  12.886  1.00 20.61 ? 45  LEU A CG  1 
ATOM   374  C  CD1 . LEU A 1 45 ? -2.925  -10.327 12.572  1.00 20.60 ? 45  LEU A CD1 1 
ATOM   375  C  CD2 . LEU A 1 45 ? -4.124  -8.908  14.271  1.00 21.79 ? 45  LEU A CD2 1 
ATOM   376  N  N   . TYR A 1 46 ? -5.872  -6.506  9.777   1.00 15.66 ? 46  TYR A N   1 
ATOM   377  C  CA  . TYR A 1 46 ? -5.791  -5.416  8.818   1.00 15.08 ? 46  TYR A CA  1 
ATOM   378  C  C   . TYR A 1 46 ? -6.490  -4.184  9.396   1.00 15.10 ? 46  TYR A C   1 
ATOM   379  O  O   . TYR A 1 46 ? -5.979  -3.066  9.377   1.00 14.26 ? 46  TYR A O   1 
ATOM   380  C  CB  . TYR A 1 46 ? -6.430  -5.800  7.463   1.00 14.77 ? 46  TYR A CB  1 
ATOM   381  C  CG  . TYR A 1 46 ? -6.596  -4.602  6.587   1.00 14.53 ? 46  TYR A CG  1 
ATOM   382  C  CD1 . TYR A 1 46 ? -5.485  -3.936  6.088   1.00 13.58 ? 46  TYR A CD1 1 
ATOM   383  C  CD2 . TYR A 1 46 ? -7.828  -4.062  6.353   1.00 17.20 ? 46  TYR A CD2 1 
ATOM   384  C  CE1 . TYR A 1 46 ? -5.632  -2.792  5.317   1.00 14.94 ? 46  TYR A CE1 1 
ATOM   385  C  CE2 . TYR A 1 46 ? -7.997  -2.925  5.586   1.00 16.96 ? 46  TYR A CE2 1 
ATOM   386  C  CZ  . TYR A 1 46 ? -6.886  -2.299  5.078   1.00 17.55 ? 46  TYR A CZ  1 
ATOM   387  O  OH  . TYR A 1 46 ? -7.027  -1.183  4.316   1.00 19.66 ? 46  TYR A OH  1 
ATOM   388  N  N   . ASN A 1 47 ? -7.695  -4.396  9.891   1.00 15.14 ? 47  ASN A N   1 
ATOM   389  C  CA  . ASN A 1 47 ? -8.475  -3.314  10.468  1.00 16.82 ? 47  ASN A CA  1 
ATOM   390  C  C   . ASN A 1 47 ? -7.750  -2.614  11.597  1.00 13.96 ? 47  ASN A C   1 
ATOM   391  O  O   . ASN A 1 47 ? -7.818  -1.393  11.728  1.00 15.23 ? 47  ASN A O   1 
ATOM   392  C  CB  . ASN A 1 47 ? -9.824  -3.839  10.954  1.00 18.34 ? 47  ASN A CB  1 
ATOM   393  C  CG  . ASN A 1 47 ? -10.763 -4.153  9.817   1.00 18.73 ? 47  ASN A CG  1 
ATOM   394  O  OD1 . ASN A 1 47 ? -10.645 -3.628  8.741   1.00 20.07 ? 47  ASN A OD1 1 
ATOM   395  N  ND2 . ASN A 1 47 ? -11.744 -4.999  10.091  1.00 23.47 ? 47  ASN A ND2 1 
ATOM   396  N  N   A CYS A 1 48 ? -7.086  -3.347  12.495  0.60 15.17 ? 48  CYS A N   1 
ATOM   397  N  N   B CYS A 1 48 ? -7.098  -3.390  12.426  0.40 14.38 ? 48  CYS A N   1 
ATOM   398  C  CA  A CYS A 1 48 ? -6.398  -2.641  13.600  0.60 14.08 ? 48  CYS A CA  1 
ATOM   399  C  CA  B CYS A 1 48 ? -6.401  -2.799  13.525  0.40 13.05 ? 48  CYS A CA  1 
ATOM   400  C  C   A CYS A 1 48 ? -5.070  -2.045  13.151  0.60 12.74 ? 48  CYS A C   1 
ATOM   401  C  C   B CYS A 1 48 ? -5.259  -1.949  12.961  0.40 11.79 ? 48  CYS A C   1 
ATOM   402  O  O   A CYS A 1 48 ? -4.579  -1.132  13.801  0.60 12.51 ? 48  CYS A O   1 
ATOM   403  O  O   B CYS A 1 48 ? -5.107  -0.772  13.284  0.40 8.64  ? 48  CYS A O   1 
ATOM   404  C  CB  A CYS A 1 48 ? -6.240  -3.433  14.920  0.60 15.60 ? 48  CYS A CB  1 
ATOM   405  C  CB  B CYS A 1 48 ? -5.871  -3.885  14.420  0.40 14.44 ? 48  CYS A CB  1 
ATOM   406  S  SG  A CYS A 1 48 ? -4.994  -4.754  15.173  0.60 17.41 ? 48  CYS A SG  1 
ATOM   407  S  SG  B CYS A 1 48 ? -5.516  -3.146  15.974  0.40 15.11 ? 48  CYS A SG  1 
ATOM   408  N  N   . ALA A 1 49 ? -4.520  -2.551  12.052  1.00 11.48 ? 49  ALA A N   1 
ATOM   409  C  CA  . ALA A 1 49 ? -3.364  -1.883  11.430  1.00 12.54 ? 49  ALA A CA  1 
ATOM   410  C  C   . ALA A 1 49 ? -3.780  -0.539  10.842  1.00 13.04 ? 49  ALA A C   1 
ATOM   411  O  O   . ALA A 1 49 ? -3.039  0.434   10.928  1.00 13.28 ? 49  ALA A O   1 
ATOM   412  C  CB  . ALA A 1 49 ? -2.828  -2.730  10.320  1.00 13.48 ? 49  ALA A CB  1 
ATOM   413  N  N   . LYS A 1 50 ? -4.948  -0.515  10.175  1.00 10.56 ? 50  LYS A N   1 
ATOM   414  C  CA  . LYS A 1 50 ? -5.446  0.729   9.587   1.00 12.75 ? 50  LYS A CA  1 
ATOM   415  C  C   . LYS A 1 50 ? -5.774  1.751   10.680  1.00 12.83 ? 50  LYS A C   1 
ATOM   416  O  O   . LYS A 1 50 ? -5.526  2.948   10.515  1.00 13.12 ? 50  LYS A O   1 
ATOM   417  C  CB  . LYS A 1 50 ? -6.687  0.500   8.726   1.00 16.86 ? 50  LYS A CB  1 
ATOM   418  C  CG  . LYS A 1 50 ? -6.547  1.025   7.321   1.00 20.19 ? 50  LYS A CG  1 
ATOM   419  C  CD  . LYS A 1 50 ? -6.758  2.509   7.258   1.00 20.81 ? 50  LYS A CD  1 
ATOM   420  C  CE  . LYS A 1 50 ? -7.458  2.890   5.961   1.00 21.36 ? 50  LYS A CE  1 
ATOM   421  N  NZ  . LYS A 1 50 ? -8.932  2.761   6.052   1.00 24.43 ? 50  LYS A NZ  1 
ATOM   422  N  N   . GLU A 1 51 ? -6.326  1.288   11.797  1.00 13.80 ? 51  GLU A N   1 
ATOM   423  C  CA  . GLU A 1 51 ? -6.584  2.165   12.954  1.00 16.23 ? 51  GLU A CA  1 
ATOM   424  C  C   . GLU A 1 51 ? -5.293  2.779   13.469  1.00 13.57 ? 51  GLU A C   1 
ATOM   425  O  O   . GLU A 1 51 ? -5.278  3.944   13.851  1.00 12.84 ? 51  GLU A O   1 
ATOM   426  C  CB  . GLU A 1 51 ? -7.255  1.413   14.118  1.00 19.94 ? 51  GLU A CB  1 
ATOM   427  C  CG  . GLU A 1 51 ? -7.919  2.340   15.126  1.00 23.50 ? 51  GLU A CG  1 
ATOM   428  C  CD  . GLU A 1 51 ? -8.751  1.627   16.189  1.00 27.57 ? 51  GLU A CD  1 
ATOM   429  O  OE1 . GLU A 1 51 ? -9.051  2.295   17.227  1.00 31.11 ? 51  GLU A OE1 1 
ATOM   430  O  OE2 . GLU A 1 51 ? -9.117  0.424   15.984  1.00 29.90 ? 51  GLU A OE2 1 
ATOM   431  N  N   . ALA A 1 52 ? -4.244  1.967   13.545  1.00 14.06 ? 52  ALA A N   1 
ATOM   432  C  CA  . ALA A 1 52 ? -2.954  2.419   14.052  1.00 13.33 ? 52  ALA A CA  1 
ATOM   433  C  C   . ALA A 1 52 ? -2.355  3.414   13.078  1.00 12.07 ? 52  ALA A C   1 
ATOM   434  O  O   . ALA A 1 52 ? -1.839  4.460   13.483  1.00 11.32 ? 52  ALA A O   1 
ATOM   435  C  CB  . ALA A 1 52 ? -1.999  1.239   14.276  1.00 13.77 ? 52  ALA A CB  1 
ATOM   436  N  N   . MET A 1 53 ? -2.557  3.166   11.790  1.00 10.72 ? 53  MET A N   1 
ATOM   437  C  CA  . MET A 1 53 ? -2.017  4.101   10.763  1.00 13.06 ? 53  MET A CA  1 
ATOM   438  C  C   . MET A 1 53 ? -2.721  5.472   10.894  1.00 13.17 ? 53  MET A C   1 
ATOM   439  O  O   . MET A 1 53 ? -2.082  6.550   10.810  1.00 14.13 ? 53  MET A O   1 
ATOM   440  C  CB  . MET A 1 53 ? -2.205  3.558   9.348   1.00 11.95 ? 53  MET A CB  1 
ATOM   441  C  CG  . MET A 1 53 ? -1.762  4.546   8.254   1.00 13.08 ? 53  MET A CG  1 
ATOM   442  S  SD  . MET A 1 53 ? -1.865  3.827   6.597   1.00 16.44 ? 53  MET A SD  1 
ATOM   443  C  CE  . MET A 1 53 ? -3.470  3.672   6.491   1.00 15.61 ? 53  MET A CE  1 
ATOM   444  N  N   . GLU A 1 54 ? -4.049  5.454   11.143  1.00 15.53 ? 54  GLU A N   1 
ATOM   445  C  CA  . GLU A 1 54 ? -4.813  6.697   11.248  1.00 16.26 ? 54  GLU A CA  1 
ATOM   446  C  C   . GLU A 1 54 ? -4.480  7.423   12.565  1.00 14.08 ? 54  GLU A C   1 
ATOM   447  O  O   . GLU A 1 54 ? -4.626  8.623   12.619  1.00 17.13 ? 54  GLU A O   1 
ATOM   448  C  CB  . GLU A 1 54 ? -6.303  6.384   11.141  1.00 17.91 ? 54  GLU A CB  1 
ATOM   449  C  CG  . GLU A 1 54 ? -7.256  7.469   11.612  1.00 21.34 ? 54  GLU A CG  1 
ATOM   450  C  CD  . GLU A 1 54 ? -7.442  8.609   10.634  1.00 23.44 ? 54  GLU A CD  1 
ATOM   451  O  OE1 . GLU A 1 54 ? -7.236  8.430   9.412   1.00 25.19 ? 54  GLU A OE1 1 
ATOM   452  O  OE2 . GLU A 1 54 ? -7.847  9.706   11.095  1.00 27.95 ? 54  GLU A OE2 1 
ATOM   453  N  N   . ALA A 1 55 ? -4.017  6.710   13.602  1.00 10.71 ? 55  ALA A N   1 
ATOM   454  C  CA  . ALA A 1 55 ? -3.713  7.340   14.897  1.00 10.70 ? 55  ALA A CA  1 
ATOM   455  C  C   . ALA A 1 55 ? -2.279  7.854   15.079  1.00 12.62 ? 55  ALA A C   1 
ATOM   456  O  O   . ALA A 1 55 ? -2.079  8.706   15.946  1.00 12.06 ? 55  ALA A O   1 
ATOM   457  C  CB  . ALA A 1 55 ? -4.028  6.399   16.000  1.00 12.41 ? 55  ALA A CB  1 
ATOM   458  N  N   . CYS A 1 56 ? -1.311  7.374   14.304  1.00 13.28 ? 56  CYS A N   1 
ATOM   459  C  CA  . CYS A 1 56 ? 0.085   7.771   14.568  1.00 11.66 ? 56  CYS A CA  1 
ATOM   460  C  C   . CYS A 1 56 ? 0.217   9.257   14.447  1.00 10.45 ? 56  CYS A C   1 
ATOM   461  O  O   . CYS A 1 56 ? -0.206  9.756   13.432  1.00 9.55  ? 56  CYS A O   1 
ATOM   462  C  CB  . CYS A 1 56 ? 1.039   7.108   13.590  1.00 9.28  ? 56  CYS A CB  1 
ATOM   463  S  SG  . CYS A 1 56 ? 2.742   7.547   13.661  1.00 11.05 ? 56  CYS A SG  1 
ATOM   464  N  N   . PRO A 1 57 ? 0.723   9.955   15.473  1.00 8.41  ? 57  PRO A N   1 
ATOM   465  C  CA  . PRO A 1 57 ? 0.731   11.399  15.418  1.00 9.90  ? 57  PRO A CA  1 
ATOM   466  C  C   . PRO A 1 57 ? 1.725   12.013  14.439  1.00 11.02 ? 57  PRO A C   1 
ATOM   467  O  O   . PRO A 1 57 ? 1.616   13.211  14.141  1.00 10.57 ? 57  PRO A O   1 
ATOM   468  C  CB  . PRO A 1 57 ? 1.106   11.804  16.841  1.00 11.27 ? 57  PRO A CB  1 
ATOM   469  C  CG  . PRO A 1 57 ? 1.732   10.633  17.490  1.00 11.00 ? 57  PRO A CG  1 
ATOM   470  C  CD  . PRO A 1 57 ? 1.182   9.454   16.781  1.00 8.97  ? 57  PRO A CD  1 
ATOM   471  N  N   . VAL A 1 58 ? 2.644   11.220  13.928  1.00 11.64 ? 58  VAL A N   1 
ATOM   472  C  CA  . VAL A 1 58 ? 3.652   11.748  13.035  1.00 10.71 ? 58  VAL A CA  1 
ATOM   473  C  C   . VAL A 1 58 ? 3.613   11.105  11.627  1.00 10.12 ? 58  VAL A C   1 
ATOM   474  O  O   . VAL A 1 58 ? 4.468   11.324  10.812  1.00 13.49 ? 58  VAL A O   1 
ATOM   475  C  CB  . VAL A 1 58 ? 5.105   11.631  13.619  1.00 11.17 ? 58  VAL A CB  1 
ATOM   476  C  CG1 . VAL A 1 58 ? 5.213   12.387  14.933  1.00 10.67 ? 58  VAL A CG1 1 
ATOM   477  C  CG2 . VAL A 1 58 ? 5.540   10.177  13.831  1.00 10.45 ? 58  VAL A CG2 1 
ATOM   478  N  N   . SER A 1 59 ? 2.621   10.276  11.393  1.00 10.36 ? 59  SER A N   1 
ATOM   479  C  CA  . SER A 1 59 ? 2.400   9.680   10.087  1.00 8.82  ? 59  SER A CA  1 
ATOM   480  C  C   . SER A 1 59 ? 3.535   8.761   9.623   1.00 12.13 ? 59  SER A C   1 
ATOM   481  O  O   . SER A 1 59 ? 3.962   8.849   8.475   1.00 11.37 ? 59  SER A O   1 
ATOM   482  C  CB  . SER A 1 59 ? 2.113   10.782  9.071   1.00 10.44 ? 59  SER A CB  1 
ATOM   483  O  OG  . SER A 1 59 ? 1.014   11.541  9.529   1.00 14.72 ? 59  SER A OG  1 
ATOM   484  N  N   . ALA A 1 60 ? 3.981   7.888   10.525  1.00 12.30 ? 60  ALA A N   1 
ATOM   485  C  CA  . ALA A 1 60 ? 5.100   7.000   10.255  1.00 10.93 ? 60  ALA A CA  1 
ATOM   486  C  C   . ALA A 1 60 ? 4.646   5.698   9.551   1.00 10.26 ? 60  ALA A C   1 
ATOM   487  O  O   . ALA A 1 60 ? 5.437   4.976   9.012   1.00 10.32 ? 60  ALA A O   1 
ATOM   488  C  CB  . ALA A 1 60 ? 5.786   6.661   11.539  1.00 10.62 ? 60  ALA A CB  1 
ATOM   489  N  N   . ILE A 1 61 ? 3.355   5.400   9.529   1.00 8.73  ? 61  ILE A N   1 
ATOM   490  C  CA  . ILE A 1 61 ? 2.941   4.069   9.148   1.00 10.10 ? 61  ILE A CA  1 
ATOM   491  C  C   . ILE A 1 61 ? 2.255   4.100   7.781   1.00 9.99  ? 61  ILE A C   1 
ATOM   492  O  O   . ILE A 1 61 ? 1.528   5.030   7.455   1.00 11.36 ? 61  ILE A O   1 
ATOM   493  C  CB  . ILE A 1 61 ? 1.893   3.528   10.159  1.00 10.26 ? 61  ILE A CB  1 
ATOM   494  C  CG1 . ILE A 1 61 ? 2.526   3.330   11.538  1.00 10.26 ? 61  ILE A CG1 1 
ATOM   495  C  CG2 . ILE A 1 61 ? 1.249   2.243   9.630   1.00 10.43 ? 61  ILE A CG2 1 
ATOM   496  C  CD1 . ILE A 1 61 ? 1.508   3.140   12.711  1.00 10.31 ? 61  ILE A CD1 1 
ATOM   497  N  N   . THR A 1 62 ? 2.538   3.089   6.980   1.00 11.43 ? 62  THR A N   1 
ATOM   498  C  CA  . THR A 1 62 ? 1.873   2.922   5.691   1.00 12.18 ? 62  THR A CA  1 
ATOM   499  C  C   . THR A 1 62 ? 1.608   1.473   5.447   1.00 10.16 ? 62  THR A C   1 
ATOM   500  O  O   . THR A 1 62 ? 2.199   0.581   6.055   1.00 12.12 ? 62  THR A O   1 
ATOM   501  C  CB  . THR A 1 62 ? 2.718   3.519   4.496   1.00 12.94 ? 62  THR A CB  1 
ATOM   502  O  OG1 . THR A 1 62 ? 4.051   2.943   4.444   1.00 13.73 ? 62  THR A OG1 1 
ATOM   503  C  CG2 . THR A 1 62 ? 2.961   5.029   4.667   1.00 14.97 ? 62  THR A CG2 1 
ATOM   504  N  N   . ILE A 1 63 ? 0.665   1.228   4.559   1.00 9.57  ? 63  ILE A N   1 
ATOM   505  C  CA  . ILE A 1 63 ? 0.255   -0.151  4.313   1.00 9.44  ? 63  ILE A CA  1 
ATOM   506  C  C   . ILE A 1 63 ? 0.113   -0.381  2.820   1.00 9.35  ? 63  ILE A C   1 
ATOM   507  O  O   . ILE A 1 63 ? -0.551  0.382   2.128   1.00 10.01 ? 63  ILE A O   1 
ATOM   508  C  CB  . ILE A 1 63 ? -1.123  -0.465  4.977   1.00 9.51  ? 63  ILE A CB  1 
ATOM   509  C  CG1 . ILE A 1 63 ? -1.135  -0.130  6.492   1.00 8.30  ? 63  ILE A CG1 1 
ATOM   510  C  CG2 . ILE A 1 63 ? -1.452  -1.944  4.801   1.00 11.75 ? 63  ILE A CG2 1 
ATOM   511  C  CD1 . ILE A 1 63 ? -2.518  -0.353  7.174   1.00 9.12  ? 63  ILE A CD1 1 
ATOM   512  N  N   . GLU A 1 64 ? 0.698   -1.456  2.340   1.00 10.57 ? 64  GLU A N   1 
ATOM   513  C  CA  . GLU A 1 64 ? 0.670   -1.769  0.909   1.00 11.26 ? 64  GLU A CA  1 
ATOM   514  C  C   . GLU A 1 64 ? -0.190  -2.979  0.651   1.00 12.84 ? 64  GLU A C   1 
ATOM   515  O  O   . GLU A 1 64 ? -0.087  -3.985  1.378   1.00 15.59 ? 64  GLU A O   1 
ATOM   516  C  CB  . GLU A 1 64 ? 2.130   -1.985  0.429   1.00 12.55 ? 64  GLU A CB  1 
ATOM   517  C  CG  . GLU A 1 64 ? 2.335   -2.130  -1.063  1.00 16.89 ? 64  GLU A CG  1 
ATOM   518  C  CD  . GLU A 1 64 ? 3.797   -2.410  -1.359  1.00 22.80 ? 64  GLU A CD  1 
ATOM   519  O  OE1 . GLU A 1 64 ? 4.511   -1.442  -1.755  1.00 25.40 ? 64  GLU A OE1 1 
ATOM   520  O  OE2 . GLU A 1 64 ? 4.217   -3.588  -1.153  1.00 24.58 ? 64  GLU A OE2 1 
ATOM   521  N  N   A GLU A 1 65 ? -1.018  -2.867  -0.392  0.50 12.39 ? 65  GLU A N   1 
ATOM   522  N  N   B GLU A 1 65 ? -1.055  -2.925  -0.362  0.50 11.19 ? 65  GLU A N   1 
ATOM   523  C  CA  A GLU A 1 65 ? -1.871  -3.923  -0.875  0.50 13.54 ? 65  GLU A CA  1 
ATOM   524  C  CA  B GLU A 1 65 ? -1.820  -4.092  -0.743  0.50 11.96 ? 65  GLU A CA  1 
ATOM   525  C  C   A GLU A 1 65 ? -1.228  -4.513  -2.150  0.50 13.99 ? 65  GLU A C   1 
ATOM   526  C  C   B GLU A 1 65 ? -1.407  -4.525  -2.137  0.50 12.82 ? 65  GLU A C   1 
ATOM   527  O  O   A GLU A 1 65 ? -0.605  -3.785  -2.946  0.50 13.34 ? 65  GLU A O   1 
ATOM   528  O  O   B GLU A 1 65 ? -1.213  -3.706  -3.028  0.50 11.37 ? 65  GLU A O   1 
ATOM   529  C  CB  A GLU A 1 65 ? -3.299  -3.369  -1.185  0.50 13.52 ? 65  GLU A CB  1 
ATOM   530  C  CB  B GLU A 1 65 ? -3.345  -3.831  -0.698  0.50 10.93 ? 65  GLU A CB  1 
ATOM   531  C  CG  A GLU A 1 65 ? -3.879  -2.283  -0.238  0.50 12.25 ? 65  GLU A CG  1 
ATOM   532  C  CG  B GLU A 1 65 ? -4.187  -5.059  -1.022  0.50 11.15 ? 65  GLU A CG  1 
ATOM   533  C  CD  A GLU A 1 65 ? -4.372  -0.991  -0.942  0.50 12.61 ? 65  GLU A CD  1 
ATOM   534  C  CD  B GLU A 1 65 ? -5.692  -4.812  -1.125  0.50 10.66 ? 65  GLU A CD  1 
ATOM   535  O  OE1 A GLU A 1 65 ? -5.180  -1.112  -1.925  0.50 15.01 ? 65  GLU A OE1 1 
ATOM   536  O  OE1 B GLU A 1 65 ? -6.134  -3.668  -1.354  0.50 11.00 ? 65  GLU A OE1 1 
ATOM   537  O  OE2 A GLU A 1 65 ? -3.965  0.140   -0.521  0.50 8.83  ? 65  GLU A OE2 1 
ATOM   538  O  OE2 B GLU A 1 65 ? -6.423  -5.793  -0.946  0.50 12.38 ? 65  GLU A OE2 1 
ATOM   539  N  N   . ALA A 1 66 ? -1.310  -5.837  -2.296  1.00 14.54 ? 66  ALA A N   1 
ATOM   540  C  CA  . ALA A 1 66 ? -0.960  -6.508  -3.549  1.00 16.91 ? 66  ALA A CA  1 
ATOM   541  C  C   . ALA A 1 66 ? -2.081  -7.494  -3.834  1.00 19.27 ? 66  ALA A C   1 
ATOM   542  O  O   . ALA A 1 66 ? -2.783  -7.931  -2.873  1.00 23.94 ? 66  ALA A O   1 
ATOM   543  C  CB  . ALA A 1 66 ? 0.407   -7.262  -3.407  1.00 17.56 ? 66  ALA A CB  1 
ATOM   544  O  OXT . ALA A 1 66 ? -2.282  -7.917  -4.994  1.00 18.66 ? 66  ALA A OXT 1 
ATOM   545  N  N   . ALA B 1 1  ? -4.850  8.881   1.511   1.00 16.47 ? 1   ALA B N   1 
ATOM   546  C  CA  . ALA B 1 1  ? -4.477  8.925   0.042   1.00 15.69 ? 1   ALA B CA  1 
ATOM   547  C  C   . ALA B 1 1  ? -3.762  7.629   -0.292  1.00 12.42 ? 1   ALA B C   1 
ATOM   548  O  O   . ALA B 1 1  ? -3.187  6.987   0.566   1.00 11.63 ? 1   ALA B O   1 
ATOM   549  C  CB  . ALA B 1 1  ? -3.570  10.138  -0.321  1.00 15.10 ? 1   ALA B CB  1 
ATOM   550  N  N   . TRP B 1 2  ? -3.847  7.256   -1.566  1.00 10.72 ? 2   TRP B N   1 
ATOM   551  C  CA  . TRP B 1 2  ? -3.211  6.075   -2.124  1.00 10.93 ? 2   TRP B CA  1 
ATOM   552  C  C   . TRP B 1 2  ? -2.214  6.439   -3.207  1.00 11.71 ? 2   TRP B C   1 
ATOM   553  O  O   . TRP B 1 2  ? -2.390  7.466   -3.887  1.00 11.18 ? 2   TRP B O   1 
ATOM   554  C  CB  . TRP B 1 2  ? -4.265  5.159   -2.764  1.00 11.77 ? 2   TRP B CB  1 
ATOM   555  C  CG  . TRP B 1 2  ? -5.262  4.569   -1.855  1.00 13.13 ? 2   TRP B CG  1 
ATOM   556  C  CD1 . TRP B 1 2  ? -5.132  3.448   -1.099  1.00 12.96 ? 2   TRP B CD1 1 
ATOM   557  C  CD2 . TRP B 1 2  ? -6.583  5.064   -1.625  1.00 12.85 ? 2   TRP B CD2 1 
ATOM   558  N  NE1 . TRP B 1 2  ? -6.301  3.206   -0.415  1.00 12.96 ? 2   TRP B NE1 1 
ATOM   559  C  CE2 . TRP B 1 2  ? -7.194  4.197   -0.696  1.00 14.28 ? 2   TRP B CE2 1 
ATOM   560  C  CE3 . TRP B 1 2  ? -7.290  6.177   -2.073  1.00 14.00 ? 2   TRP B CE3 1 
ATOM   561  C  CZ2 . TRP B 1 2  ? -8.493  4.369   -0.268  1.00 14.30 ? 2   TRP B CZ2 1 
ATOM   562  C  CZ3 . TRP B 1 2  ? -8.623  6.345   -1.628  1.00 14.44 ? 2   TRP B CZ3 1 
ATOM   563  C  CH2 . TRP B 1 2  ? -9.172  5.474   -0.726  1.00 16.21 ? 2   TRP B CH2 1 
ATOM   564  N  N   . LYS B 1 3  ? -1.183  5.588   -3.358  1.00 10.75 ? 3   LYS B N   1 
ATOM   565  C  CA  . LYS B 1 3  ? -0.187  5.730   -4.371  1.00 11.12 ? 3   LYS B CA  1 
ATOM   566  C  C   . LYS B 1 3  ? 0.007   4.396   -5.055  1.00 9.93  ? 3   LYS B C   1 
ATOM   567  O  O   . LYS B 1 3  ? 0.187   3.382   -4.415  1.00 12.66 ? 3   LYS B O   1 
ATOM   568  C  CB  . LYS B 1 3  ? 1.118   6.212   -3.760  1.00 12.04 ? 3   LYS B CB  1 
ATOM   569  C  CG  . LYS B 1 3  ? 1.195   7.703   -3.296  1.00 15.47 ? 3   LYS B CG  1 
ATOM   570  C  CD  . LYS B 1 3  ? 0.062   8.182   -2.367  1.00 19.00 ? 3   LYS B CD  1 
ATOM   571  C  CE  . LYS B 1 3  ? 0.405   8.297   -0.860  1.00 20.45 ? 3   LYS B CE  1 
ATOM   572  N  NZ  . LYS B 1 3  ? -0.061  7.114   -0.040  1.00 19.12 ? 3   LYS B NZ  1 
ATOM   573  N  N   A VAL B 1 4  ? -0.160  4.393   -6.375  0.50 9.21  ? 4   VAL B N   1 
ATOM   574  N  N   B VAL B 1 4  ? 0.147   4.456   -6.358  0.50 9.67  ? 4   VAL B N   1 
ATOM   575  C  CA  A VAL B 1 4  ? -0.028  3.169   -7.165  0.50 8.44  ? 4   VAL B CA  1 
ATOM   576  C  CA  B VAL B 1 4  ? 0.032   3.300   -7.216  0.50 8.48  ? 4   VAL B CA  1 
ATOM   577  C  C   A VAL B 1 4  ? 1.437   2.966   -7.601  0.50 9.73  ? 4   VAL B C   1 
ATOM   578  C  C   B VAL B 1 4  ? 1.434   2.986   -7.781  0.50 9.61  ? 4   VAL B C   1 
ATOM   579  O  O   A VAL B 1 4  ? 2.209   3.925   -7.811  0.50 12.74 ? 4   VAL B O   1 
ATOM   580  O  O   B VAL B 1 4  ? 2.188   3.894   -8.232  0.50 9.10  ? 4   VAL B O   1 
ATOM   581  C  CB  A VAL B 1 4  ? -0.952  3.172   -8.409  0.50 7.28  ? 4   VAL B CB  1 
ATOM   582  C  CB  B VAL B 1 4  ? -1.038  3.666   -8.242  0.50 7.56  ? 4   VAL B CB  1 
ATOM   583  C  CG1 A VAL B 1 4  ? -0.803  1.894   -9.206  0.50 6.58  ? 4   VAL B CG1 1 
ATOM   584  C  CG1 B VAL B 1 4  ? -1.280  5.192   -8.096  0.50 2.68  ? 4   VAL B CG1 1 
ATOM   585  C  CG2 A VAL B 1 4  ? -2.424  3.414   -7.989  0.50 5.85  ? 4   VAL B CG2 1 
ATOM   586  C  CG2 B VAL B 1 4  ? -0.728  3.222   -9.651  0.50 8.50  ? 4   VAL B CG2 1 
ATOM   587  N  N   . SER B 1 5  ? 1.795   1.701   -7.787  1.00 10.15 ? 5   SER B N   1 
ATOM   588  C  CA  . SER B 1 5  ? 3.136   1.347   -8.293  1.00 11.90 ? 5   SER B CA  1 
ATOM   589  C  C   . SER B 1 5  ? 3.041   0.217   -9.310  1.00 13.18 ? 5   SER B C   1 
ATOM   590  O  O   . SER B 1 5  ? 2.309   -0.718  -9.098  1.00 13.30 ? 5   SER B O   1 
ATOM   591  C  CB  . SER B 1 5  ? 4.156   0.991   -7.210  1.00 14.86 ? 5   SER B CB  1 
ATOM   592  O  OG  . SER B 1 5  ? 4.519   2.101   -6.384  1.00 16.16 ? 5   SER B OG  1 
ATOM   593  N  N   . VAL B 1 6  ? 3.823   0.320   -10.396 1.00 9.63  ? 6   VAL B N   1 
ATOM   594  C  CA  . VAL B 1 6  ? 3.916   -0.756  -11.379 1.00 10.10 ? 6   VAL B CA  1 
ATOM   595  C  C   . VAL B 1 6  ? 5.372   -1.242  -11.432 1.00 10.16 ? 6   VAL B C   1 
ATOM   596  O  O   . VAL B 1 6  ? 6.309   -0.486  -11.749 1.00 12.71 ? 6   VAL B O   1 
ATOM   597  C  CB  . VAL B 1 6  ? 3.395   -0.366  -12.840 1.00 9.09  ? 6   VAL B CB  1 
ATOM   598  C  CG1 . VAL B 1 6  ? 3.563   -1.502  -13.719 1.00 11.13 ? 6   VAL B CG1 1 
ATOM   599  C  CG2 . VAL B 1 6  ? 1.892   0.046   -12.780 1.00 8.04  ? 6   VAL B CG2 1 
ATOM   600  N  N   . ASP B 1 7  ? 5.589   -2.506  -11.076 1.00 11.41 ? 7   ASP B N   1 
ATOM   601  C  CA  . ASP B 1 7  ? 6.914   -3.081  -11.084 1.00 12.33 ? 7   ASP B CA  1 
ATOM   602  C  C   . ASP B 1 7  ? 7.339   -3.285  -12.531 1.00 12.12 ? 7   ASP B C   1 
ATOM   603  O  O   . ASP B 1 7  ? 6.828   -4.118  -13.237 1.00 11.46 ? 7   ASP B O   1 
ATOM   604  C  CB  . ASP B 1 7  ? 6.917   -4.404  -10.289 1.00 13.64 ? 7   ASP B CB  1 
ATOM   605  C  CG  . ASP B 1 7  ? 8.312   -4.997  -10.131 1.00 16.59 ? 7   ASP B CG  1 
ATOM   606  O  OD1 . ASP B 1 7  ? 9.062   -5.097  -11.092 1.00 18.77 ? 7   ASP B OD1 1 
ATOM   607  O  OD2 . ASP B 1 7  ? 8.720   -5.406  -9.042  1.00 20.15 ? 7   ASP B OD2 1 
ATOM   608  N  N   . GLN B 1 8  ? 8.337   -2.521  -12.993 1.00 10.55 ? 8   GLN B N   1 
ATOM   609  C  CA  . GLN B 1 8  ? 8.717   -2.522  -14.398 1.00 13.59 ? 8   GLN B CA  1 
ATOM   610  C  C   . GLN B 1 8  ? 9.388   -3.827  -14.835 1.00 14.82 ? 8   GLN B C   1 
ATOM   611  O  O   . GLN B 1 8  ? 9.302   -4.215  -16.003 1.00 19.29 ? 8   GLN B O   1 
ATOM   612  C  CB  . GLN B 1 8  ? 9.672   -1.372  -14.649 1.00 11.68 ? 8   GLN B CB  1 
ATOM   613  C  CG  . GLN B 1 8  ? 9.038   -0.019  -14.315 1.00 12.61 ? 8   GLN B CG  1 
ATOM   614  C  CD  . GLN B 1 8  ? 7.848   0.294   -15.197 1.00 10.69 ? 8   GLN B CD  1 
ATOM   615  O  OE1 . GLN B 1 8  ? 8.046   0.547   -16.409 1.00 14.07 ? 8   GLN B OE1 1 
ATOM   616  N  NE2 . GLN B 1 8  ? 6.580   0.244   -14.633 1.00 10.74 ? 8   GLN B NE2 1 
ATOM   617  N  N   A ASP B 1 9  ? 9.990   -4.487  -13.848 0.50 15.12 ? 9   ASP B N   1 
ATOM   618  N  N   B ASP B 1 9  ? 10.038  -4.538  -13.941 0.50 13.87 ? 9   ASP B N   1 
ATOM   619  C  CA  A ASP B 1 9  ? 10.682  -5.764  -14.006 0.50 17.66 ? 9   ASP B CA  1 
ATOM   620  C  CA  B ASP B 1 9  ? 10.662  -5.784  -14.371 0.50 15.65 ? 9   ASP B CA  1 
ATOM   621  C  C   A ASP B 1 9  ? 9.711   -6.958  -14.051 0.50 14.94 ? 9   ASP B C   1 
ATOM   622  C  C   B ASP B 1 9  ? 9.614   -6.905  -14.572 0.50 13.65 ? 9   ASP B C   1 
ATOM   623  O  O   A ASP B 1 9  ? 10.120  -8.075  -14.398 0.50 16.76 ? 9   ASP B O   1 
ATOM   624  O  O   B ASP B 1 9  ? 9.784   -7.758  -15.448 0.50 12.42 ? 9   ASP B O   1 
ATOM   625  C  CB  A ASP B 1 9  ? 11.688  -5.980  -12.852 0.50 19.90 ? 9   ASP B CB  1 
ATOM   626  C  CB  B ASP B 1 9  ? 11.780  -6.153  -13.395 0.50 16.78 ? 9   ASP B CB  1 
ATOM   627  C  CG  A ASP B 1 9  ? 12.364  -4.690  -12.378 0.50 22.04 ? 9   ASP B CG  1 
ATOM   628  C  CG  B ASP B 1 9  ? 12.420  -7.492  -13.692 0.50 17.81 ? 9   ASP B CG  1 
ATOM   629  O  OD1 A ASP B 1 9  ? 11.666  -3.663  -12.137 0.50 24.23 ? 9   ASP B OD1 1 
ATOM   630  O  OD1 B ASP B 1 9  ? 12.949  -7.704  -14.805 0.50 20.07 ? 9   ASP B OD1 1 
ATOM   631  O  OD2 A ASP B 1 9  ? 13.592  -4.625  -12.159 0.50 24.21 ? 9   ASP B OD2 1 
ATOM   632  O  OD2 B ASP B 1 9  ? 12.450  -8.393  -12.839 0.50 19.26 ? 9   ASP B OD2 1 
ATOM   633  N  N   A THR B 1 10 ? 8.445   -6.724  -13.682 0.50 12.98 ? 10  THR B N   1 
ATOM   634  N  N   B THR B 1 10 ? 8.508   -6.878  -13.814 0.50 14.71 ? 10  THR B N   1 
ATOM   635  C  CA  A THR B 1 10 ? 7.411   -7.750  -13.705 0.50 10.85 ? 10  THR B CA  1 
ATOM   636  C  CA  B THR B 1 10 ? 7.493   -7.924  -13.940 0.50 14.90 ? 10  THR B CA  1 
ATOM   637  C  C   A THR B 1 10 ? 6.447   -7.554  -14.894 0.50 11.70 ? 10  THR B C   1 
ATOM   638  C  C   B THR B 1 10 ? 6.311   -7.592  -14.870 0.50 14.26 ? 10  THR B C   1 
ATOM   639  O  O   A THR B 1 10 ? 6.140   -8.488  -15.638 0.50 9.80  ? 10  THR B O   1 
ATOM   640  O  O   B THR B 1 10 ? 5.649   -8.505  -15.382 0.50 15.12 ? 10  THR B O   1 
ATOM   641  C  CB  A THR B 1 10 ? 6.644   -7.668  -12.391 0.50 9.61  ? 10  THR B CB  1 
ATOM   642  C  CB  B THR B 1 10 ? 6.969   -8.332  -12.570 0.50 16.01 ? 10  THR B CB  1 
ATOM   643  O  OG1 A THR B 1 10 ? 7.545   -7.836  -11.284 0.50 8.70  ? 10  THR B OG1 1 
ATOM   644  O  OG1 B THR B 1 10 ? 6.143   -7.293  -12.022 0.50 18.16 ? 10  THR B OG1 1 
ATOM   645  C  CG2 A THR B 1 10 ? 5.578   -8.801  -12.248 0.50 7.64  ? 10  THR B CG2 1 
ATOM   646  C  CG2 B THR B 1 10 ? 8.101   -8.514  -11.598 0.50 16.48 ? 10  THR B CG2 1 
ATOM   647  N  N   . CYS B 1 11 ? 6.040   -6.311  -15.110 1.00 12.59 ? 11  CYS B N   1 
ATOM   648  C  CA  . CYS B 1 11 ? 5.015   -5.959  -16.115 1.00 10.85 ? 11  CYS B CA  1 
ATOM   649  C  C   . CYS B 1 11 ? 5.388   -6.544  -17.477 1.00 12.54 ? 11  CYS B C   1 
ATOM   650  O  O   . CYS B 1 11 ? 6.558   -6.481  -17.846 1.00 12.81 ? 11  CYS B O   1 
ATOM   651  C  CB  . CYS B 1 11 ? 4.944   -4.459  -16.198 1.00 12.64 ? 11  CYS B CB  1 
ATOM   652  S  SG  . CYS B 1 11 ? 3.818   -3.779  -17.421 1.00 11.72 ? 11  CYS B SG  1 
ATOM   653  N  N   . ILE B 1 12 ? 4.491   -7.165  -18.199 1.00 10.25 ? 12  ILE B N   1 
ATOM   654  C  CA  . ILE B 1 12 ? 4.734   -7.638  -19.564 1.00 10.02 ? 12  ILE B CA  1 
ATOM   655  C  C   . ILE B 1 12 ? 3.953   -6.809  -20.605 1.00 10.25 ? 12  ILE B C   1 
ATOM   656  O  O   . ILE B 1 12 ? 3.845   -7.202  -21.792 1.00 10.47 ? 12  ILE B O   1 
ATOM   657  C  CB  . ILE B 1 12 ? 4.380   -9.125  -19.653 1.00 10.54 ? 12  ILE B CB  1 
ATOM   658  C  CG1 . ILE B 1 12 ? 2.870   -9.374  -19.356 1.00 10.22 ? 12  ILE B CG1 1 
ATOM   659  C  CG2 . ILE B 1 12 ? 5.275   -9.920  -18.732 1.00 12.08 ? 12  ILE B CG2 1 
ATOM   660  C  CD1 . ILE B 1 12 ? 2.383   -10.834 -19.649 1.00 12.29 ? 12  ILE B CD1 1 
ATOM   661  N  N   . GLY B 1 13 ? 3.360   -5.696  -20.173 1.00 12.36 ? 13  GLY B N   1 
ATOM   662  C  CA  . GLY B 1 13 ? 2.550   -4.869  -21.079 1.00 11.12 ? 13  GLY B CA  1 
ATOM   663  C  C   . GLY B 1 13 ? 1.292   -5.489  -21.633 1.00 11.54 ? 13  GLY B C   1 
ATOM   664  O  O   . GLY B 1 13 ? 0.888   -5.173  -22.761 1.00 12.03 ? 13  GLY B O   1 
ATOM   665  N  N   . ASP B 1 14 ? 0.591   -6.263  -20.795 1.00 11.92 ? 14  ASP B N   1 
ATOM   666  C  CA  . ASP B 1 14 ? -0.718  -6.850  -21.093 1.00 13.60 ? 14  ASP B CA  1 
ATOM   667  C  C   . ASP B 1 14 ? -1.728  -5.752  -21.387 1.00 10.35 ? 14  ASP B C   1 
ATOM   668  O  O   . ASP B 1 14 ? -2.543  -5.900  -22.278 1.00 13.50 ? 14  ASP B O   1 
ATOM   669  C  CB  . ASP B 1 14 ? -1.179  -7.673  -19.879 1.00 14.04 ? 14  ASP B CB  1 
ATOM   670  C  CG  . ASP B 1 14 ? -2.439  -8.460  -20.163 1.00 16.06 ? 14  ASP B CG  1 
ATOM   671  O  OD1 . ASP B 1 14 ? -3.522  -8.126  -19.639 1.00 17.74 ? 14  ASP B OD1 1 
ATOM   672  O  OD2 . ASP B 1 14 ? -2.409  -9.453  -20.925 1.00 17.53 ? 14  ASP B OD2 1 
ATOM   673  N  N   . ALA B 1 15 ? -1.679  -4.686  -20.571 1.00 11.27 ? 15  ALA B N   1 
ATOM   674  C  CA  . ALA B 1 15 ? -2.428  -3.426  -20.727 1.00 9.42  ? 15  ALA B CA  1 
ATOM   675  C  C   . ALA B 1 15 ? -3.852  -3.485  -20.262 1.00 10.77 ? 15  ALA B C   1 
ATOM   676  O  O   . ALA B 1 15 ? -4.597  -2.548  -20.501 1.00 11.08 ? 15  ALA B O   1 
ATOM   677  C  CB  . ALA B 1 15 ? -2.395  -2.900  -22.135 1.00 11.01 ? 15  ALA B CB  1 
ATOM   678  N  N   . ILE B 1 16 ? -4.215  -4.559  -19.614 1.00 12.01 ? 16  ILE B N   1 
ATOM   679  C  CA  . ILE B 1 16 ? -5.615  -4.614  -19.180 1.00 11.57 ? 16  ILE B CA  1 
ATOM   680  C  C   . ILE B 1 16 ? -5.831  -3.525  -18.112 1.00 10.93 ? 16  ILE B C   1 
ATOM   681  O  O   . ILE B 1 16 ? -6.929  -3.042  -17.913 1.00 11.72 ? 16  ILE B O   1 
ATOM   682  C  CB  . ILE B 1 16 ? -6.093  -6.015  -18.676 1.00 17.09 ? 16  ILE B CB  1 
ATOM   683  C  CG1 . ILE B 1 16 ? -7.587  -5.958  -18.368 1.00 18.25 ? 16  ILE B CG1 1 
ATOM   684  C  CG2 . ILE B 1 16 ? -5.359  -6.450  -17.439 1.00 17.17 ? 16  ILE B CG2 1 
ATOM   685  C  CD1 . ILE B 1 16 ? -8.336  -7.266  -18.481 1.00 20.52 ? 16  ILE B CD1 1 
ATOM   686  N  N   . CYS B 1 17 ? -4.763  -3.115  -17.434 1.00 10.54 ? 17  CYS B N   1 
ATOM   687  C  CA  . CYS B 1 17 ? -4.906  -2.068  -16.407 1.00 10.13 ? 17  CYS B CA  1 
ATOM   688  C  C   . CYS B 1 17 ? -5.288  -0.734  -17.053 1.00 10.46 ? 17  CYS B C   1 
ATOM   689  O  O   . CYS B 1 17 ? -6.075  0.013   -16.545 1.00 13.25 ? 17  CYS B O   1 
ATOM   690  C  CB  . CYS B 1 17 ? -3.562  -1.850  -15.680 1.00 8.70  ? 17  CYS B CB  1 
ATOM   691  S  SG  . CYS B 1 17 ? -2.051  -1.475  -16.640 1.00 9.30  ? 17  CYS B SG  1 
ATOM   692  N  N   . ALA B 1 18 ? -4.595  -0.416  -18.154 1.00 9.98  ? 18  ALA B N   1 
ATOM   693  C  CA  . ALA B 1 18 ? -4.842  0.784   -18.934 1.00 10.05 ? 18  ALA B CA  1 
ATOM   694  C  C   . ALA B 1 18 ? -6.239  0.781   -19.566 1.00 10.51 ? 18  ALA B C   1 
ATOM   695  O  O   . ALA B 1 18 ? -6.839  1.827   -19.722 1.00 12.97 ? 18  ALA B O   1 
ATOM   696  C  CB  . ALA B 1 18 ? -3.724  0.966   -19.968 1.00 12.27 ? 18  ALA B CB  1 
ATOM   697  N  N   A SER B 1 19 ? -6.686  -0.404  -19.955 0.50 11.76 ? 19  SER B N   1 
ATOM   698  N  N   B SER B 1 19 ? -6.704  -0.406  -19.924 0.50 10.99 ? 19  SER B N   1 
ATOM   699  C  CA  A SER B 1 19 ? -8.060  -0.635  -20.397 0.50 13.23 ? 19  SER B CA  1 
ATOM   700  C  CA  B SER B 1 19 ? -8.059  -0.613  -20.434 0.50 11.74 ? 19  SER B CA  1 
ATOM   701  C  C   A SER B 1 19 ? -9.082  -0.292  -19.325 0.50 14.81 ? 19  SER B C   1 
ATOM   702  C  C   B SER B 1 19 ? -9.159  -0.420  -19.379 0.50 14.02 ? 19  SER B C   1 
ATOM   703  O  O   A SER B 1 19 ? -9.946  0.568   -19.521 0.50 14.08 ? 19  SER B O   1 
ATOM   704  O  O   B SER B 1 19 ? -10.172 0.215   -19.654 0.50 14.79 ? 19  SER B O   1 
ATOM   705  C  CB  A SER B 1 19 ? -8.215  -2.097  -20.782 0.50 13.56 ? 19  SER B CB  1 
ATOM   706  C  CB  B SER B 1 19 ? -8.134  -2.005  -21.050 0.50 10.86 ? 19  SER B CB  1 
ATOM   707  O  OG  A SER B 1 19 ? -9.380  -2.268  -21.555 0.50 13.26 ? 19  SER B OG  1 
ATOM   708  O  OG  B SER B 1 19 ? -7.466  -2.046  -22.310 0.50 7.84  ? 19  SER B OG  1 
ATOM   709  N  N   . LEU B 1 20 ? -8.944  -0.938  -18.168 1.00 14.57 ? 20  LEU B N   1 
ATOM   710  C  CA  . LEU B 1 20 ? -9.890  -0.771  -17.074 1.00 15.45 ? 20  LEU B CA  1 
ATOM   711  C  C   . LEU B 1 20 ? -9.851  0.620   -16.464 1.00 16.05 ? 20  LEU B C   1 
ATOM   712  O  O   . LEU B 1 20 ? -10.890 1.108   -15.995 1.00 19.31 ? 20  LEU B O   1 
ATOM   713  C  CB  . LEU B 1 20 ? -9.615  -1.793  -15.980 1.00 17.22 ? 20  LEU B CB  1 
ATOM   714  C  CG  . LEU B 1 20 ? -9.949  -3.251  -16.318 1.00 17.80 ? 20  LEU B CG  1 
ATOM   715  C  CD1 . LEU B 1 20 ? -9.096  -4.143  -15.403 1.00 19.39 ? 20  LEU B CD1 1 
ATOM   716  C  CD2 . LEU B 1 20 ? -11.468 -3.529  -16.169 1.00 20.22 ? 20  LEU B CD2 1 
ATOM   717  N  N   A CYS B 1 21 ? -8.684  1.264   -16.479 0.60 13.76 ? 21  CYS B N   1 
ATOM   718  N  N   B CYS B 1 21 ? -8.670  1.247   -16.437 0.40 15.04 ? 21  CYS B N   1 
ATOM   719  C  CA  A CYS B 1 21 ? -8.496  2.491   -15.723 0.60 13.52 ? 21  CYS B CA  1 
ATOM   720  C  CA  B CYS B 1 21 ? -8.500  2.551   -15.792 0.40 15.08 ? 21  CYS B CA  1 
ATOM   721  C  C   A CYS B 1 21 ? -7.533  3.446   -16.444 0.60 13.94 ? 21  CYS B C   1 
ATOM   722  C  C   B CYS B 1 21 ? -7.505  3.424   -16.497 0.40 15.02 ? 21  CYS B C   1 
ATOM   723  O  O   A CYS B 1 21 ? -6.441  3.638   -15.944 0.60 15.68 ? 21  CYS B O   1 
ATOM   724  O  O   B CYS B 1 21 ? -6.379  3.550   -16.037 0.40 15.85 ? 21  CYS B O   1 
ATOM   725  C  CB  A CYS B 1 21 ? -7.966  2.087   -14.312 0.60 14.15 ? 21  CYS B CB  1 
ATOM   726  C  CB  B CYS B 1 21 ? -7.989  2.371   -14.371 0.40 16.03 ? 21  CYS B CB  1 
ATOM   727  S  SG  A CYS B 1 21 ? -8.201  3.214   -12.914 0.60 14.74 ? 21  CYS B SG  1 
ATOM   728  S  SG  B CYS B 1 21 ? -8.813  1.046   -13.551 0.40 17.29 ? 21  CYS B SG  1 
ATOM   729  N  N   . PRO B 1 22 ? -7.889  4.017   -17.617 1.00 14.55 ? 22  PRO B N   1 
ATOM   730  C  CA  . PRO B 1 22 ? -6.952  4.855   -18.386 1.00 15.32 ? 22  PRO B CA  1 
ATOM   731  C  C   . PRO B 1 22 ? -6.611  6.190   -17.739 1.00 16.12 ? 22  PRO B C   1 
ATOM   732  O  O   . PRO B 1 22 ? -5.590  6.830   -18.080 1.00 16.42 ? 22  PRO B O   1 
ATOM   733  C  CB  . PRO B 1 22 ? -7.656  5.058   -19.731 1.00 15.90 ? 22  PRO B CB  1 
ATOM   734  C  CG  . PRO B 1 22 ? -9.047  4.904   -19.430 1.00 15.92 ? 22  PRO B CG  1 
ATOM   735  C  CD  . PRO B 1 22 ? -9.203  3.908   -18.288 1.00 17.23 ? 22  PRO B CD  1 
ATOM   736  N  N   . ASP B 1 23 ? -7.392  6.567   -16.739 1.00 17.16 ? 23  ASP B N   1 
ATOM   737  C  CA  . ASP B 1 23 ? -7.109  7.757   -15.956 1.00 18.33 ? 23  ASP B CA  1 
ATOM   738  C  C   . ASP B 1 23 ? -5.945  7.579   -14.962 1.00 17.25 ? 23  ASP B C   1 
ATOM   739  O  O   . ASP B 1 23 ? -5.360  8.556   -14.506 1.00 16.24 ? 23  ASP B O   1 
ATOM   740  C  CB  . ASP B 1 23 ? -8.378  8.235   -15.246 1.00 21.63 ? 23  ASP B CB  1 
ATOM   741  C  CG  . ASP B 1 23 ? -9.317  8.988   -16.174 1.00 23.83 ? 23  ASP B CG  1 
ATOM   742  O  OD1 . ASP B 1 23 ? -8.884  9.425   -17.260 1.00 24.42 ? 23  ASP B OD1 1 
ATOM   743  O  OD2 . ASP B 1 23 ? -10.529 9.180   -15.905 1.00 25.95 ? 23  ASP B OD2 1 
ATOM   744  N  N   . VAL B 1 24 ? -5.622  6.325   -14.651 1.00 15.95 ? 24  VAL B N   1 
ATOM   745  C  CA  . VAL B 1 24 ? -4.621  5.984   -13.651 1.00 13.22 ? 24  VAL B CA  1 
ATOM   746  C  C   . VAL B 1 24 ? -3.455  5.331   -14.332 1.00 11.72 ? 24  VAL B C   1 
ATOM   747  O  O   . VAL B 1 24 ? -2.279  5.612   -13.988 1.00 10.78 ? 24  VAL B O   1 
ATOM   748  C  CB  . VAL B 1 24 ? -5.156  4.983   -12.626 1.00 13.74 ? 24  VAL B CB  1 
ATOM   749  C  CG1 . VAL B 1 24 ? -4.077  4.519   -11.665 1.00 13.70 ? 24  VAL B CG1 1 
ATOM   750  C  CG2 . VAL B 1 24 ? -6.269  5.618   -11.821 1.00 13.66 ? 24  VAL B CG2 1 
ATOM   751  N  N   . PHE B 1 25 ? -3.679  4.475   -15.327 1.00 9.23  ? 25  PHE B N   1 
ATOM   752  C  CA  . PHE B 1 25 ? -2.485  3.875   -15.985 1.00 12.11 ? 25  PHE B CA  1 
ATOM   753  C  C   . PHE B 1 25 ? -2.243  4.269   -17.458 1.00 10.17 ? 25  PHE B C   1 
ATOM   754  O  O   . PHE B 1 25 ? -3.175  4.289   -18.228 1.00 14.38 ? 25  PHE B O   1 
ATOM   755  C  CB  . PHE B 1 25 ? -2.634  2.359   -16.004 1.00 12.51 ? 25  PHE B CB  1 
ATOM   756  C  CG  . PHE B 1 25 ? -2.812  1.769   -14.644 1.00 11.93 ? 25  PHE B CG  1 
ATOM   757  C  CD1 . PHE B 1 25 ? -1.735  1.342   -13.908 1.00 11.17 ? 25  PHE B CD1 1 
ATOM   758  C  CD2 . PHE B 1 25 ? -4.073  1.664   -14.106 1.00 12.27 ? 25  PHE B CD2 1 
ATOM   759  C  CE1 . PHE B 1 25 ? -1.912  0.794   -12.607 1.00 10.93 ? 25  PHE B CE1 1 
ATOM   760  C  CE2 . PHE B 1 25 ? -4.245  1.140   -12.818 1.00 13.90 ? 25  PHE B CE2 1 
ATOM   761  C  CZ  . PHE B 1 25 ? -3.171  0.684   -12.093 1.00 11.54 ? 25  PHE B CZ  1 
ATOM   762  N  N   . GLU B 1 26 ? -0.973  4.513   -17.819 1.00 10.68 ? 26  GLU B N   1 
ATOM   763  C  CA  . GLU B 1 26 ? -0.535  4.785   -19.199 1.00 11.42 ? 26  GLU B CA  1 
ATOM   764  C  C   . GLU B 1 26 ? 0.664   3.869   -19.569 1.00 10.49 ? 26  GLU B C   1 
ATOM   765  O  O   . GLU B 1 26 ? 1.332   3.292   -18.688 1.00 10.21 ? 26  GLU B O   1 
ATOM   766  C  CB  . GLU B 1 26 ? -0.095  6.245   -19.307 1.00 12.89 ? 26  GLU B CB  1 
ATOM   767  C  CG  . GLU B 1 26 ? 1.131   6.606   -18.447 1.00 12.34 ? 26  GLU B CG  1 
ATOM   768  C  CD  . GLU B 1 26 ? 1.754   7.966   -18.681 1.00 16.11 ? 26  GLU B CD  1 
ATOM   769  O  OE1 . GLU B 1 26 ? 2.841   8.183   -18.097 1.00 19.85 ? 26  GLU B OE1 1 
ATOM   770  O  OE2 . GLU B 1 26 ? 1.216   8.801   -19.455 1.00 18.79 ? 26  GLU B OE2 1 
ATOM   771  N  N   . MET B 1 27 ? 0.876   3.706   -20.870 1.00 12.56 ? 27  MET B N   1 
ATOM   772  C  CA  . MET B 1 27 ? 1.979   2.911   -21.386 1.00 13.98 ? 27  MET B CA  1 
ATOM   773  C  C   . MET B 1 27 ? 3.160   3.843   -21.568 1.00 14.16 ? 27  MET B C   1 
ATOM   774  O  O   . MET B 1 27 ? 2.993   5.027   -21.882 1.00 15.82 ? 27  MET B O   1 
ATOM   775  C  CB  . MET B 1 27 ? 1.561   2.204   -22.699 1.00 13.32 ? 27  MET B CB  1 
ATOM   776  C  CG  . MET B 1 27 ? 0.232   1.350   -22.537 1.00 11.69 ? 27  MET B CG  1 
ATOM   777  S  SD  . MET B 1 27 ? 0.210   0.165   -21.143 1.00 15.39 ? 27  MET B SD  1 
ATOM   778  C  CE  . MET B 1 27 ? 1.564   -0.668  -21.555 1.00 14.37 ? 27  MET B CE  1 
ATOM   779  N  N   . ASN B 1 28 ? 4.352   3.315   -21.317 1.00 12.90 ? 28  ASN B N   1 
ATOM   780  C  CA  . ASN B 1 28 ? 5.601   4.083   -21.446 1.00 13.71 ? 28  ASN B CA  1 
ATOM   781  C  C   . ASN B 1 28 ? 6.409   3.582   -22.642 1.00 14.97 ? 28  ASN B C   1 
ATOM   782  O  O   . ASN B 1 28 ? 5.982   2.667   -23.367 1.00 14.18 ? 28  ASN B O   1 
ATOM   783  C  CB  . ASN B 1 28 ? 6.376   4.080   -20.133 1.00 14.79 ? 28  ASN B CB  1 
ATOM   784  C  CG  . ASN B 1 28 ? 6.856   2.698   -19.706 1.00 14.22 ? 28  ASN B CG  1 
ATOM   785  O  OD1 . ASN B 1 28 ? 7.121   1.807   -20.527 1.00 15.66 ? 28  ASN B OD1 1 
ATOM   786  N  ND2 . ASN B 1 28 ? 7.008   2.523   -18.388 1.00 14.72 ? 28  ASN B ND2 1 
ATOM   787  N  N   . ASP B 1 29 ? 7.595   4.173   -22.875 1.00 17.49 ? 29  ASP B N   1 
ATOM   788  C  CA  . ASP B 1 29 ? 8.353   3.869   -24.081 1.00 20.39 ? 29  ASP B CA  1 
ATOM   789  C  C   . ASP B 1 29 ? 9.011   2.485   -24.076 1.00 20.57 ? 29  ASP B C   1 
ATOM   790  O  O   . ASP B 1 29 ? 9.640   2.100   -25.059 1.00 22.61 ? 29  ASP B O   1 
ATOM   791  C  CB  . ASP B 1 29 ? 9.448   4.921   -24.272 1.00 22.96 ? 29  ASP B CB  1 
ATOM   792  C  CG  . ASP B 1 29 ? 8.903   6.288   -24.641 1.00 25.65 ? 29  ASP B CG  1 
ATOM   793  O  OD1 . ASP B 1 29 ? 7.761   6.379   -25.122 1.00 27.60 ? 29  ASP B OD1 1 
ATOM   794  O  OD2 . ASP B 1 29 ? 9.564   7.343   -24.481 1.00 30.26 ? 29  ASP B OD2 1 
ATOM   795  N  N   . GLU B 1 30 ? 8.931   1.788   -22.950 1.00 19.97 ? 30  GLU B N   1 
ATOM   796  C  CA  . GLU B 1 30 ? 9.380   0.409   -22.828 1.00 21.97 ? 30  GLU B CA  1 
ATOM   797  C  C   . GLU B 1 30 ? 8.217   -0.591  -22.973 1.00 20.25 ? 30  GLU B C   1 
ATOM   798  O  O   . GLU B 1 30 ? 8.432   -1.785  -22.844 1.00 22.22 ? 30  GLU B O   1 
ATOM   799  C  CB  . GLU B 1 30 ? 10.039  0.192   -21.468 1.00 24.32 ? 30  GLU B CB  1 
ATOM   800  C  CG  . GLU B 1 30 ? 11.300  0.987   -21.233 1.00 26.43 ? 30  GLU B CG  1 
ATOM   801  C  CD  . GLU B 1 30 ? 11.075  2.421   -20.784 1.00 28.93 ? 30  GLU B CD  1 
ATOM   802  O  OE1 . GLU B 1 30 ? 10.562  2.669   -19.658 1.00 30.66 ? 30  GLU B OE1 1 
ATOM   803  O  OE2 . GLU B 1 30 ? 11.452  3.320   -21.568 1.00 31.38 ? 30  GLU B OE2 1 
ATOM   804  N  N   . GLY B 1 31 ? 7.005   -0.119  -23.225 1.00 18.78 ? 31  GLY B N   1 
ATOM   805  C  CA  . GLY B 1 31 ? 5.852   -0.976  -23.435 1.00 18.11 ? 31  GLY B CA  1 
ATOM   806  C  C   . GLY B 1 31 ? 5.330   -1.570  -22.125 1.00 16.74 ? 31  GLY B C   1 
ATOM   807  O  O   . GLY B 1 31 ? 4.664   -2.620  -22.132 1.00 15.25 ? 31  GLY B O   1 
ATOM   808  N  N   . LYS B 1 32 ? 5.629   -0.868  -21.027 1.00 13.88 ? 32  LYS B N   1 
ATOM   809  C  CA  . LYS B 1 32 ? 5.201   -1.242  -19.668 1.00 13.01 ? 32  LYS B CA  1 
ATOM   810  C  C   . LYS B 1 32 ? 4.187   -0.187  -19.180 1.00 11.93 ? 32  LYS B C   1 
ATOM   811  O  O   . LYS B 1 32 ? 4.160   0.931   -19.708 1.00 12.39 ? 32  LYS B O   1 
ATOM   812  C  CB  . LYS B 1 32 ? 6.402   -1.289  -18.694 1.00 15.54 ? 32  LYS B CB  1 
ATOM   813  C  CG  . LYS B 1 32 ? 7.556   -2.183  -19.139 1.00 18.71 ? 32  LYS B CG  1 
ATOM   814  C  CD  . LYS B 1 32 ? 7.128   -3.594  -19.321 1.00 20.85 ? 32  LYS B CD  1 
ATOM   815  C  CE  . LYS B 1 32 ? 8.304   -4.514  -19.683 1.00 22.78 ? 32  LYS B CE  1 
ATOM   816  N  NZ  . LYS B 1 32 ? 9.287   -4.603  -18.605 1.00 23.75 ? 32  LYS B NZ  1 
ATOM   817  N  N   . ALA B 1 33 ? 3.313   -0.520  -18.224 1.00 9.66  ? 33  ALA B N   1 
ATOM   818  C  CA  . ALA B 1 33 ? 2.516   0.510   -17.632 1.00 8.68  ? 33  ALA B CA  1 
ATOM   819  C  C   . ALA B 1 33 ? 3.179   1.274   -16.509 1.00 9.33  ? 33  ALA B C   1 
ATOM   820  O  O   . ALA B 1 33 ? 4.146   0.783   -15.864 1.00 10.09 ? 33  ALA B O   1 
ATOM   821  C  CB  . ALA B 1 33 ? 1.156   -0.054  -17.141 1.00 7.42  ? 33  ALA B CB  1 
ATOM   822  N  N   . GLN B 1 34 ? 2.674   2.487   -16.288 1.00 8.38  ? 34  GLN B N   1 
ATOM   823  C  CA  . GLN B 1 34 ? 3.098   3.305   -15.169 1.00 10.87 ? 34  GLN B CA  1 
ATOM   824  C  C   . GLN B 1 34 ? 1.973   4.251   -14.780 1.00 12.30 ? 34  GLN B C   1 
ATOM   825  O  O   . GLN B 1 34 ? 1.090   4.564   -15.565 1.00 9.63  ? 34  GLN B O   1 
ATOM   826  C  CB  . GLN B 1 34 ? 4.401   4.056   -15.500 1.00 12.37 ? 34  GLN B CB  1 
ATOM   827  C  CG  . GLN B 1 34 ? 4.261   5.123   -16.597 1.00 12.74 ? 34  GLN B CG  1 
ATOM   828  C  CD  . GLN B 1 34 ? 5.579   5.729   -17.003 1.00 16.73 ? 34  GLN B CD  1 
ATOM   829  O  OE1 . GLN B 1 34 ? 6.606   5.103   -16.865 1.00 17.51 ? 34  GLN B OE1 1 
ATOM   830  N  NE2 . GLN B 1 34 ? 5.540   6.958   -17.501 1.00 19.61 ? 34  GLN B NE2 1 
ATOM   831  N  N   . PRO B 1 35 ? 2.008   4.720   -13.551 1.00 12.78 ? 35  PRO B N   1 
ATOM   832  C  CA  . PRO B 1 35 ? 0.886   5.518   -13.069 1.00 11.61 ? 35  PRO B CA  1 
ATOM   833  C  C   . PRO B 1 35 ? 0.917   6.917   -13.725 1.00 11.99 ? 35  PRO B C   1 
ATOM   834  O  O   . PRO B 1 35 ? 2.012   7.492   -13.809 1.00 16.37 ? 35  PRO B O   1 
ATOM   835  C  CB  . PRO B 1 35 ? 1.104   5.603   -11.562 1.00 12.65 ? 35  PRO B CB  1 
ATOM   836  C  CG  . PRO B 1 35 ? 2.427   4.923   -11.294 1.00 14.48 ? 35  PRO B CG  1 
ATOM   837  C  CD  . PRO B 1 35 ? 3.042   4.468   -12.554 1.00 14.43 ? 35  PRO B CD  1 
ATOM   838  N  N   . LYS B 1 36 ? -0.240  7.427   -14.153 1.00 15.10 ? 36  LYS B N   1 
ATOM   839  C  CA  . LYS B 1 36 ? -0.364  8.772   -14.760 1.00 13.00 ? 36  LYS B CA  1 
ATOM   840  C  C   . LYS B 1 36 ? -0.435  9.826   -13.668 1.00 12.11 ? 36  LYS B C   1 
ATOM   841  O  O   . LYS B 1 36 ? -0.340  11.011  -13.967 1.00 14.64 ? 36  LYS B O   1 
ATOM   842  C  CB  . LYS B 1 36 ? -1.681  8.983   -15.585 1.00 12.57 ? 36  LYS B CB  1 
ATOM   843  C  CG  . LYS B 1 36 ? -2.088  7.942   -16.573 1.00 17.49 ? 36  LYS B CG  1 
ATOM   844  C  CD  . LYS B 1 36 ? -3.097  8.556   -17.535 1.00 18.41 ? 36  LYS B CD  1 
ATOM   845  C  CE  . LYS B 1 36 ? -3.445  10.003  -17.138 1.00 18.65 ? 36  LYS B CE  1 
ATOM   846  N  NZ  . LYS B 1 36 ? -2.395  11.228  -17.087 1.00 17.70 ? 36  LYS B NZ  1 
ATOM   847  N  N   . VAL B 1 37 ? -0.714  9.402   -12.432 1.00 11.26 ? 37  VAL B N   1 
ATOM   848  C  CA  . VAL B 1 37 ? -0.945  10.323  -11.315 1.00 11.44 ? 37  VAL B CA  1 
ATOM   849  C  C   . VAL B 1 37 ? -0.167  9.784   -10.135 1.00 13.14 ? 37  VAL B C   1 
ATOM   850  O  O   . VAL B 1 37 ? -0.030  8.586   -10.000 1.00 14.43 ? 37  VAL B O   1 
ATOM   851  C  CB  . VAL B 1 37 ? -2.454  10.462  -10.934 1.00 10.99 ? 37  VAL B CB  1 
ATOM   852  C  CG1 . VAL B 1 37 ? -3.231  11.214  -12.018 1.00 10.74 ? 37  VAL B CG1 1 
ATOM   853  C  CG2 . VAL B 1 37 ? -3.057  9.125   -10.583 1.00 13.22 ? 37  VAL B CG2 1 
ATOM   854  N  N   . GLU B 1 38 ? 0.364   10.669  -9.307  1.00 13.37 ? 38  GLU B N   1 
ATOM   855  C  CA  . GLU B 1 38 ? 1.225   10.268  -8.216  1.00 14.59 ? 38  GLU B CA  1 
ATOM   856  C  C   . GLU B 1 38 ? 0.500   10.055  -6.892  1.00 14.08 ? 38  GLU B C   1 
ATOM   857  O  O   . GLU B 1 38 ? 1.109   9.586   -5.947  1.00 14.44 ? 38  GLU B O   1 
ATOM   858  C  CB  . GLU B 1 38 ? 2.359   11.288  -7.995  1.00 16.85 ? 38  GLU B CB  1 
ATOM   859  C  CG  . GLU B 1 38 ? 3.344   11.330  -9.147  1.00 18.39 ? 38  GLU B CG  1 
ATOM   860  C  CD  . GLU B 1 38 ? 2.724   11.978  -10.368 1.00 20.60 ? 38  GLU B CD  1 
ATOM   861  O  OE1 . GLU B 1 38 ? 2.734   11.350  -11.458 1.00 23.43 ? 38  GLU B OE1 1 
ATOM   862  O  OE2 . GLU B 1 38 ? 2.236   13.129  -10.243 1.00 19.68 ? 38  GLU B OE2 1 
ATOM   863  N  N   . VAL B 1 39 ? -0.766  10.413  -6.834  1.00 12.62 ? 39  VAL B N   1 
ATOM   864  C  CA  . VAL B 1 39 ? -1.650  10.244  -5.636  1.00 13.78 ? 39  VAL B CA  1 
ATOM   865  C  C   . VAL B 1 39 ? -3.094  10.072  -6.120  1.00 13.26 ? 39  VAL B C   1 
ATOM   866  O  O   . VAL B 1 39 ? -3.491  10.656  -7.150  1.00 13.69 ? 39  VAL B O   1 
ATOM   867  C  CB  . VAL B 1 39 ? -1.574  11.448  -4.638  1.00 13.41 ? 39  VAL B CB  1 
ATOM   868  C  CG1 . VAL B 1 39 ? -2.313  11.133  -3.258  1.00 14.96 ? 39  VAL B CG1 1 
ATOM   869  C  CG2 . VAL B 1 39 ? -0.101  11.904  -4.481  1.00 14.15 ? 39  VAL B CG2 1 
ATOM   870  N  N   A ILE B 1 40 ? -3.873  9.257   -5.400  0.60 11.18 ? 40  ILE B N   1 
ATOM   871  N  N   B ILE B 1 40 ? -3.892  9.321   -5.365  0.40 11.54 ? 40  ILE B N   1 
ATOM   872  C  CA  A ILE B 1 40 ? -5.316  9.147   -5.577  0.60 10.42 ? 40  ILE B CA  1 
ATOM   873  C  CA  B ILE B 1 40 ? -5.311  9.151   -5.644  0.40 10.78 ? 40  ILE B CA  1 
ATOM   874  C  C   A ILE B 1 40 ? -5.995  9.456   -4.265  0.60 10.74 ? 40  ILE B C   1 
ATOM   875  C  C   B ILE B 1 40 ? -6.078  9.360   -4.348  0.40 11.15 ? 40  ILE B C   1 
ATOM   876  O  O   A ILE B 1 40 ? -5.667  8.893   -3.205  0.60 8.82  ? 40  ILE B O   1 
ATOM   877  O  O   B ILE B 1 40 ? -5.873  8.629   -3.370  0.40 9.40  ? 40  ILE B O   1 
ATOM   878  C  CB  A ILE B 1 40 ? -5.757  7.730   -6.035  0.60 7.50  ? 40  ILE B CB  1 
ATOM   879  C  CB  B ILE B 1 40 ? -5.590  7.735   -6.225  0.40 8.38  ? 40  ILE B CB  1 
ATOM   880  C  CG1 A ILE B 1 40 ? -5.351  7.444   -7.488  0.60 7.37  ? 40  ILE B CG1 1 
ATOM   881  C  CG1 B ILE B 1 40 ? -4.492  7.345   -7.247  0.40 7.05  ? 40  ILE B CG1 1 
ATOM   882  C  CG2 A ILE B 1 40 ? -7.269  7.555   -5.899  0.60 4.57  ? 40  ILE B CG2 1 
ATOM   883  C  CG2 B ILE B 1 40 ? -7.027  7.626   -6.806  0.40 7.62  ? 40  ILE B CG2 1 
ATOM   884  C  CD1 A ILE B 1 40 ? -5.297  5.989   -7.810  0.60 8.05  ? 40  ILE B CD1 1 
ATOM   885  C  CD1 B ILE B 1 40 ? -3.412  6.369   -6.657  0.40 3.61  ? 40  ILE B CD1 1 
ATOM   886  N  N   . GLU B 1 41 ? -6.956  10.365  -4.339  1.00 11.69 ? 41  GLU B N   1 
ATOM   887  C  CA  . GLU B 1 41 ? -7.925  10.541  -3.253  1.00 14.91 ? 41  GLU B CA  1 
ATOM   888  C  C   . GLU B 1 41 ? -9.339  10.234  -3.732  1.00 15.66 ? 41  GLU B C   1 
ATOM   889  O  O   . GLU B 1 41 ? -10.229 9.910   -2.905  1.00 19.64 ? 41  GLU B O   1 
ATOM   890  C  CB  . GLU B 1 41 ? -7.806  11.941  -2.633  1.00 14.09 ? 41  GLU B CB  1 
ATOM   891  C  CG  . GLU B 1 41 ? -6.449  12.185  -2.035  1.00 16.63 ? 41  GLU B CG  1 
ATOM   892  C  CD  . GLU B 1 41 ? -6.397  13.371  -1.112  1.00 20.57 ? 41  GLU B CD  1 
ATOM   893  O  OE1 . GLU B 1 41 ? -5.324  13.580  -0.529  1.00 24.23 ? 41  GLU B OE1 1 
ATOM   894  O  OE2 . GLU B 1 41 ? -7.406  14.100  -1.009  1.00 21.15 ? 41  GLU B OE2 1 
ATOM   895  N  N   . ASP B 1 42 ? -9.581  10.286  -5.038  1.00 17.53 ? 42  ASP B N   1 
ATOM   896  C  CA  . ASP B 1 42 ? -10.901 9.995   -5.583  1.00 19.18 ? 42  ASP B CA  1 
ATOM   897  C  C   . ASP B 1 42 ? -11.267 8.521   -5.412  1.00 20.00 ? 42  ASP B C   1 
ATOM   898  O  O   . ASP B 1 42 ? -10.566 7.620   -5.881  1.00 16.22 ? 42  ASP B O   1 
ATOM   899  C  CB  . ASP B 1 42 ? -10.970 10.368  -7.059  1.00 19.71 ? 42  ASP B CB  1 
ATOM   900  C  CG  . ASP B 1 42 ? -12.378 10.200  -7.640  1.00 22.97 ? 42  ASP B CG  1 
ATOM   901  O  OD1 . ASP B 1 42 ? -12.813 9.050   -7.820  1.00 23.85 ? 42  ASP B OD1 1 
ATOM   902  O  OD2 . ASP B 1 42 ? -13.082 11.167  -7.975  1.00 26.70 ? 42  ASP B OD2 1 
ATOM   903  N  N   . GLU B 1 43 ? -12.376 8.263   -4.724  1.00 21.72 ? 43  GLU B N   1 
ATOM   904  C  CA  . GLU B 1 43 ? -12.807 6.883   -4.495  1.00 24.22 ? 43  GLU B CA  1 
ATOM   905  C  C   . GLU B 1 43 ? -13.032 6.087   -5.775  1.00 22.13 ? 43  GLU B C   1 
ATOM   906  O  O   . GLU B 1 43 ? -12.693 4.927   -5.833  1.00 21.14 ? 43  GLU B O   1 
ATOM   907  C  CB  . GLU B 1 43 ? -14.068 6.839   -3.643  1.00 27.33 ? 43  GLU B CB  1 
ATOM   908  C  CG  . GLU B 1 43 ? -13.854 6.157   -2.315  1.00 30.74 ? 43  GLU B CG  1 
ATOM   909  C  CD  . GLU B 1 43 ? -13.103 7.045   -1.351  1.00 33.25 ? 43  GLU B CD  1 
ATOM   910  O  OE1 . GLU B 1 43 ? -12.291 7.884   -1.842  1.00 36.32 ? 43  GLU B OE1 1 
ATOM   911  O  OE2 . GLU B 1 43 ? -13.322 6.916   -0.115  1.00 34.87 ? 43  GLU B OE2 1 
ATOM   912  N  N   . GLU B 1 44 ? -13.605 6.690   -6.794  1.00 22.75 ? 44  GLU B N   1 
ATOM   913  C  CA  . GLU B 1 44 ? -13.876 5.976   -8.035  1.00 24.26 ? 44  GLU B CA  1 
ATOM   914  C  C   . GLU B 1 44 ? -12.571 5.548   -8.738  1.00 21.29 ? 44  GLU B C   1 
ATOM   915  O  O   . GLU B 1 44 ? -12.459 4.443   -9.294  1.00 20.68 ? 44  GLU B O   1 
ATOM   916  C  CB  . GLU B 1 44 ? -14.785 6.823   -8.949  1.00 27.32 ? 44  GLU B CB  1 
ATOM   917  C  CG  . GLU B 1 44 ? -14.208 7.162   -10.315 1.00 30.18 ? 44  GLU B CG  1 
ATOM   918  C  CD  . GLU B 1 44 ? -14.426 8.618   -10.684 1.00 32.15 ? 44  GLU B CD  1 
ATOM   919  O  OE1 . GLU B 1 44 ? -15.614 8.978   -10.868 1.00 34.12 ? 44  GLU B OE1 1 
ATOM   920  O  OE2 . GLU B 1 44 ? -13.427 9.388   -10.785 1.00 33.87 ? 44  GLU B OE2 1 
ATOM   921  N  N   . LEU B 1 45 ? -11.582 6.434   -8.710  1.00 19.39 ? 45  LEU B N   1 
ATOM   922  C  CA  . LEU B 1 45 ? -10.288 6.141   -9.276  1.00 17.86 ? 45  LEU B CA  1 
ATOM   923  C  C   . LEU B 1 45 ? -9.595  5.072   -8.430  1.00 17.73 ? 45  LEU B C   1 
ATOM   924  O  O   . LEU B 1 45 ? -8.994  4.131   -8.963  1.00 17.35 ? 45  LEU B O   1 
ATOM   925  C  CB  . LEU B 1 45 ? -9.411  7.397   -9.360  1.00 19.12 ? 45  LEU B CB  1 
ATOM   926  C  CG  . LEU B 1 45 ? -9.684  8.417   -10.478 1.00 18.81 ? 45  LEU B CG  1 
ATOM   927  C  CD1 . LEU B 1 45 ? -8.505  9.419   -10.451 1.00 19.02 ? 45  LEU B CD1 1 
ATOM   928  C  CD2 . LEU B 1 45 ? -9.814  7.756   -11.819 1.00 19.22 ? 45  LEU B CD2 1 
ATOM   929  N  N   . TYR B 1 46 ? -9.686  5.189   -7.111  1.00 16.82 ? 46  TYR B N   1 
ATOM   930  C  CA  . TYR B 1 46 ? -9.126  4.148   -6.253  1.00 15.93 ? 46  TYR B CA  1 
ATOM   931  C  C   . TYR B 1 46 ? -9.750  2.798   -6.614  1.00 15.93 ? 46  TYR B C   1 
ATOM   932  O  O   . TYR B 1 46 ? -9.043  1.800   -6.798  1.00 15.97 ? 46  TYR B O   1 
ATOM   933  C  CB  . TYR B 1 46 ? -9.352  4.425   -4.748  1.00 15.26 ? 46  TYR B CB  1 
ATOM   934  C  CG  . TYR B 1 46 ? -9.043  3.214   -3.918  1.00 14.52 ? 46  TYR B CG  1 
ATOM   935  C  CD1 . TYR B 1 46 ? -7.746  2.748   -3.812  1.00 14.02 ? 46  TYR B CD1 1 
ATOM   936  C  CD2 . TYR B 1 46 ? -10.044 2.479   -3.316  1.00 15.87 ? 46  TYR B CD2 1 
ATOM   937  C  CE1 . TYR B 1 46 ? -7.446  1.600   -3.089  1.00 15.03 ? 46  TYR B CE1 1 
ATOM   938  C  CE2 . TYR B 1 46 ? -9.756  1.344   -2.558  1.00 16.06 ? 46  TYR B CE2 1 
ATOM   939  C  CZ  . TYR B 1 46 ? -8.456  0.903   -2.471  1.00 16.64 ? 46  TYR B CZ  1 
ATOM   940  O  OH  . TYR B 1 46 ? -8.124  -0.241  -1.772  1.00 19.47 ? 46  TYR B OH  1 
ATOM   941  N  N   . ASN B 1 47 ? -11.073 2.762   -6.704  1.00 15.63 ? 47  ASN B N   1 
ATOM   942  C  CA  . ASN B 1 47 ? -11.750 1.514   -7.030  1.00 16.47 ? 47  ASN B CA  1 
ATOM   943  C  C   . ASN B 1 47 ? -11.307 0.953   -8.375  1.00 13.64 ? 47  ASN B C   1 
ATOM   944  O  O   . ASN B 1 47 ? -11.157 -0.246  -8.529  1.00 13.93 ? 47  ASN B O   1 
ATOM   945  C  CB  . ASN B 1 47 ? -13.265 1.689   -7.056  1.00 17.45 ? 47  ASN B CB  1 
ATOM   946  C  CG  . ASN B 1 47 ? -13.867 1.885   -5.680  1.00 19.17 ? 47  ASN B CG  1 
ATOM   947  O  OD1 . ASN B 1 47 ? -13.286 1.534   -4.677  1.00 19.19 ? 47  ASN B OD1 1 
ATOM   948  N  ND2 . ASN B 1 47 ? -15.079 2.447   -5.650  1.00 22.41 ? 47  ASN B ND2 1 
ATOM   949  N  N   A CYS B 1 48 ? -11.091 1.774   -9.406  0.60 15.93 ? 48  CYS B N   1 
ATOM   950  N  N   B CYS B 1 48 ? -11.100 1.830   -9.324  0.40 15.09 ? 48  CYS B N   1 
ATOM   951  C  CA  A CYS B 1 48 ? -10.621 1.181   -10.694 0.60 15.08 ? 48  CYS B CA  1 
ATOM   952  C  CA  B CYS B 1 48 ? -10.642 1.363   -10.599 0.40 14.41 ? 48  CYS B CA  1 
ATOM   953  C  C   A CYS B 1 48 ? -9.135  0.817   -10.685 0.60 14.04 ? 48  CYS B C   1 
ATOM   954  C  C   B CYS B 1 48 ? -9.270  0.711   -10.445 0.40 13.63 ? 48  CYS B C   1 
ATOM   955  O  O   A CYS B 1 48 ? -8.695  -0.045  -11.468 0.60 13.38 ? 48  CYS B O   1 
ATOM   956  O  O   B CYS B 1 48 ? -9.064  -0.444  -10.832 0.40 12.71 ? 48  CYS B O   1 
ATOM   957  C  CB  A CYS B 1 48 ? -11.052 1.938   -11.981 0.60 16.33 ? 48  CYS B CB  1 
ATOM   958  C  CB  B CYS B 1 48 ? -10.596 2.492   -11.587 0.40 15.16 ? 48  CYS B CB  1 
ATOM   959  S  SG  A CYS B 1 48 ? -10.216 3.431   -12.643 0.60 16.24 ? 48  CYS B SG  1 
ATOM   960  S  SG  B CYS B 1 48 ? -10.689 1.720   -13.187 0.40 16.22 ? 48  CYS B SG  1 
ATOM   961  N  N   . ALA B 1 49 ? -8.374  1.445   -9.800  1.00 12.60 ? 49  ALA B N   1 
ATOM   962  C  CA  . ALA B 1 49 ? -7.004  1.007   -9.576  1.00 13.33 ? 49  ALA B CA  1 
ATOM   963  C  C   . ALA B 1 49 ? -6.974  -0.396  -8.962  1.00 11.30 ? 49  ALA B C   1 
ATOM   964  O  O   . ALA B 1 49 ? -6.143  -1.224  -9.319  1.00 11.32 ? 49  ALA B O   1 
ATOM   965  C  CB  . ALA B 1 49 ? -6.337  1.934   -8.645  1.00 13.54 ? 49  ALA B CB  1 
ATOM   966  N  N   . LYS B 1 50 ? -7.820  -0.608  -7.955  1.00 11.56 ? 50  LYS B N   1 
ATOM   967  C  CA  . LYS B 1 50 ? -7.891  -1.897  -7.282  1.00 13.16 ? 50  LYS B CA  1 
ATOM   968  C  C   . LYS B 1 50 ? -8.353  -2.961  -8.267  1.00 13.86 ? 50  LYS B C   1 
ATOM   969  O  O   . LYS B 1 50 ? -7.886  -4.086  -8.208  1.00 15.45 ? 50  LYS B O   1 
ATOM   970  C  CB  . LYS B 1 50 ? -8.905  -1.869  -6.117  1.00 17.53 ? 50  LYS B CB  1 
ATOM   971  C  CG  . LYS B 1 50 ? -8.339  -2.326  -4.846  1.00 21.72 ? 50  LYS B CG  1 
ATOM   972  C  CD  . LYS B 1 50 ? -8.314  -3.821  -4.708  1.00 23.22 ? 50  LYS B CD  1 
ATOM   973  C  CE  . LYS B 1 50 ? -8.499  -4.211  -3.256  1.00 23.83 ? 50  LYS B CE  1 
ATOM   974  N  NZ  . LYS B 1 50 ? -8.447  -2.984  -2.405  1.00 26.04 ? 50  LYS B NZ  1 
ATOM   975  N  N   . GLU B 1 51 ? -9.289  -2.607  -9.158  1.00 14.31 ? 51  GLU B N   1 
ATOM   976  C  CA  . GLU B 1 51 ? -9.734  -3.545  -10.203 1.00 16.73 ? 51  GLU B CA  1 
ATOM   977  C  C   . GLU B 1 51 ? -8.573  -3.939  -11.105 1.00 13.94 ? 51  GLU B C   1 
ATOM   978  O  O   . GLU B 1 51 ? -8.416  -5.126  -11.425 1.00 12.50 ? 51  GLU B O   1 
ATOM   979  C  CB  . GLU B 1 51 ? -10.873 -2.981  -11.071 1.00 19.99 ? 51  GLU B CB  1 
ATOM   980  C  CG  . GLU B 1 51 ? -11.618 -4.120  -11.771 1.00 23.24 ? 51  GLU B CG  1 
ATOM   981  C  CD  . GLU B 1 51 ? -12.835 -3.689  -12.566 1.00 26.42 ? 51  GLU B CD  1 
ATOM   982  O  OE1 . GLU B 1 51 ? -13.258 -2.517  -12.429 1.00 29.19 ? 51  GLU B OE1 1 
ATOM   983  O  OE2 . GLU B 1 51 ? -13.369 -4.550  -13.328 1.00 29.14 ? 51  GLU B OE2 1 
ATOM   984  N  N   . ALA B 1 52 ? -7.764  -2.957  -11.510 1.00 12.86 ? 52  ALA B N   1 
ATOM   985  C  CA  . ALA B 1 52 ? -6.596  -3.199  -12.354 1.00 13.78 ? 52  ALA B CA  1 
ATOM   986  C  C   . ALA B 1 52 ? -5.549  -4.046  -11.650 1.00 11.89 ? 52  ALA B C   1 
ATOM   987  O  O   . ALA B 1 52 ? -5.068  -5.026  -12.194 1.00 11.49 ? 52  ALA B O   1 
ATOM   988  C  CB  . ALA B 1 52 ? -5.975  -1.894  -12.804 1.00 13.60 ? 52  ALA B CB  1 
ATOM   989  N  N   . MET B 1 53 ? -5.280  -3.722  -10.392 1.00 11.71 ? 53  MET B N   1 
ATOM   990  C  CA  . MET B 1 53 ? -4.377  -4.561  -9.588  1.00 13.15 ? 53  MET B CA  1 
ATOM   991  C  C   . MET B 1 53 ? -4.865  -6.025  -9.546  1.00 12.78 ? 53  MET B C   1 
ATOM   992  O  O   . MET B 1 53 ? -4.084  -6.972  -9.687  1.00 12.34 ? 53  MET B O   1 
ATOM   993  C  CB  . MET B 1 53 ? -4.221  -4.019  -8.175  1.00 11.38 ? 53  MET B CB  1 
ATOM   994  C  CG  . MET B 1 53 ? -3.508  -4.978  -7.258  1.00 12.67 ? 53  MET B CG  1 
ATOM   995  S  SD  . MET B 1 53 ? -3.245  -4.256  -5.564  1.00 17.05 ? 53  MET B SD  1 
ATOM   996  C  CE  . MET B 1 53 ? -4.866  -4.319  -4.946  1.00 16.97 ? 53  MET B CE  1 
ATOM   997  N  N   . GLU B 1 54 ? -6.170  -6.226  -9.370  1.00 14.43 ? 54  GLU B N   1 
ATOM   998  C  CA  . GLU B 1 54 ? -6.689  -7.588  -9.250  1.00 15.84 ? 54  GLU B CA  1 
ATOM   999  C  C   . GLU B 1 54 ? -6.658  -8.334  -10.592 1.00 13.85 ? 54  GLU B C   1 
ATOM   1000 O  O   . GLU B 1 54 ? -6.584  -9.535  -10.615 1.00 16.50 ? 54  GLU B O   1 
ATOM   1001 C  CB  . GLU B 1 54 ? -8.084  -7.547  -8.601  1.00 18.05 ? 54  GLU B CB  1 
ATOM   1002 C  CG  . GLU B 1 54 ? -7.985  -7.099  -7.125  1.00 22.23 ? 54  GLU B CG  1 
ATOM   1003 C  CD  . GLU B 1 54 ? -9.316  -6.834  -6.407  1.00 26.36 ? 54  GLU B CD  1 
ATOM   1004 O  OE1 . GLU B 1 54 ? -10.383 -6.746  -7.068  1.00 29.95 ? 54  GLU B OE1 1 
ATOM   1005 O  OE2 . GLU B 1 54 ? -9.290  -6.681  -5.152  1.00 30.03 ? 54  GLU B OE2 1 
ATOM   1006 N  N   . ALA B 1 55 ? -6.650  -7.602  -11.696 1.00 10.36 ? 55  ALA B N   1 
ATOM   1007 C  CA  . ALA B 1 55 ? -6.699  -8.192  -13.041 1.00 12.37 ? 55  ALA B CA  1 
ATOM   1008 C  C   . ALA B 1 55 ? -5.357  -8.479  -13.703 1.00 12.79 ? 55  ALA B C   1 
ATOM   1009 O  O   . ALA B 1 55 ? -5.315  -9.306  -14.650 1.00 11.91 ? 55  ALA B O   1 
ATOM   1010 C  CB  . ALA B 1 55 ? -7.536  -7.295  -13.978 1.00 12.66 ? 55  ALA B CB  1 
ATOM   1011 N  N   . CYS B 1 56 ? -4.284  -7.806  -13.283 1.00 13.18 ? 56  CYS B N   1 
ATOM   1012 C  CA  . CYS B 1 56 ? -2.999  -7.972  -13.953 1.00 12.54 ? 56  CYS B CA  1 
ATOM   1013 C  C   . CYS B 1 56 ? -2.603  -9.406  -13.894 1.00 10.31 ? 56  CYS B C   1 
ATOM   1014 O  O   . CYS B 1 56 ? -2.575  -9.964  -12.802 1.00 9.77  ? 56  CYS B O   1 
ATOM   1015 C  CB  . CYS B 1 56 ? -1.940  -7.181  -13.227 1.00 9.04  ? 56  CYS B CB  1 
ATOM   1016 S  SG  . CYS B 1 56 ? -0.316  -7.250  -13.886 1.00 9.90  ? 56  CYS B SG  1 
ATOM   1017 N  N   . PRO B 1 57 ? -2.286  -9.991  -15.044 1.00 8.74  ? 57  PRO B N   1 
ATOM   1018 C  CA  . PRO B 1 57 ? -1.998  -11.398 -15.073 1.00 10.24 ? 57  PRO B CA  1 
ATOM   1019 C  C   . PRO B 1 57 ? -0.669  -11.820 -14.490 1.00 10.16 ? 57  PRO B C   1 
ATOM   1020 O  O   . PRO B 1 57 ? -0.477  -13.007 -14.288 1.00 10.57 ? 57  PRO B O   1 
ATOM   1021 C  CB  . PRO B 1 57 ? -2.104  -11.742 -16.540 1.00 10.50 ? 57  PRO B CB  1 
ATOM   1022 C  CG  . PRO B 1 57 ? -1.809  -10.463 -17.282 1.00 11.82 ? 57  PRO B CG  1 
ATOM   1023 C  CD  . PRO B 1 57 ? -2.357  -9.415  -16.391 1.00 9.95  ? 57  PRO B CD  1 
ATOM   1024 N  N   . VAL B 1 58 ? 0.229   -10.869 -14.239 1.00 11.77 ? 58  VAL B N   1 
ATOM   1025 C  CA  . VAL B 1 58 ? 1.543   -11.145 -13.717 1.00 10.58 ? 58  VAL B CA  1 
ATOM   1026 C  C   . VAL B 1 58 ? 1.806   -10.500 -12.335 1.00 10.69 ? 58  VAL B C   1 
ATOM   1027 O  O   . VAL B 1 58 ? 2.916   -10.540 -11.820 1.00 13.49 ? 58  VAL B O   1 
ATOM   1028 C  CB  . VAL B 1 58 ? 2.658   -10.758 -14.729 1.00 10.96 ? 58  VAL B CB  1 
ATOM   1029 C  CG1 . VAL B 1 58 ? 2.539   -11.553 -16.000 1.00 11.30 ? 58  VAL B CG1 1 
ATOM   1030 C  CG2 . VAL B 1 58 ? 2.630   -9.261  -15.018 1.00 10.84 ? 58  VAL B CG2 1 
ATOM   1031 N  N   . SER B 1 59 ? 0.759   -9.921  -11.759 1.00 11.74 ? 59  SER B N   1 
ATOM   1032 C  CA  . SER B 1 59 ? 0.859   -9.262  -10.445 1.00 11.26 ? 59  SER B CA  1 
ATOM   1033 C  C   . SER B 1 59 ? 1.948   -8.145  -10.342 1.00 11.16 ? 59  SER B C   1 
ATOM   1034 O  O   . SER B 1 59 ? 2.716   -8.113  -9.372  1.00 11.16 ? 59  SER B O   1 
ATOM   1035 C  CB  . SER B 1 59 ? 1.084   -10.348 -9.414  1.00 10.89 ? 59  SER B CB  1 
ATOM   1036 O  OG  . SER B 1 59 ? -0.024  -11.251 -9.437  1.00 14.17 ? 59  SER B OG  1 
ATOM   1037 N  N   . ALA B 1 60 ? 1.946   -7.234  -11.312 1.00 11.04 ? 60  ALA B N   1 
ATOM   1038 C  CA  . ALA B 1 60 ? 2.894   -6.164  -11.377 1.00 10.63 ? 60  ALA B CA  1 
ATOM   1039 C  C   . ALA B 1 60 ? 2.438   -4.950  -10.550 1.00 11.26 ? 60  ALA B C   1 
ATOM   1040 O  O   . ALA B 1 60 ? 3.235   -4.116  -10.241 1.00 10.56 ? 60  ALA B O   1 
ATOM   1041 C  CB  . ALA B 1 60 ? 3.131   -5.754  -12.790 1.00 9.98  ? 60  ALA B CB  1 
ATOM   1042 N  N   . ILE B 1 61 ? 1.170   -4.898  -10.109 1.00 8.48  ? 61  ILE B N   1 
ATOM   1043 C  CA  . ILE B 1 61 ? 0.692   -3.619  -9.558  1.00 12.03 ? 61  ILE B CA  1 
ATOM   1044 C  C   . ILE B 1 61 ? 0.535   -3.727  -8.035  1.00 13.14 ? 61  ILE B C   1 
ATOM   1045 O  O   . ILE B 1 61 ? -0.039  -4.706  -7.557  1.00 12.40 ? 61  ILE B O   1 
ATOM   1046 C  CB  . ILE B 1 61 ? -0.713  -3.289  -10.136 1.00 11.28 ? 61  ILE B CB  1 
ATOM   1047 C  CG1 . ILE B 1 61 ? -0.620  -3.069  -11.644 1.00 10.69 ? 61  ILE B CG1 1 
ATOM   1048 C  CG2 . ILE B 1 61 ? -1.274  -2.086  -9.463  1.00 11.42 ? 61  ILE B CG2 1 
ATOM   1049 C  CD1 . ILE B 1 61 ? -1.940  -3.112  -12.459 1.00 9.43  ? 61  ILE B CD1 1 
ATOM   1050 N  N   . THR B 1 62 ? 1.001   -2.707  -7.310  1.00 12.33 ? 62  THR B N   1 
ATOM   1051 C  CA  . THR B 1 62 ? 0.700   -2.567  -5.881  1.00 12.15 ? 62  THR B CA  1 
ATOM   1052 C  C   . THR B 1 62 ? 0.156   -1.199  -5.560  1.00 11.75 ? 62  THR B C   1 
ATOM   1053 O  O   . THR B 1 62 ? 0.343   -0.242  -6.324  1.00 10.78 ? 62  THR B O   1 
ATOM   1054 C  CB  . THR B 1 62 ? 1.858   -2.866  -4.976  1.00 12.13 ? 62  THR B CB  1 
ATOM   1055 O  OG1 . THR B 1 62 ? 3.018   -2.141  -5.439  1.00 11.02 ? 62  THR B OG1 1 
ATOM   1056 C  CG2 . THR B 1 62 ? 2.267   -4.311  -5.056  1.00 14.17 ? 62  THR B CG2 1 
ATOM   1057 N  N   . ILE B 1 63 ? -0.623  -1.132  -4.460  1.00 11.05 ? 63  ILE B N   1 
ATOM   1058 C  CA  . ILE B 1 63 ? -1.226  0.113   -4.022  1.00 10.05 ? 63  ILE B CA  1 
ATOM   1059 C  C   . ILE B 1 63 ? -0.922  0.394   -2.534  1.00 9.41  ? 63  ILE B C   1 
ATOM   1060 O  O   . ILE B 1 63 ? -1.108  -0.452  -1.718  1.00 9.53  ? 63  ILE B O   1 
ATOM   1061 C  CB  . ILE B 1 63 ? -2.741  0.130   -4.234  1.00 9.63  ? 63  ILE B CB  1 
ATOM   1062 C  CG1 . ILE B 1 63 ? -3.125  -0.172  -5.687  1.00 6.69  ? 63  ILE B CG1 1 
ATOM   1063 C  CG2 . ILE B 1 63 ? -3.275  1.541   -3.923  1.00 10.40 ? 63  ILE B CG2 1 
ATOM   1064 C  CD1 . ILE B 1 63 ? -4.649  -0.292  -5.844  1.00 8.47  ? 63  ILE B CD1 1 
ATOM   1065 N  N   . GLU B 1 64 ? -0.370  1.560   -2.222  1.00 12.43 ? 64  GLU B N   1 
ATOM   1066 C  CA  . GLU B 1 64 ? 0.005   1.895   -0.827  1.00 12.52 ? 64  GLU B CA  1 
ATOM   1067 C  C   . GLU B 1 64 ? -0.908  2.947   -0.296  1.00 13.34 ? 64  GLU B C   1 
ATOM   1068 O  O   . GLU B 1 64 ? -1.231  3.892   -1.006  1.00 13.13 ? 64  GLU B O   1 
ATOM   1069 C  CB  . GLU B 1 64 ? 1.463   2.404   -0.814  1.00 14.12 ? 64  GLU B CB  1 
ATOM   1070 C  CG  . GLU B 1 64 ? 2.077   2.758   0.551   1.00 17.60 ? 64  GLU B CG  1 
ATOM   1071 C  CD  . GLU B 1 64 ? 3.518   3.239   0.385   1.00 22.75 ? 64  GLU B CD  1 
ATOM   1072 O  OE1 . GLU B 1 64 ? 4.436   2.375   0.404   1.00 27.12 ? 64  GLU B OE1 1 
ATOM   1073 O  OE2 . GLU B 1 64 ? 3.699   4.459   0.177   1.00 24.45 ? 64  GLU B OE2 1 
ATOM   1074 N  N   A GLU B 1 65 ? -1.311  2.753   0.963   0.50 13.56 ? 65  GLU B N   1 
ATOM   1075 N  N   B GLU B 1 65 ? -1.362  2.797   0.946   0.50 12.10 ? 65  GLU B N   1 
ATOM   1076 C  CA  A GLU B 1 65 ? -2.173  3.638   1.710   0.50 14.81 ? 65  GLU B CA  1 
ATOM   1077 C  CA  B GLU B 1 65 ? -2.183  3.810   1.569   0.50 12.84 ? 65  GLU B CA  1 
ATOM   1078 C  C   A GLU B 1 65 ? -1.296  4.398   2.736   0.50 14.87 ? 65  GLU B C   1 
ATOM   1079 C  C   B GLU B 1 65 ? -1.449  4.373   2.772   0.50 13.58 ? 65  GLU B C   1 
ATOM   1080 O  O   A GLU B 1 65 ? -0.351  3.844   3.307   0.50 14.08 ? 65  GLU B O   1 
ATOM   1081 O  O   B GLU B 1 65 ? -0.819  3.646   3.538   0.50 13.39 ? 65  GLU B O   1 
ATOM   1082 C  CB  A GLU B 1 65 ? -3.291  2.820   2.427   0.50 15.34 ? 65  GLU B CB  1 
ATOM   1083 C  CB  B GLU B 1 65 ? -3.556  3.256   1.987   0.50 11.24 ? 65  GLU B CB  1 
ATOM   1084 C  CG  A GLU B 1 65 ? -3.967  1.693   1.623   0.50 15.06 ? 65  GLU B CG  1 
ATOM   1085 C  CG  B GLU B 1 65 ? -4.446  4.288   2.660   0.50 11.43 ? 65  GLU B CG  1 
ATOM   1086 C  CD  A GLU B 1 65 ? -4.020  0.339   2.360   0.50 16.11 ? 65  GLU B CD  1 
ATOM   1087 C  CD  B GLU B 1 65 ? -5.795  3.752   3.101   0.50 10.28 ? 65  GLU B CD  1 
ATOM   1088 O  OE1 A GLU B 1 65 ? -4.676  0.301   3.449   0.50 17.27 ? 65  GLU B OE1 1 
ATOM   1089 O  OE1 B GLU B 1 65 ? -5.914  2.556   3.402   0.50 12.28 ? 65  GLU B OE1 1 
ATOM   1090 O  OE2 A GLU B 1 65 ? -3.394  -0.674  1.862   0.50 13.80 ? 65  GLU B OE2 1 
ATOM   1091 O  OE2 B GLU B 1 65 ? -6.752  4.540   3.110   0.50 13.60 ? 65  GLU B OE2 1 
ATOM   1092 N  N   . ALA B 1 66 ? -1.562  5.688   2.914   1.00 16.56 ? 66  ALA B N   1 
ATOM   1093 C  CA  . ALA B 1 66 ? -0.981  6.454   4.028   1.00 17.29 ? 66  ALA B CA  1 
ATOM   1094 C  C   . ALA B 1 66 ? -2.134  7.205   4.659   1.00 18.34 ? 66  ALA B C   1 
ATOM   1095 O  O   . ALA B 1 66 ? -3.126  7.548   3.970   1.00 23.85 ? 66  ALA B O   1 
ATOM   1096 C  CB  . ALA B 1 66 ? 0.081   7.434   3.530   1.00 18.12 ? 66  ALA B CB  1 
ATOM   1097 O  OXT . ALA B 1 66 ? -2.082  7.568   5.834   1.00 17.61 ? 66  ALA B OXT 1 
HETATM 1098 CO CO  . NCO C 2 .  ? -2.633  11.551  10.856  1.00 14.89 ? 71  NCO A CO  1 
HETATM 1099 N  N1  . NCO C 2 .  ? -1.876  9.683   10.783  1.00 17.04 ? 71  NCO A N1  1 
HETATM 1100 N  N2  . NCO C 2 .  ? -1.244  12.402  12.040  1.00 22.43 ? 71  NCO A N2  1 
HETATM 1101 N  N3  . NCO C 2 .  ? -1.328  13.062  10.600  1.00 22.91 ? 71  NCO A N3  1 
HETATM 1102 N  N4  . NCO C 2 .  ? -4.198  10.732  9.848   1.00 19.66 ? 71  NCO A N4  1 
HETATM 1103 N  N5  . NCO C 2 .  ? -3.125  11.105  12.719  1.00 18.74 ? 71  NCO A N5  1 
HETATM 1104 N  N6  . NCO C 2 .  ? -2.118  12.012  8.952   1.00 21.36 ? 71  NCO A N6  1 
HETATM 1105 CO CO  A NCO D 2 .  ? -2.474  -17.724 -0.007  0.40 9.13  ? 73  NCO A CO  1 
HETATM 1106 CO CO  B NCO D 2 .  ? -3.821  -18.042 0.395   0.60 15.06 ? 73  NCO A CO  1 
HETATM 1107 N  N1  A NCO D 2 .  ? -1.502  -18.634 -1.461  0.40 13.91 ? 73  NCO A N1  1 
HETATM 1108 N  N1  B NCO D 2 .  ? -3.188  -19.859 0.931   0.60 18.45 ? 73  NCO A N1  1 
HETATM 1109 N  N2  A NCO D 2 .  ? -4.085  -16.633 -0.367  0.40 14.02 ? 73  NCO A N2  1 
HETATM 1110 N  N2  B NCO D 2 .  ? -5.584  -18.829 0.087   0.60 16.75 ? 73  NCO A N2  1 
HETATM 1111 N  N3  A NCO D 2 .  ? -2.598  -15.791 0.353   0.40 13.69 ? 73  NCO A N3  1 
HETATM 1112 N  N3  B NCO D 2 .  ? -4.359  -16.134 0.082   0.60 17.89 ? 73  NCO A N3  1 
HETATM 1113 N  N4  A NCO D 2 .  ? -0.758  -18.701 0.179   0.40 13.72 ? 73  NCO A N4  1 
HETATM 1114 N  N4  B NCO D 2 .  ? -2.070  -17.312 0.933   0.60 18.36 ? 73  NCO A N4  1 
HETATM 1115 N  N5  A NCO D 2 .  ? -1.432  -17.107 1.594   0.40 9.15  ? 73  NCO A N5  1 
HETATM 1116 N  N5  B NCO D 2 .  ? -4.363  -17.796 2.270   0.60 17.02 ? 73  NCO A N5  1 
HETATM 1117 N  N6  A NCO D 2 .  ? -3.609  -18.425 -1.502  0.40 12.94 ? 73  NCO A N6  1 
HETATM 1118 N  N6  B NCO D 2 .  ? -3.182  -18.254 -1.493  0.60 17.64 ? 73  NCO A N6  1 
HETATM 1119 FE FE1 . F3S E 3 .  ? 6.036   5.224   16.001  1.00 10.11 ? 70  F3S A FE1 1 
HETATM 1120 FE FE3 . F3S E 3 .  ? 3.847   3.791   16.420  1.00 10.92 ? 70  F3S A FE3 1 
HETATM 1121 FE FE4 . F3S E 3 .  ? 3.654   6.270   15.240  1.00 10.01 ? 70  F3S A FE4 1 
HETATM 1122 S  S1  . F3S E 3 .  ? 5.628   4.039   17.775  1.00 10.24 ? 70  F3S A S1  1 
HETATM 1123 S  S2  . F3S E 3 .  ? 5.383   7.434   16.301  1.00 10.69 ? 70  F3S A S2  1 
HETATM 1124 S  S3  . F3S E 3 .  ? 4.684   4.324   14.335  1.00 9.87  ? 70  F3S A S3  1 
HETATM 1125 S  S4  . F3S E 3 .  ? 2.285   5.380   16.777  1.00 11.11 ? 70  F3S A S4  1 
HETATM 1126 CO CO  . NCO F 2 .  ? -3.717  -12.063 -9.718  1.00 15.07 ? 72  NCO B CO  1 
HETATM 1127 N  N1  . NCO F 2 .  ? -2.300  -12.786 -10.977 1.00 17.84 ? 72  NCO B N1  1 
HETATM 1128 N  N2  . NCO F 2 .  ? -3.956  -10.119 -10.009 1.00 21.50 ? 72  NCO B N2  1 
HETATM 1129 N  N3  . NCO F 2 .  ? -3.074  -10.317 -8.988  1.00 22.05 ? 72  NCO B N3  1 
HETATM 1130 N  N4  . NCO F 2 .  ? -3.908  -13.987 -9.279  1.00 20.78 ? 72  NCO B N4  1 
HETATM 1131 N  N5  . NCO F 2 .  ? -2.638  -12.305 -8.062  1.00 20.74 ? 72  NCO B N5  1 
HETATM 1132 N  N6  . NCO F 2 .  ? -4.762  -11.740 -11.372 1.00 18.81 ? 72  NCO B N6  1 
HETATM 1133 CO CO  A NCO G 2 .  ? -5.561  17.069  1.381   0.50 12.01 ? 74  NCO B CO  1 
HETATM 1134 CO CO  B NCO G 2 .  ? -6.964  17.157  1.464   0.50 13.16 ? 74  NCO B CO  1 
HETATM 1135 N  N1  A NCO G 2 .  ? -6.788  17.673  2.864   0.50 15.34 ? 74  NCO B N1  1 
HETATM 1136 N  N1  B NCO G 2 .  ? -8.401  17.806  2.658   0.50 17.09 ? 74  NCO B N1  1 
HETATM 1137 N  N2  A NCO G 2 .  ? -5.513  18.884  0.580   0.50 14.82 ? 74  NCO B N2  1 
HETATM 1138 N  N2  B NCO G 2 .  ? -6.900  18.973  0.653   0.50 15.28 ? 74  NCO B N2  1 
HETATM 1139 N  N3  A NCO G 2 .  ? -4.437  16.533  -0.189  0.50 16.73 ? 74  NCO B N3  1 
HETATM 1140 N  N3  B NCO G 2 .  ? -5.559  16.631  0.104   0.50 14.59 ? 74  NCO B N3  1 
HETATM 1141 N  N4  A NCO G 2 .  ? -5.536  15.257  2.185   0.50 17.08 ? 74  NCO B N4  1 
HETATM 1142 N  N4  B NCO G 2 .  ? -6.969  15.304  2.160   0.50 14.92 ? 74  NCO B N4  1 
HETATM 1143 N  N5  A NCO G 2 .  ? -7.090  16.523  0.208   0.50 14.68 ? 74  NCO B N5  1 
HETATM 1144 N  N5  B NCO G 2 .  ? -8.343  16.697  0.114   0.50 14.65 ? 74  NCO B N5  1 
HETATM 1145 N  N6  A NCO G 2 .  ? -3.938  17.538  2.430   0.50 17.27 ? 74  NCO B N6  1 
HETATM 1146 N  N6  B NCO G 2 .  ? -5.583  17.606  2.858   0.50 13.56 ? 74  NCO B N6  1 
HETATM 1147 FE FE1 . F3S H 3 .  ? 1.669   -4.417  -17.069 1.00 10.33 ? 70  F3S B FE1 1 
HETATM 1148 FE FE3 . F3S H 3 .  ? -0.819  -3.441  -16.744 1.00 10.19 ? 70  F3S B FE3 1 
HETATM 1149 FE FE4 . F3S H 3 .  ? -0.115  -5.831  -15.654 1.00 10.47 ? 70  F3S B FE4 1 
HETATM 1150 S  S1  . F3S H 3 .  ? 0.514   -3.349  -18.654 1.00 10.73 ? 70  F3S B S1  1 
HETATM 1151 S  S2  . F3S H 3 .  ? 1.319   -6.700  -17.257 1.00 11.59 ? 70  F3S B S2  1 
HETATM 1152 S  S3  . F3S H 3 .  ? 0.733   -3.783  -15.006 1.00 10.11 ? 70  F3S B S3  1 
HETATM 1153 S  S4  . F3S H 3 .  ? -2.093  -5.268  -16.716 1.00 11.41 ? 70  F3S B S4  1 
HETATM 1154 O  O   . HOH I 4 .  ? -0.754  -11.256 9.995   1.00 10.83 ? 74  HOH A O   1 
HETATM 1155 O  O   . HOH I 4 .  ? 7.545   -9.942  16.197  1.00 15.19 ? 75  HOH A O   1 
HETATM 1156 O  O   . HOH I 4 .  ? -2.853  -12.600 8.667   1.00 13.91 ? 76  HOH A O   1 
HETATM 1157 O  O   A HOH I 4 .  ? 3.820   -6.291  7.248   0.50 10.10 ? 77  HOH A O   1 
HETATM 1158 O  O   B HOH I 4 .  ? 2.279   -7.518  7.024   0.50 7.10  ? 77  HOH A O   1 
HETATM 1159 O  O   . HOH I 4 .  ? 4.422   -1.651  3.259   1.00 14.68 ? 78  HOH A O   1 
HETATM 1160 O  O   . HOH I 4 .  ? 8.991   -1.182  8.484   1.00 18.16 ? 79  HOH A O   1 
HETATM 1161 O  O   . HOH I 4 .  ? 0.666   6.880   9.982   1.00 14.94 ? 80  HOH A O   1 
HETATM 1162 O  O   . HOH I 4 .  ? 5.936   3.972   6.310   1.00 17.39 ? 81  HOH A O   1 
HETATM 1163 O  O   . HOH I 4 .  ? 6.139   13.726  11.142  1.00 14.18 ? 82  HOH A O   1 
HETATM 1164 O  O   . HOH I 4 .  ? -6.784  -2.053  1.137   1.00 19.29 ? 83  HOH A O   1 
HETATM 1165 O  O   . HOH I 4 .  ? 15.556  -4.591  17.714  1.00 20.02 ? 84  HOH A O   1 
HETATM 1166 O  O   . HOH I 4 .  ? 6.248   6.398   24.347  1.00 15.97 ? 85  HOH A O   1 
HETATM 1167 O  O   . HOH I 4 .  ? -2.825  3.532   24.779  1.00 20.81 ? 86  HOH A O   1 
HETATM 1168 O  O   . HOH I 4 .  ? 8.411   2.991   5.488   1.00 18.91 ? 87  HOH A O   1 
HETATM 1169 O  O   . HOH I 4 .  ? 0.964   13.596  7.693   1.00 21.08 ? 88  HOH A O   1 
HETATM 1170 O  O   . HOH I 4 .  ? 12.426  2.942   7.704   1.00 17.93 ? 89  HOH A O   1 
HETATM 1171 O  O   . HOH I 4 .  ? 9.731   12.611  13.441  1.00 19.96 ? 90  HOH A O   1 
HETATM 1172 O  O   . HOH I 4 .  ? -5.186  6.814   7.790   1.00 28.27 ? 91  HOH A O   1 
HETATM 1173 O  O   . HOH I 4 .  ? 0.306   -3.144  23.832  1.00 25.42 ? 92  HOH A O   1 
HETATM 1174 O  O   . HOH I 4 .  ? -9.431  3.304   10.675  1.00 26.60 ? 93  HOH A O   1 
HETATM 1175 O  O   . HOH I 4 .  ? 2.029   -11.485 16.058  1.00 22.51 ? 94  HOH A O   1 
HETATM 1176 O  O   . HOH I 4 .  ? -3.817  -22.047 1.989   1.00 34.16 ? 95  HOH A O   1 
HETATM 1177 O  O   . HOH I 4 .  ? 3.838   -4.795  20.992  1.00 20.16 ? 96  HOH A O   1 
HETATM 1178 O  O   . HOH I 4 .  ? 3.440   -0.183  -3.681  1.00 29.80 ? 97  HOH A O   1 
HETATM 1179 O  O   . HOH I 4 .  ? -9.811  -0.159  4.099   1.00 25.66 ? 98  HOH A O   1 
HETATM 1180 O  O   . HOH I 4 .  ? 4.822   10.411  22.358  1.00 28.11 ? 99  HOH A O   1 
HETATM 1181 O  O   . HOH I 4 .  ? -5.631  -16.077 4.796   1.00 29.03 ? 100 HOH A O   1 
HETATM 1182 O  O   . HOH I 4 .  ? 7.006   8.700   7.210   1.00 29.18 ? 101 HOH A O   1 
HETATM 1183 O  O   . HOH I 4 .  ? -1.193  -10.575 -2.129  1.00 26.35 ? 102 HOH A O   1 
HETATM 1184 O  O   . HOH I 4 .  ? 0.183   -13.783 1.247   1.00 23.55 ? 103 HOH A O   1 
HETATM 1185 O  O   . HOH I 4 .  ? 8.547   -13.730 6.815   1.00 31.76 ? 104 HOH A O   1 
HETATM 1186 O  O   . HOH I 4 .  ? 1.654   5.324   24.166  1.00 29.04 ? 105 HOH A O   1 
HETATM 1187 O  O   . HOH I 4 .  ? 1.446   -11.596 18.551  1.00 28.68 ? 106 HOH A O   1 
HETATM 1188 O  O   . HOH I 4 .  ? 8.146   -7.819  9.944   1.00 24.12 ? 107 HOH A O   1 
HETATM 1189 O  O   . HOH I 4 .  ? -5.437  -7.752  0.745   1.00 24.62 ? 108 HOH A O   1 
HETATM 1190 O  O   . HOH I 4 .  ? -2.582  11.376  16.523  1.00 24.57 ? 109 HOH A O   1 
HETATM 1191 O  O   . HOH I 4 .  ? 9.852   0.969   6.650   1.00 29.18 ? 110 HOH A O   1 
HETATM 1192 O  O   . HOH I 4 .  ? -0.349  -10.638 14.175  1.00 35.70 ? 111 HOH A O   1 
HETATM 1193 O  O   . HOH I 4 .  ? -7.351  -11.097 3.305   1.00 25.26 ? 112 HOH A O   1 
HETATM 1194 O  O   . HOH I 4 .  ? -10.064 -12.741 7.488   1.00 30.15 ? 113 HOH A O   1 
HETATM 1195 O  O   . HOH I 4 .  ? 6.062   7.062   5.655   1.00 25.85 ? 114 HOH A O   1 
HETATM 1196 O  O   . HOH I 4 .  ? -3.416  -6.788  17.867  1.00 24.53 ? 115 HOH A O   1 
HETATM 1197 O  O   . HOH I 4 .  ? -10.007 0.053   10.774  1.00 27.04 ? 116 HOH A O   1 
HETATM 1198 O  O   . HOH I 4 .  ? 1.875   -5.798  -0.673  1.00 39.87 ? 117 HOH A O   1 
HETATM 1199 O  O   . HOH I 4 .  ? 15.270  1.606   13.834  1.00 25.44 ? 118 HOH A O   1 
HETATM 1200 O  O   A HOH I 4 .  ? 2.258   8.206   6.837   0.50 19.14 ? 119 HOH A O   1 
HETATM 1201 O  O   B HOH I 4 .  ? 0.779   7.616   7.068   0.50 11.57 ? 119 HOH A O   1 
HETATM 1202 O  O   . HOH I 4 .  ? -7.475  5.391   14.775  1.00 22.89 ? 120 HOH A O   1 
HETATM 1203 O  O   . HOH I 4 .  ? -9.109  -5.292  -0.283  1.00 24.00 ? 121 HOH A O   1 
HETATM 1204 O  O   . HOH I 4 .  ? 8.193   -6.245  7.590   1.00 26.24 ? 122 HOH A O   1 
HETATM 1205 O  O   . HOH I 4 .  ? -9.482  5.197   12.990  1.00 34.77 ? 123 HOH A O   1 
HETATM 1206 O  O   . HOH I 4 .  ? -0.874  8.986   20.603  1.00 36.33 ? 124 HOH A O   1 
HETATM 1207 O  O   . HOH I 4 .  ? -10.120 -14.516 14.013  1.00 43.58 ? 125 HOH A O   1 
HETATM 1208 O  O   . HOH I 4 .  ? 9.516   -12.380 5.227   1.00 38.32 ? 126 HOH A O   1 
HETATM 1209 O  O   . HOH I 4 .  ? 16.462  5.916   18.766  1.00 42.60 ? 127 HOH A O   1 
HETATM 1210 O  O   A HOH I 4 .  ? 1.532   1.844   23.807  0.50 9.54  ? 128 HOH A O   1 
HETATM 1211 O  O   . HOH I 4 .  ? -8.294  4.627   17.184  1.00 32.29 ? 129 HOH A O   1 
HETATM 1212 O  O   . HOH I 4 .  ? -7.288  -7.566  -2.844  1.00 29.66 ? 130 HOH A O   1 
HETATM 1213 O  O   . HOH I 4 .  ? -7.616  -1.718  18.356  1.00 32.55 ? 131 HOH A O   1 
HETATM 1214 O  O   . HOH I 4 .  ? 9.834   -1.251  10.501  1.00 37.19 ? 132 HOH A O   1 
HETATM 1215 O  O   . HOH I 4 .  ? -9.083  -5.132  14.775  1.00 31.29 ? 133 HOH A O   1 
HETATM 1216 O  O   . HOH I 4 .  ? -1.470  14.098  5.562   1.00 32.40 ? 134 HOH A O   1 
HETATM 1217 O  O   . HOH I 4 .  ? 13.306  10.071  17.547  1.00 41.45 ? 135 HOH A O   1 
HETATM 1218 O  O   . HOH I 4 .  ? -2.461  -12.581 16.177  1.00 28.06 ? 136 HOH A O   1 
HETATM 1219 O  O   . HOH I 4 .  ? 7.447   1.561   2.923   1.00 41.06 ? 137 HOH A O   1 
HETATM 1220 O  O   . HOH I 4 .  ? 7.011   -7.360  4.541   1.00 32.63 ? 138 HOH A O   1 
HETATM 1221 O  O   . HOH I 4 .  ? 4.337   -13.115 16.784  1.00 28.47 ? 139 HOH A O   1 
HETATM 1222 O  O   . HOH I 4 .  ? -10.653 -0.623  8.374   1.00 29.43 ? 140 HOH A O   1 
HETATM 1223 O  O   . HOH I 4 .  ? 12.478  9.917   14.960  1.00 36.82 ? 141 HOH A O   1 
HETATM 1224 O  O   . HOH I 4 .  ? -5.257  -8.409  -2.400  1.00 46.02 ? 142 HOH A O   1 
HETATM 1225 O  O   . HOH I 4 .  ? -8.520  -15.003 8.852   1.00 32.17 ? 143 HOH A O   1 
HETATM 1226 O  O   . HOH I 4 .  ? -6.432  -12.006 14.955  1.00 38.75 ? 144 HOH A O   1 
HETATM 1227 O  O   . HOH I 4 .  ? 2.733   6.170   17.659  1.00 22.90 ? 145 HOH A O   1 
HETATM 1228 O  O   . HOH J 4 .  ? 4.475   -3.028  -7.782  1.00 14.55 ? 75  HOH B O   1 
HETATM 1229 O  O   . HOH J 4 .  ? -5.845  10.806  -8.783  1.00 11.95 ? 76  HOH B O   1 
HETATM 1230 O  O   . HOH J 4 .  ? -0.703  -5.686  -18.119 1.00 22.39 ? 77  HOH B O   1 
HETATM 1231 O  O   . HOH J 4 .  ? -7.603  11.719  -6.851  1.00 12.48 ? 78  HOH B O   1 
HETATM 1232 O  O   . HOH J 4 .  ? 2.832   2.408   -4.311  1.00 14.90 ? 79  HOH B O   1 
HETATM 1233 O  O   . HOH J 4 .  ? 5.476   2.821   -10.611 1.00 17.58 ? 80  HOH B O   1 
HETATM 1234 O  O   . HOH J 4 .  ? 0.119   10.628  -17.302 1.00 16.61 ? 81  HOH B O   1 
HETATM 1235 O  O   . HOH J 4 .  ? 6.794   -1.481  -7.716  1.00 20.60 ? 82  HOH B O   1 
HETATM 1236 O  O   . HOH J 4 .  ? 9.731   -0.738  -11.082 1.00 18.34 ? 83  HOH B O   1 
HETATM 1237 O  O   . HOH J 4 .  ? -3.178  8.384   8.243   1.00 20.75 ? 84  HOH B O   1 
HETATM 1238 O  O   . HOH J 4 .  ? 7.025   -10.949 -15.966 1.00 18.25 ? 85  HOH B O   1 
HETATM 1239 O  O   . HOH J 4 .  ? -7.161  0.802   1.187   1.00 16.33 ? 86  HOH B O   1 
HETATM 1240 O  O   . HOH J 4 .  ? 10.400  0.778   -17.882 1.00 23.81 ? 87  HOH B O   1 
HETATM 1241 O  O   . HOH J 4 .  ? 4.861   -12.503 -12.659 1.00 15.50 ? 88  HOH B O   1 
HETATM 1242 O  O   . HOH J 4 .  ? -1.081  -6.755  -9.742  1.00 13.96 ? 89  HOH B O   1 
HETATM 1243 O  O   . HOH J 4 .  ? -9.760  14.891  -2.217  1.00 25.78 ? 90  HOH B O   1 
HETATM 1244 O  O   . HOH J 4 .  ? -10.224 -6.917  -11.737 1.00 22.64 ? 91  HOH B O   1 
HETATM 1245 O  O   . HOH J 4 .  ? -7.525  2.385   -22.460 1.00 24.68 ? 92  HOH B O   1 
HETATM 1246 O  O   A HOH J 4 .  ? 0.166   6.737   -7.765  0.50 11.03 ? 93  HOH B O   1 
HETATM 1247 O  O   B HOH J 4 .  ? -1.036  7.654   -7.024  0.50 6.59  ? 93  HOH B O   1 
HETATM 1248 O  O   . HOH J 4 .  ? -3.869  -8.917  -6.998  1.00 20.31 ? 94  HOH B O   1 
HETATM 1249 O  O   . HOH J 4 .  ? -5.421  11.226  -15.301 1.00 21.48 ? 95  HOH B O   1 
HETATM 1250 O  O   . HOH J 4 .  ? -9.576  -4.648  -22.803 1.00 22.91 ? 96  HOH B O   1 
HETATM 1251 O  O   . HOH J 4 .  ? -4.765  -5.553  -23.630 1.00 23.89 ? 97  HOH B O   1 
HETATM 1252 O  O   . HOH J 4 .  ? -0.493  -5.812  -25.027 1.00 14.95 ? 98  HOH B O   1 
HETATM 1253 O  O   . HOH J 4 .  ? -6.519  11.380  -17.535 1.00 27.67 ? 99  HOH B O   1 
HETATM 1254 O  O   . HOH J 4 .  ? -10.171 5.369   -15.481 1.00 24.43 ? 100 HOH B O   1 
HETATM 1255 O  O   . HOH J 4 .  ? -3.828  4.774   -20.979 1.00 20.23 ? 101 HOH B O   1 
HETATM 1256 O  O   . HOH J 4 .  ? -5.394  -9.520  -19.584 1.00 29.51 ? 102 HOH B O   1 
HETATM 1257 O  O   . HOH J 4 .  ? -12.691 -2.146  -7.144  1.00 25.21 ? 103 HOH B O   1 
HETATM 1258 O  O   . HOH J 4 .  ? -0.542  -10.041 -22.664 1.00 28.98 ? 104 HOH B O   1 
HETATM 1259 O  O   . HOH J 4 .  ? -6.824  6.735   1.371   1.00 25.08 ? 105 HOH B O   1 
HETATM 1260 O  O   . HOH J 4 .  ? -6.863  10.496  -26.192 1.00 36.09 ? 106 HOH B O   1 
HETATM 1261 O  O   . HOH J 4 .  ? -6.558  10.028  -12.551 1.00 30.37 ? 107 HOH B O   1 
HETATM 1262 O  O   . HOH J 4 .  ? 5.894   -7.393  -8.984  1.00 28.33 ? 108 HOH B O   1 
HETATM 1263 O  O   . HOH J 4 .  ? 11.791  -4.253  -9.816  1.00 44.22 ? 109 HOH B O   1 
HETATM 1264 O  O   . HOH J 4 .  ? 0.193   -7.329  -7.112  1.00 21.78 ? 110 HOH B O   1 
HETATM 1265 O  O   . HOH J 4 .  ? 3.236   8.412   -6.296  1.00 32.80 ? 111 HOH B O   1 
HETATM 1266 O  O   . HOH J 4 .  ? 7.809   3.484   -14.804 1.00 27.68 ? 112 HOH B O   1 
HETATM 1267 O  O   . HOH J 4 .  ? -2.186  10.121  2.812   1.00 24.45 ? 113 HOH B O   1 
HETATM 1268 O  O   . HOH J 4 .  ? -9.341  3.624   3.290   1.00 25.93 ? 114 HOH B O   1 
HETATM 1269 O  O   . HOH J 4 .  ? -10.225 -1.541  -0.458  1.00 27.09 ? 115 HOH B O   1 
HETATM 1270 O  O   . HOH J 4 .  ? -11.457 16.086  1.230   1.00 38.22 ? 116 HOH B O   1 
HETATM 1271 O  O   . HOH J 4 .  ? 5.117   -5.788  -7.271  1.00 27.53 ? 117 HOH B O   1 
HETATM 1272 O  O   . HOH J 4 .  ? 7.545   -12.044 -13.260 1.00 25.33 ? 118 HOH B O   1 
HETATM 1273 O  O   . HOH J 4 .  ? 5.897   -12.654 -10.190 1.00 28.13 ? 119 HOH B O   1 
HETATM 1274 O  O   . HOH J 4 .  ? 7.415   0.740   -9.284  1.00 31.74 ? 120 HOH B O   1 
HETATM 1275 O  O   A HOH J 4 .  ? -5.638  -2.216  -22.797 0.50 11.44 ? 121 HOH B O   1 
HETATM 1276 O  O   . HOH J 4 .  ? 1.564   6.360   0.927   1.00 33.07 ? 122 HOH B O   1 
HETATM 1277 O  O   . HOH J 4 .  ? 3.394   9.041   -15.772 1.00 25.07 ? 123 HOH B O   1 
HETATM 1278 O  O   . HOH J 4 .  ? -5.909  11.367  2.133   1.00 29.64 ? 124 HOH B O   1 
HETATM 1279 O  O   . HOH J 4 .  ? 3.509   8.788   -11.661 1.00 28.69 ? 125 HOH B O   1 
HETATM 1280 O  O   A HOH J 4 .  ? -9.945  11.316  -13.973 0.50 18.06 ? 126 HOH B O   1 
HETATM 1281 O  O   B HOH J 4 .  ? -7.831  12.320  -13.312 0.50 19.42 ? 126 HOH B O   1 
HETATM 1282 O  O   . HOH J 4 .  ? 5.651   4.985   -9.657  1.00 32.78 ? 127 HOH B O   1 
HETATM 1283 O  O   A HOH J 4 .  ? -10.973 13.163  -9.252  0.50 16.20 ? 128 HOH B O   1 
HETATM 1284 O  O   B HOH J 4 .  ? -9.314  12.814  -10.417 0.50 14.96 ? 128 HOH B O   1 
HETATM 1285 O  O   . HOH J 4 .  ? -11.721 -4.863  -7.080  1.00 32.23 ? 129 HOH B O   1 
HETATM 1286 O  O   . HOH J 4 .  ? 4.036   7.576   -9.600  1.00 26.64 ? 130 HOH B O   1 
HETATM 1287 O  O   . HOH J 4 .  ? 4.864   6.314   -5.066  1.00 29.09 ? 131 HOH B O   1 
HETATM 1288 O  O   . HOH J 4 .  ? -2.757  13.592  -0.573  1.00 26.85 ? 132 HOH B O   1 
HETATM 1289 O  O   A HOH J 4 .  ? -9.481  19.720  -0.990  0.50 22.24 ? 133 HOH B O   1 
HETATM 1290 O  O   B HOH J 4 .  ? 11.374  5.855   21.549  0.50 18.24 ? 133 HOH B O   1 
HETATM 1291 O  O   . HOH J 4 .  ? -14.182 3.151   -10.900 1.00 28.03 ? 134 HOH B O   1 
HETATM 1292 O  O   . HOH J 4 .  ? 6.190   3.094   -12.679 1.00 39.41 ? 135 HOH B O   1 
HETATM 1293 O  O   . HOH J 4 .  ? -8.153  8.898   -19.291 1.00 35.60 ? 136 HOH B O   1 
HETATM 1294 O  O   . HOH J 4 .  ? -12.667 -1.022  -4.468  1.00 30.08 ? 137 HOH B O   1 
HETATM 1295 O  O   . HOH J 4 .  ? -6.690  -9.828  -16.648 1.00 40.74 ? 138 HOH B O   1 
HETATM 1296 O  O   . HOH J 4 .  ? -11.679 -3.011  -19.472 1.00 32.55 ? 139 HOH B O   1 
HETATM 1297 O  O   . HOH J 4 .  ? 9.018   -7.765  -18.361 1.00 27.97 ? 140 HOH B O   1 
HETATM 1298 O  O   . HOH J 4 .  ? -13.270 -0.661  -15.364 1.00 37.33 ? 141 HOH B O   1 
HETATM 1299 O  O   . HOH J 4 .  ? -9.562  0.809   1.411   1.00 30.12 ? 142 HOH B O   1 
HETATM 1300 O  O   . HOH J 4 .  ? -13.957 10.238  -3.009  1.00 33.25 ? 143 HOH B O   1 
HETATM 1301 O  O   . HOH J 4 .  ? -14.857 1.035   -15.300 1.00 25.34 ? 144 HOH B O   1 
HETATM 1302 O  O   . HOH J 4 .  ? 4.150   1.016   2.553   1.00 30.82 ? 145 HOH B O   1 
HETATM 1303 O  O   . HOH J 4 .  ? 10.382  -3.509  -22.814 1.00 34.31 ? 146 HOH B O   1 
HETATM 1304 O  O   . HOH J 4 .  ? -4.871  -9.184  -22.982 1.00 35.29 ? 147 HOH B O   1 
HETATM 1305 O  O   . HOH J 4 .  ? 12.979  -9.116  -17.616 1.00 27.16 ? 148 HOH B O   1 
# 
